data_8E1G
#
_entry.id   8E1G
#
_cell.length_a   102.896
_cell.length_b   117.944
_cell.length_c   150.311
_cell.angle_alpha   90.000
_cell.angle_beta   90.000
_cell.angle_gamma   90.000
#
_symmetry.space_group_name_H-M   'P 21 21 21'
#
loop_
_entity.id
_entity.type
_entity.pdbx_description
1 polymer '2A10 Fab, heavy chain'
2 polymer '2A10 Fab, light chain'
3 polymer 'Spike protein S1'
4 non-polymer 2-acetamido-2-deoxy-beta-D-glucopyranose
#
loop_
_entity_poly.entity_id
_entity_poly.type
_entity_poly.pdbx_seq_one_letter_code
_entity_poly.pdbx_strand_id
1 'polypeptide(L)'
;QVQLVESGGGLIQPGGSLRLSCAASEFIVSSNYMSWVRQAPGKGLEWVSLLYSGGTTYYADSVKGRFTISRDNSKNTLFL
QMNSLRAEDTAMYYCARDRGPWLHDYWGQGTLVTVSSASTKGPSVFPLAPSSKSTSGGTAALGCLVKDYFPEPVTVSWNS
GALTSGVHTFPAVLQSSGLYSLSSVVTVPSSSLGTQTYICNVNHKPSNTKVDKRVEPKSCDKTH
;
H,V
2 'polypeptide(L)'
;DIVMTQSPSSLSASVGDRVTITCQASQDINKYCNWYQQKPGKAPKLLIYDASNLETGVPSRFSGSGSGTDFTFTINSLQP
EDIATYYCQQYDNLPPTFGGGTKVEIKRTVAAPSVFIFPPSDEQLKSGTASVVCLLNNFYPREAKVQWKVDNALQSGNSQ
ESVTEQDSKDSTYSLSSTLTLSKADYEKHKVYACEVTHQGLSSPVTKSFNRGEC
;
L,T
3 'polypeptide(L)'
;RVQPTESIVRFPNITNLCPFGEVFNATRFASVYAWNRKRISNCVADYSVLYNSASFSTFKCYGVSPTKLNDLCFTNVYAD
SFVIRGDEVRQIAPGQTGKIADYNYKLPDDFTGCVIAWNSNNLDSKVGGNYNYLYRLFRKSNLKPFERDISTEIYQAGST
PCNGVEGFNCYFPLQSYGFQPTNGVGYQPYRVVVLSFELLHAPATVCGPKKSTNLVKNKCVNFNFNGLTGTGVLTESNKK
FLPFQQFGRDIADTTDAVRDPQTLEILDITPCSLEVDDDDK
;
A,B
#
# COMPACT_ATOMS: atom_id res chain seq x y z
N GLN A 1 0.21 -26.67 13.65
CA GLN A 1 0.48 -27.36 12.38
C GLN A 1 0.26 -26.46 11.14
N VAL A 2 1.31 -26.32 10.31
CA VAL A 2 1.36 -25.23 9.35
C VAL A 2 0.40 -25.45 8.20
N GLN A 3 -0.19 -24.36 7.72
CA GLN A 3 -1.18 -24.40 6.65
C GLN A 3 -1.25 -23.04 5.98
N LEU A 4 -1.50 -23.06 4.67
CA LEU A 4 -1.85 -21.87 3.90
C LEU A 4 -3.00 -22.25 2.97
N VAL A 5 -4.16 -21.65 3.18
CA VAL A 5 -5.37 -22.00 2.46
C VAL A 5 -5.88 -20.74 1.74
N GLU A 6 -5.67 -20.67 0.44
CA GLU A 6 -6.21 -19.57 -0.36
C GLU A 6 -7.71 -19.75 -0.58
N SER A 7 -8.40 -18.62 -0.80
CA SER A 7 -9.80 -18.59 -1.22
C SER A 7 -10.05 -17.27 -1.94
N GLY A 8 -11.25 -17.16 -2.51
CA GLY A 8 -11.66 -15.95 -3.17
C GLY A 8 -11.53 -15.96 -4.67
N GLY A 9 -11.02 -17.03 -5.25
CA GLY A 9 -10.92 -17.11 -6.68
C GLY A 9 -12.27 -17.30 -7.33
N GLY A 10 -12.27 -17.19 -8.65
CA GLY A 10 -13.49 -17.37 -9.40
C GLY A 10 -13.39 -16.66 -10.72
N LEU A 11 -14.50 -16.68 -11.44
CA LEU A 11 -14.60 -16.00 -12.72
C LEU A 11 -14.98 -14.54 -12.49
N ILE A 12 -14.31 -13.66 -13.23
CA ILE A 12 -14.47 -12.21 -13.05
C ILE A 12 -14.24 -11.53 -14.39
N GLN A 13 -15.00 -10.49 -14.65
CA GLN A 13 -14.99 -9.87 -15.97
C GLN A 13 -13.83 -8.89 -16.11
N PRO A 14 -13.31 -8.73 -17.33
CA PRO A 14 -12.20 -7.77 -17.53
C PRO A 14 -12.61 -6.39 -17.08
N GLY A 15 -11.64 -5.66 -16.53
CA GLY A 15 -11.89 -4.38 -15.89
C GLY A 15 -12.41 -4.50 -14.47
N GLY A 16 -12.80 -5.70 -14.02
CA GLY A 16 -13.33 -5.88 -12.68
C GLY A 16 -12.27 -6.05 -11.61
N SER A 17 -12.74 -6.18 -10.37
CA SER A 17 -11.92 -6.28 -9.17
C SER A 17 -12.18 -7.60 -8.45
N LEU A 18 -11.18 -8.06 -7.70
CA LEU A 18 -11.29 -9.29 -6.93
C LEU A 18 -10.29 -9.24 -5.79
N ARG A 19 -10.67 -9.76 -4.63
CA ARG A 19 -9.75 -9.87 -3.50
C ARG A 19 -9.53 -11.34 -3.13
N LEU A 20 -8.28 -11.81 -3.27
CA LEU A 20 -7.90 -13.13 -2.77
C LEU A 20 -7.52 -13.04 -1.30
N SER A 21 -7.83 -14.08 -0.55
CA SER A 21 -7.27 -14.19 0.78
C SER A 21 -6.56 -15.53 0.94
N CYS A 22 -5.83 -15.64 2.03
CA CYS A 22 -4.97 -16.78 2.27
C CYS A 22 -4.88 -16.87 3.79
N ALA A 23 -5.61 -17.81 4.37
CA ALA A 23 -5.65 -18.00 5.80
C ALA A 23 -4.51 -18.91 6.20
N ALA A 24 -3.83 -18.58 7.29
CA ALA A 24 -2.66 -19.32 7.71
C ALA A 24 -2.91 -19.99 9.06
N SER A 25 -2.22 -21.10 9.29
CA SER A 25 -2.10 -21.72 10.59
C SER A 25 -0.63 -21.78 10.97
N GLU A 26 -0.35 -21.57 12.24
CA GLU A 26 0.98 -21.74 12.84
C GLU A 26 1.96 -20.68 12.38
N PHE A 27 2.08 -20.41 11.08
CA PHE A 27 2.72 -19.17 10.63
C PHE A 27 1.91 -18.01 11.19
N ILE A 28 2.59 -17.03 11.75
CA ILE A 28 1.96 -15.72 11.96
C ILE A 28 2.25 -14.88 10.73
N VAL A 29 1.22 -14.55 9.96
CA VAL A 29 1.41 -13.85 8.69
C VAL A 29 2.12 -12.52 8.92
N SER A 30 1.81 -11.84 10.00
CA SER A 30 2.39 -10.52 10.24
C SER A 30 3.84 -10.59 10.70
N SER A 31 4.38 -11.79 10.92
CA SER A 31 5.77 -11.97 11.34
C SER A 31 6.63 -12.55 10.23
N ASN A 32 6.11 -12.62 9.01
CA ASN A 32 6.81 -13.31 7.93
C ASN A 32 6.85 -12.44 6.69
N TYR A 33 7.88 -12.66 5.89
CA TYR A 33 7.77 -12.32 4.48
C TYR A 33 6.72 -13.21 3.84
N MET A 34 5.81 -12.62 3.09
CA MET A 34 4.71 -13.34 2.48
C MET A 34 4.61 -12.92 1.03
N SER A 35 4.51 -13.89 0.12
CA SER A 35 4.46 -13.63 -1.31
C SER A 35 3.15 -14.14 -1.93
N TRP A 36 2.83 -13.58 -3.09
CA TRP A 36 1.87 -14.16 -4.00
C TRP A 36 2.61 -14.53 -5.29
N VAL A 37 2.44 -15.77 -5.74
CA VAL A 37 3.01 -16.24 -7.01
C VAL A 37 1.87 -16.81 -7.85
N ARG A 38 1.91 -16.63 -9.16
CA ARG A 38 0.81 -17.11 -9.98
C ARG A 38 1.30 -17.98 -11.12
N GLN A 39 0.37 -18.77 -11.68
CA GLN A 39 0.67 -19.74 -12.73
C GLN A 39 -0.47 -19.76 -13.73
N ALA A 40 -0.22 -19.27 -14.93
CA ALA A 40 -1.25 -19.28 -15.97
C ALA A 40 -1.44 -20.71 -16.47
N PRO A 41 -2.65 -21.07 -16.90
CA PRO A 41 -2.95 -22.48 -17.17
C PRO A 41 -1.91 -23.13 -18.08
N GLY A 42 -1.34 -24.23 -17.59
CA GLY A 42 -0.33 -24.97 -18.33
C GLY A 42 0.95 -24.21 -18.59
N LYS A 43 1.26 -23.21 -17.80
CA LYS A 43 2.41 -22.36 -18.07
C LYS A 43 3.33 -22.38 -16.84
N GLY A 44 4.40 -21.60 -16.86
CA GLY A 44 5.32 -21.51 -15.75
C GLY A 44 4.88 -20.58 -14.62
N LEU A 45 5.85 -20.17 -13.81
CA LEU A 45 5.59 -19.46 -12.57
C LEU A 45 5.99 -18.00 -12.71
N GLU A 46 5.14 -17.10 -12.20
CA GLU A 46 5.42 -15.67 -12.21
C GLU A 46 5.17 -15.11 -10.81
N TRP A 47 6.20 -14.57 -10.18
CA TRP A 47 6.02 -13.90 -8.91
C TRP A 47 5.17 -12.63 -9.09
N VAL A 48 4.27 -12.38 -8.13
CA VAL A 48 3.33 -11.26 -8.21
C VAL A 48 3.71 -10.13 -7.23
N SER A 49 3.77 -10.43 -5.94
CA SER A 49 3.99 -9.36 -4.96
C SER A 49 4.41 -9.96 -3.63
N LEU A 50 4.95 -9.08 -2.77
CA LEU A 50 5.63 -9.48 -1.55
C LEU A 50 5.36 -8.47 -0.44
N LEU A 51 5.08 -8.97 0.76
CA LEU A 51 4.81 -8.12 1.91
C LEU A 51 5.82 -8.45 2.99
N TYR A 52 6.62 -7.45 3.37
CA TYR A 52 7.49 -7.57 4.52
C TYR A 52 6.70 -7.52 5.81
N SER A 53 7.21 -8.24 6.78
CA SER A 53 6.79 -8.12 8.16
C SER A 53 6.57 -6.65 8.57
N GLY A 54 7.52 -5.76 8.24
CA GLY A 54 7.44 -4.35 8.60
C GLY A 54 6.56 -3.48 7.74
N GLY A 55 6.00 -4.03 6.66
CA GLY A 55 5.06 -3.30 5.81
C GLY A 55 5.57 -2.93 4.43
N THR A 56 6.84 -3.14 4.14
CA THR A 56 7.31 -2.87 2.79
C THR A 56 6.67 -3.83 1.79
N THR A 57 6.33 -3.32 0.60
CA THR A 57 5.72 -4.11 -0.44
C THR A 57 6.51 -4.00 -1.73
N TYR A 58 6.48 -5.05 -2.54
CA TYR A 58 7.07 -5.02 -3.86
C TYR A 58 6.07 -5.66 -4.82
N TYR A 59 6.08 -5.19 -6.05
CA TYR A 59 5.15 -5.70 -7.04
C TYR A 59 5.88 -5.98 -8.35
N ALA A 60 5.47 -7.04 -9.05
CA ALA A 60 5.91 -7.23 -10.42
C ALA A 60 5.35 -6.11 -11.28
N ASP A 61 6.18 -5.59 -12.20
CA ASP A 61 5.79 -4.48 -13.08
C ASP A 61 4.43 -4.73 -13.72
N SER A 62 4.14 -5.99 -14.08
CA SER A 62 2.93 -6.30 -14.81
C SER A 62 1.66 -6.13 -13.96
N VAL A 63 1.79 -5.96 -12.65
CA VAL A 63 0.64 -5.74 -11.79
C VAL A 63 0.73 -4.42 -11.02
N LYS A 64 1.84 -3.70 -11.12
CA LYS A 64 2.05 -2.51 -10.32
C LYS A 64 0.94 -1.49 -10.57
N GLY A 65 0.49 -0.86 -9.50
CA GLY A 65 -0.62 0.08 -9.58
C GLY A 65 -1.97 -0.54 -9.79
N ARG A 66 -2.05 -1.85 -10.01
CA ARG A 66 -3.33 -2.54 -10.12
C ARG A 66 -3.61 -3.47 -8.96
N PHE A 67 -2.57 -4.12 -8.39
CA PHE A 67 -2.72 -5.04 -7.27
C PHE A 67 -2.16 -4.41 -6.00
N THR A 68 -2.73 -4.79 -4.86
CA THR A 68 -2.28 -4.34 -3.54
C THR A 68 -2.26 -5.50 -2.55
N ILE A 69 -1.15 -5.67 -1.85
CA ILE A 69 -1.02 -6.75 -0.87
C ILE A 69 -1.24 -6.18 0.52
N SER A 70 -1.89 -6.96 1.38
CA SER A 70 -2.18 -6.51 2.74
C SER A 70 -2.47 -7.72 3.61
N ARG A 71 -2.72 -7.47 4.89
CA ARG A 71 -2.97 -8.52 5.86
C ARG A 71 -3.94 -8.01 6.92
N ASP A 72 -4.45 -8.97 7.71
CA ASP A 72 -5.29 -8.77 8.88
C ASP A 72 -4.69 -9.65 9.98
N ASN A 73 -4.02 -9.04 10.97
CA ASN A 73 -3.24 -9.83 11.92
C ASN A 73 -4.16 -10.72 12.76
N SER A 74 -5.29 -10.17 13.22
CA SER A 74 -6.23 -10.94 14.04
C SER A 74 -6.67 -12.21 13.34
N LYS A 75 -7.15 -12.10 12.10
CA LYS A 75 -7.56 -13.26 11.32
C LYS A 75 -6.38 -14.03 10.79
N ASN A 76 -5.16 -13.53 11.02
CA ASN A 76 -3.93 -14.14 10.53
C ASN A 76 -4.07 -14.51 9.05
N THR A 77 -4.48 -13.52 8.25
CA THR A 77 -4.82 -13.70 6.85
C THR A 77 -4.13 -12.67 5.97
N LEU A 78 -3.62 -13.13 4.83
CA LEU A 78 -3.02 -12.26 3.82
C LEU A 78 -4.00 -12.00 2.68
N PHE A 79 -4.01 -10.78 2.16
CA PHE A 79 -4.92 -10.41 1.08
C PHE A 79 -4.13 -9.98 -0.15
N LEU A 80 -4.78 -10.12 -1.31
CA LEU A 80 -4.31 -9.58 -2.57
C LEU A 80 -5.53 -8.93 -3.21
N GLN A 81 -5.53 -7.60 -3.20
CA GLN A 81 -6.56 -6.78 -3.86
C GLN A 81 -6.17 -6.62 -5.31
N MET A 82 -7.08 -7.00 -6.21
CA MET A 82 -6.85 -6.95 -7.65
C MET A 82 -7.84 -5.95 -8.24
N ASN A 83 -7.36 -5.03 -9.05
CA ASN A 83 -8.20 -4.04 -9.70
C ASN A 83 -7.87 -4.05 -11.18
N SER A 84 -8.83 -3.63 -12.01
CA SER A 84 -8.62 -3.49 -13.45
C SER A 84 -8.07 -4.76 -14.08
N LEU A 85 -8.63 -5.90 -13.67
CA LEU A 85 -8.11 -7.19 -14.07
C LEU A 85 -8.16 -7.35 -15.59
N ARG A 86 -7.27 -8.19 -16.11
CA ARG A 86 -7.06 -8.32 -17.53
C ARG A 86 -7.03 -9.79 -17.91
N ALA A 87 -7.31 -10.06 -19.19
CA ALA A 87 -7.28 -11.41 -19.73
C ALA A 87 -6.08 -12.17 -19.19
N GLU A 88 -4.89 -11.62 -19.42
CA GLU A 88 -3.63 -12.27 -19.05
C GLU A 88 -3.34 -12.27 -17.55
N ASP A 89 -4.25 -11.75 -16.72
CA ASP A 89 -4.19 -11.99 -15.30
C ASP A 89 -4.75 -13.34 -14.91
N THR A 90 -5.43 -14.02 -15.83
CA THR A 90 -5.96 -15.34 -15.51
C THR A 90 -4.80 -16.30 -15.24
N ALA A 91 -4.93 -17.07 -14.16
CA ALA A 91 -3.84 -17.84 -13.58
C ALA A 91 -4.37 -18.48 -12.30
N MET A 92 -3.64 -19.50 -11.81
CA MET A 92 -3.79 -19.94 -10.44
C MET A 92 -2.89 -19.10 -9.52
N TYR A 93 -3.44 -18.61 -8.42
CA TYR A 93 -2.75 -17.69 -7.52
C TYR A 93 -2.40 -18.41 -6.22
N TYR A 94 -1.10 -18.52 -5.96
CA TYR A 94 -0.58 -19.12 -4.74
C TYR A 94 -0.08 -18.06 -3.75
N CYS A 95 -0.37 -18.26 -2.46
CA CYS A 95 0.34 -17.54 -1.42
C CYS A 95 1.40 -18.47 -0.85
N ALA A 96 2.51 -17.88 -0.41
CA ALA A 96 3.64 -18.64 0.08
C ALA A 96 4.32 -17.86 1.18
N ARG A 97 4.71 -18.56 2.25
CA ARG A 97 5.65 -18.01 3.20
C ARG A 97 7.05 -17.99 2.59
N ASP A 98 7.75 -16.86 2.77
CA ASP A 98 9.11 -16.66 2.28
C ASP A 98 10.04 -16.62 3.48
N ARG A 99 10.92 -17.62 3.59
CA ARG A 99 12.00 -17.63 4.58
C ARG A 99 13.09 -16.68 4.08
N GLY A 100 12.87 -15.38 4.28
CA GLY A 100 13.62 -14.36 3.61
C GLY A 100 12.98 -14.12 2.25
N PRO A 101 13.16 -12.91 1.70
CA PRO A 101 12.42 -12.52 0.49
C PRO A 101 12.52 -13.54 -0.64
N TRP A 102 11.36 -13.91 -1.17
CA TRP A 102 11.24 -14.72 -2.38
C TRP A 102 11.81 -16.14 -2.25
N LEU A 103 12.28 -16.51 -1.06
CA LEU A 103 12.64 -17.88 -0.77
C LEU A 103 11.37 -18.62 -0.36
N HIS A 104 10.62 -19.06 -1.36
CA HIS A 104 9.30 -19.65 -1.14
C HIS A 104 9.37 -21.06 -0.58
N ASP A 105 9.35 -21.22 0.74
CA ASP A 105 9.54 -22.55 1.32
C ASP A 105 8.23 -23.24 1.73
N TYR A 106 7.09 -22.56 1.67
CA TYR A 106 5.83 -23.23 1.97
C TYR A 106 4.73 -22.59 1.17
N TRP A 107 4.07 -23.37 0.31
CA TRP A 107 3.05 -22.85 -0.59
C TRP A 107 1.66 -23.39 -0.27
N GLY A 108 0.66 -22.53 -0.34
CA GLY A 108 -0.72 -22.99 -0.31
C GLY A 108 -1.12 -23.71 -1.60
N GLN A 109 -2.27 -24.38 -1.57
CA GLN A 109 -2.64 -25.11 -2.78
C GLN A 109 -3.28 -24.25 -3.86
N GLY A 110 -3.53 -22.96 -3.61
CA GLY A 110 -3.81 -22.00 -4.66
C GLY A 110 -5.29 -21.74 -4.85
N THR A 111 -5.60 -20.60 -5.44
CA THR A 111 -6.97 -20.29 -5.83
C THR A 111 -6.97 -19.87 -7.30
N LEU A 112 -7.99 -20.29 -8.04
CA LEU A 112 -7.99 -20.17 -9.50
C LEU A 112 -8.78 -18.93 -9.91
N VAL A 113 -8.13 -18.03 -10.64
CA VAL A 113 -8.74 -16.77 -11.07
C VAL A 113 -8.92 -16.80 -12.59
N THR A 114 -10.16 -16.76 -13.06
CA THR A 114 -10.47 -16.75 -14.49
C THR A 114 -11.01 -15.37 -14.88
N VAL A 115 -10.31 -14.68 -15.78
CA VAL A 115 -10.69 -13.35 -16.22
C VAL A 115 -11.37 -13.45 -17.58
N SER A 116 -12.69 -13.31 -17.60
CA SER A 116 -13.42 -13.48 -18.85
C SER A 116 -14.75 -12.75 -18.78
N SER A 117 -15.24 -12.32 -19.94
CA SER A 117 -16.61 -11.85 -20.08
C SER A 117 -17.59 -12.96 -20.50
N ALA A 118 -17.12 -14.22 -20.54
CA ALA A 118 -18.00 -15.33 -20.85
C ALA A 118 -18.83 -15.70 -19.61
N SER A 119 -20.03 -16.22 -19.86
CA SER A 119 -20.96 -16.48 -18.77
C SER A 119 -20.71 -17.84 -18.15
N THR A 120 -21.18 -18.00 -16.92
CA THR A 120 -21.12 -19.30 -16.28
C THR A 120 -22.15 -20.24 -16.89
N LYS A 121 -21.73 -21.47 -17.17
CA LYS A 121 -22.59 -22.55 -17.62
C LYS A 121 -22.27 -23.84 -16.90
N GLY A 122 -23.30 -24.56 -16.48
CA GLY A 122 -23.15 -25.88 -15.94
C GLY A 122 -23.02 -26.86 -17.09
N PRO A 123 -22.40 -28.01 -16.84
CA PRO A 123 -22.24 -29.00 -17.91
C PRO A 123 -23.49 -29.84 -18.10
N SER A 124 -23.66 -30.26 -19.36
CA SER A 124 -24.49 -31.42 -19.68
C SER A 124 -23.63 -32.66 -19.53
N VAL A 125 -24.21 -33.73 -18.98
CA VAL A 125 -23.50 -34.99 -18.82
C VAL A 125 -24.21 -36.05 -19.66
N PHE A 126 -23.47 -36.63 -20.60
CA PHE A 126 -23.97 -37.72 -21.43
C PHE A 126 -23.17 -38.97 -21.16
N PRO A 127 -23.77 -40.15 -21.31
CA PRO A 127 -23.06 -41.40 -21.03
C PRO A 127 -22.34 -41.96 -22.23
N LEU A 128 -21.16 -42.52 -21.97
CA LEU A 128 -20.41 -43.31 -22.95
C LEU A 128 -20.69 -44.79 -22.61
N ALA A 129 -21.63 -45.39 -23.32
CA ALA A 129 -22.14 -46.71 -22.92
C ALA A 129 -21.27 -47.82 -23.49
N PRO A 130 -20.99 -48.86 -22.71
CA PRO A 130 -20.22 -50.01 -23.23
C PRO A 130 -21.07 -50.88 -24.16
N SER A 131 -20.36 -51.70 -24.93
CA SER A 131 -20.99 -52.73 -25.76
C SER A 131 -20.63 -54.14 -25.27
N GLY A 138 -12.60 -60.20 -20.44
CA GLY A 138 -13.17 -59.12 -19.67
C GLY A 138 -12.75 -57.75 -20.16
N THR A 139 -12.81 -56.76 -19.27
CA THR A 139 -12.50 -55.35 -19.56
C THR A 139 -13.33 -54.76 -20.69
N ALA A 140 -14.51 -54.26 -20.35
CA ALA A 140 -15.22 -53.29 -21.19
C ALA A 140 -14.91 -51.88 -20.70
N ALA A 141 -15.13 -50.90 -21.57
CA ALA A 141 -14.85 -49.52 -21.22
C ALA A 141 -16.13 -48.70 -21.28
N LEU A 142 -16.30 -47.81 -20.31
CA LEU A 142 -17.46 -46.94 -20.25
C LEU A 142 -17.06 -45.63 -19.58
N GLY A 143 -17.87 -44.61 -19.77
CA GLY A 143 -17.59 -43.34 -19.13
C GLY A 143 -18.70 -42.33 -19.24
N CYS A 144 -18.31 -41.06 -19.07
CA CYS A 144 -19.22 -39.92 -19.01
C CYS A 144 -18.60 -38.77 -19.80
N LEU A 145 -19.40 -38.16 -20.64
CA LEU A 145 -18.97 -37.01 -21.40
C LEU A 145 -19.55 -35.79 -20.68
N VAL A 146 -18.67 -34.92 -20.19
CA VAL A 146 -19.04 -33.73 -19.44
C VAL A 146 -18.82 -32.56 -20.38
N LYS A 147 -19.89 -32.06 -20.98
CA LYS A 147 -19.76 -31.16 -22.12
C LYS A 147 -20.30 -29.77 -21.80
N ASP A 148 -19.61 -28.75 -22.32
CA ASP A 148 -20.13 -27.38 -22.46
C ASP A 148 -20.38 -26.70 -21.11
N TYR A 149 -19.30 -26.54 -20.35
CA TYR A 149 -19.34 -25.76 -19.11
C TYR A 149 -18.28 -24.67 -19.12
N PHE A 150 -18.38 -23.80 -18.13
CA PHE A 150 -17.49 -22.65 -17.97
C PHE A 150 -17.80 -21.99 -16.64
N PRO A 151 -16.78 -21.61 -15.84
CA PRO A 151 -15.34 -21.81 -16.06
C PRO A 151 -14.91 -23.12 -15.48
N GLU A 152 -13.61 -23.40 -15.50
CA GLU A 152 -13.08 -24.55 -14.80
C GLU A 152 -13.20 -24.33 -13.30
N PRO A 153 -13.21 -25.42 -12.49
CA PRO A 153 -12.96 -26.81 -12.83
C PRO A 153 -14.18 -27.67 -12.62
N VAL A 154 -14.11 -28.92 -13.02
CA VAL A 154 -15.18 -29.88 -12.77
C VAL A 154 -14.53 -31.08 -12.11
N THR A 155 -15.21 -31.66 -11.14
CA THR A 155 -14.74 -32.89 -10.50
C THR A 155 -15.66 -34.04 -10.90
N VAL A 156 -15.06 -35.20 -11.14
CA VAL A 156 -15.78 -36.40 -11.55
C VAL A 156 -15.37 -37.52 -10.64
N SER A 157 -16.34 -38.14 -9.97
CA SER A 157 -16.14 -39.36 -9.21
C SER A 157 -17.07 -40.44 -9.76
N TRP A 158 -16.76 -41.69 -9.41
CA TRP A 158 -17.53 -42.84 -9.88
C TRP A 158 -18.10 -43.59 -8.68
N ASN A 159 -19.41 -43.84 -8.72
CA ASN A 159 -20.12 -44.54 -7.65
C ASN A 159 -19.79 -43.91 -6.29
N SER A 160 -20.13 -42.63 -6.16
CA SER A 160 -19.87 -41.82 -4.98
C SER A 160 -18.55 -42.11 -4.27
N GLY A 161 -17.47 -42.31 -5.02
CA GLY A 161 -16.15 -42.50 -4.45
C GLY A 161 -15.69 -43.95 -4.36
N ALA A 162 -16.61 -44.91 -4.50
CA ALA A 162 -16.27 -46.32 -4.32
C ALA A 162 -15.45 -46.84 -5.50
N LEU A 163 -15.96 -46.67 -6.72
CA LEU A 163 -15.20 -47.06 -7.91
C LEU A 163 -14.05 -46.09 -8.13
N THR A 164 -12.84 -46.63 -8.13
CA THR A 164 -11.65 -45.79 -8.18
C THR A 164 -10.51 -46.38 -9.01
N SER A 165 -10.43 -47.68 -9.18
CA SER A 165 -9.36 -48.28 -9.95
C SER A 165 -9.75 -48.32 -11.43
N GLY A 166 -8.76 -48.11 -12.31
CA GLY A 166 -8.99 -48.11 -13.74
C GLY A 166 -9.67 -46.87 -14.29
N VAL A 167 -10.06 -45.92 -13.43
CA VAL A 167 -10.71 -44.70 -13.89
C VAL A 167 -9.69 -43.81 -14.58
N HIS A 168 -10.14 -43.09 -15.62
CA HIS A 168 -9.35 -42.02 -16.24
C HIS A 168 -10.26 -40.83 -16.46
N THR A 169 -9.98 -39.74 -15.73
CA THR A 169 -10.63 -38.45 -15.91
C THR A 169 -9.66 -37.54 -16.64
N PHE A 170 -10.08 -37.04 -17.77
CA PHE A 170 -9.11 -36.40 -18.65
C PHE A 170 -8.97 -34.92 -18.34
N PRO A 171 -7.89 -34.29 -18.77
CA PRO A 171 -7.80 -32.82 -18.65
C PRO A 171 -8.89 -32.19 -19.51
N ALA A 172 -9.52 -31.15 -18.98
CA ALA A 172 -10.52 -30.44 -19.77
C ALA A 172 -9.85 -29.81 -20.98
N VAL A 173 -10.63 -29.59 -22.02
CA VAL A 173 -10.13 -28.94 -23.21
C VAL A 173 -11.12 -27.85 -23.61
N LEU A 174 -10.61 -26.79 -24.21
CA LEU A 174 -11.42 -25.64 -24.54
C LEU A 174 -11.89 -25.79 -25.98
N GLN A 175 -13.19 -25.93 -26.16
CA GLN A 175 -13.74 -26.07 -27.50
C GLN A 175 -13.67 -24.75 -28.23
N SER A 176 -13.77 -24.83 -29.56
CA SER A 176 -13.80 -23.62 -30.36
C SER A 176 -14.93 -22.69 -29.97
N SER A 177 -15.93 -23.19 -29.22
CA SER A 177 -17.06 -22.37 -28.76
C SER A 177 -16.77 -21.57 -27.49
N GLY A 178 -15.63 -21.80 -26.85
CA GLY A 178 -15.31 -21.11 -25.62
C GLY A 178 -15.75 -21.85 -24.38
N LEU A 179 -16.42 -22.99 -24.52
CA LEU A 179 -16.82 -23.80 -23.40
C LEU A 179 -15.85 -24.95 -23.24
N TYR A 180 -15.72 -25.44 -22.01
CA TYR A 180 -14.89 -26.59 -21.73
C TYR A 180 -15.68 -27.87 -21.87
N SER A 181 -14.96 -28.96 -22.03
CA SER A 181 -15.56 -30.28 -22.10
C SER A 181 -14.51 -31.29 -21.68
N LEU A 182 -14.95 -32.40 -21.09
CA LEU A 182 -14.03 -33.50 -20.79
C LEU A 182 -14.78 -34.82 -20.65
N SER A 183 -14.03 -35.88 -20.79
CA SER A 183 -14.53 -37.23 -20.58
C SER A 183 -13.87 -37.86 -19.37
N SER A 184 -14.60 -38.76 -18.74
CA SER A 184 -14.08 -39.59 -17.67
C SER A 184 -14.47 -41.02 -17.98
N VAL A 185 -13.49 -41.90 -18.04
CA VAL A 185 -13.74 -43.27 -18.50
C VAL A 185 -13.20 -44.22 -17.45
N VAL A 186 -13.74 -45.44 -17.50
CA VAL A 186 -13.32 -46.51 -16.60
C VAL A 186 -13.47 -47.83 -17.33
N THR A 187 -12.53 -48.74 -17.10
CA THR A 187 -12.58 -50.10 -17.62
C THR A 187 -12.97 -51.06 -16.50
N VAL A 188 -14.01 -51.86 -16.75
CA VAL A 188 -14.57 -52.76 -15.75
C VAL A 188 -14.71 -54.15 -16.36
N PRO A 189 -14.75 -55.19 -15.52
CA PRO A 189 -15.00 -56.53 -16.04
C PRO A 189 -16.31 -56.55 -16.80
N SER A 190 -16.27 -57.11 -18.02
CA SER A 190 -17.48 -57.14 -18.83
C SER A 190 -18.50 -58.16 -18.33
N SER A 191 -18.07 -59.10 -17.48
CA SER A 191 -19.01 -60.00 -16.81
C SER A 191 -19.83 -59.28 -15.75
N SER A 192 -19.29 -58.21 -15.18
CA SER A 192 -19.96 -57.40 -14.17
C SER A 192 -21.02 -56.46 -14.75
N LEU A 193 -20.97 -56.20 -16.06
CA LEU A 193 -22.02 -55.40 -16.66
C LEU A 193 -23.35 -56.14 -16.53
N GLY A 194 -24.44 -55.39 -16.54
CA GLY A 194 -25.74 -56.00 -16.34
C GLY A 194 -26.09 -56.27 -14.90
N THR A 195 -25.09 -56.68 -14.10
CA THR A 195 -25.27 -56.88 -12.67
C THR A 195 -24.88 -55.62 -11.87
N GLN A 196 -23.74 -55.00 -12.20
CA GLN A 196 -23.16 -53.91 -11.43
C GLN A 196 -23.59 -52.55 -11.97
N THR A 197 -23.94 -51.62 -11.08
CA THR A 197 -24.36 -50.27 -11.45
C THR A 197 -23.15 -49.34 -11.52
N TYR A 198 -23.15 -48.45 -12.51
CA TYR A 198 -22.07 -47.50 -12.73
C TYR A 198 -22.65 -46.10 -12.84
N ILE A 199 -22.29 -45.22 -11.89
CA ILE A 199 -22.77 -43.86 -11.86
C ILE A 199 -21.60 -42.91 -11.68
N CYS A 200 -21.44 -41.99 -12.63
CA CYS A 200 -20.45 -40.93 -12.50
C CYS A 200 -21.11 -39.73 -11.83
N ASN A 201 -20.40 -39.14 -10.89
CA ASN A 201 -20.87 -38.01 -10.12
C ASN A 201 -20.09 -36.79 -10.59
N VAL A 202 -20.75 -35.98 -11.41
CA VAL A 202 -20.16 -34.76 -11.94
C VAL A 202 -20.49 -33.60 -11.02
N ASN A 203 -19.50 -32.79 -10.72
CA ASN A 203 -19.68 -31.64 -9.85
C ASN A 203 -18.93 -30.44 -10.41
N HIS A 204 -19.64 -29.32 -10.52
CA HIS A 204 -19.14 -28.10 -11.14
C HIS A 204 -19.39 -26.98 -10.14
N LYS A 205 -18.39 -26.71 -9.29
CA LYS A 205 -18.56 -25.71 -8.24
C LYS A 205 -18.77 -24.30 -8.75
N PRO A 206 -18.21 -23.87 -9.89
CA PRO A 206 -18.47 -22.49 -10.33
C PRO A 206 -19.94 -22.19 -10.58
N SER A 207 -20.70 -23.18 -11.04
CA SER A 207 -22.15 -23.12 -10.97
C SER A 207 -22.56 -23.83 -9.68
N ASN A 208 -23.84 -24.05 -9.45
CA ASN A 208 -24.13 -24.90 -8.30
C ASN A 208 -24.66 -26.23 -8.79
N THR A 209 -23.94 -26.81 -9.74
CA THR A 209 -24.41 -27.97 -10.49
C THR A 209 -23.75 -29.23 -9.93
N LYS A 210 -24.59 -30.21 -9.59
CA LYS A 210 -24.20 -31.58 -9.40
C LYS A 210 -25.11 -32.44 -10.25
N VAL A 211 -24.56 -33.48 -10.85
CA VAL A 211 -25.31 -34.37 -11.72
C VAL A 211 -24.76 -35.76 -11.50
N ASP A 212 -25.65 -36.74 -11.47
CA ASP A 212 -25.29 -38.16 -11.43
C ASP A 212 -25.87 -38.83 -12.66
N LYS A 213 -25.07 -39.67 -13.31
CA LYS A 213 -25.48 -40.25 -14.58
C LYS A 213 -25.29 -41.76 -14.50
N ARG A 214 -26.41 -42.49 -14.57
CA ARG A 214 -26.34 -43.93 -14.75
C ARG A 214 -25.85 -44.23 -16.16
N VAL A 215 -24.76 -44.97 -16.25
CA VAL A 215 -24.23 -45.41 -17.53
C VAL A 215 -24.47 -46.91 -17.57
N GLU A 216 -25.37 -47.32 -18.45
CA GLU A 216 -25.76 -48.71 -18.55
C GLU A 216 -25.63 -49.17 -19.99
N PRO A 217 -25.41 -50.46 -20.21
CA PRO A 217 -25.23 -50.95 -21.60
C PRO A 217 -26.45 -50.63 -22.44
N LYS A 218 -26.21 -50.04 -23.62
CA LYS A 218 -27.32 -49.69 -24.50
C LYS A 218 -27.98 -50.97 -25.00
N SER A 219 -29.30 -51.08 -24.81
CA SER A 219 -29.98 -52.36 -24.96
C SER A 219 -30.01 -52.87 -26.41
N GLN B 1 -25.89 14.27 -5.66
CA GLN B 1 -25.26 13.09 -6.26
C GLN B 1 -23.93 12.61 -5.60
N VAL B 2 -22.94 13.48 -5.39
CA VAL B 2 -21.67 13.01 -4.82
C VAL B 2 -21.90 12.56 -3.39
N GLN B 3 -21.28 11.45 -3.00
CA GLN B 3 -21.56 10.85 -1.72
C GLN B 3 -20.35 10.06 -1.25
N LEU B 4 -20.16 10.04 0.06
CA LEU B 4 -19.13 9.26 0.73
C LEU B 4 -19.78 8.66 1.96
N VAL B 5 -19.99 7.36 1.97
CA VAL B 5 -20.61 6.66 3.08
C VAL B 5 -19.65 5.62 3.65
N GLU B 6 -19.43 5.69 4.94
CA GLU B 6 -18.39 4.93 5.62
C GLU B 6 -19.01 3.96 6.60
N SER B 7 -18.47 2.75 6.66
CA SER B 7 -18.98 1.73 7.56
C SER B 7 -17.82 0.96 8.17
N GLY B 8 -18.13 0.05 9.09
CA GLY B 8 -17.14 -0.80 9.71
C GLY B 8 -16.78 -0.43 11.13
N GLY B 9 -17.23 0.72 11.62
CA GLY B 9 -16.92 1.08 12.98
C GLY B 9 -17.60 0.16 13.99
N GLY B 10 -17.04 0.14 15.19
CA GLY B 10 -17.66 -0.56 16.29
C GLY B 10 -16.65 -0.78 17.41
N LEU B 11 -16.95 -1.78 18.23
CA LEU B 11 -16.07 -2.14 19.34
C LEU B 11 -15.04 -3.14 18.87
N ILE B 12 -13.79 -2.95 19.26
CA ILE B 12 -12.71 -3.87 18.94
C ILE B 12 -11.68 -3.79 20.05
N GLN B 13 -11.13 -4.94 20.43
CA GLN B 13 -10.26 -4.96 21.61
C GLN B 13 -8.86 -4.46 21.29
N PRO B 14 -8.12 -3.98 22.30
CA PRO B 14 -6.70 -3.65 22.08
C PRO B 14 -5.94 -4.82 21.47
N GLY B 15 -5.21 -4.54 20.39
CA GLY B 15 -4.46 -5.55 19.67
C GLY B 15 -5.19 -6.09 18.47
N GLY B 16 -6.48 -5.77 18.34
CA GLY B 16 -7.30 -6.33 17.29
C GLY B 16 -7.17 -5.58 15.97
N SER B 17 -7.82 -6.14 14.97
CA SER B 17 -7.83 -5.60 13.62
C SER B 17 -9.26 -5.27 13.23
N LEU B 18 -9.40 -4.29 12.35
CA LEU B 18 -10.70 -3.82 11.88
C LEU B 18 -10.47 -3.11 10.54
N ARG B 19 -11.33 -3.39 9.57
CA ARG B 19 -11.23 -2.78 8.25
C ARG B 19 -12.42 -1.86 8.03
N LEU B 20 -12.16 -0.58 7.83
CA LEU B 20 -13.22 0.37 7.51
C LEU B 20 -13.37 0.51 6.00
N SER B 21 -14.58 0.78 5.57
CA SER B 21 -14.82 1.04 4.16
C SER B 21 -15.53 2.36 4.01
N CYS B 22 -15.35 2.94 2.83
CA CYS B 22 -15.98 4.21 2.48
C CYS B 22 -16.43 4.09 1.04
N ALA B 23 -17.76 3.99 0.84
CA ALA B 23 -18.35 3.84 -0.49
C ALA B 23 -18.70 5.21 -1.07
N ALA B 24 -18.39 5.39 -2.35
CA ALA B 24 -18.54 6.67 -3.01
C ALA B 24 -19.60 6.62 -4.10
N SER B 25 -20.30 7.74 -4.30
CA SER B 25 -21.15 7.93 -5.47
C SER B 25 -20.69 9.16 -6.23
N GLU B 26 -20.64 9.04 -7.57
CA GLU B 26 -20.28 10.10 -8.51
C GLU B 26 -18.77 10.33 -8.49
N PHE B 27 -18.18 10.31 -7.30
CA PHE B 27 -16.73 10.26 -7.15
C PHE B 27 -16.24 8.88 -7.59
N ILE B 28 -15.26 8.85 -8.50
CA ILE B 28 -14.52 7.63 -8.78
C ILE B 28 -13.31 7.61 -7.84
N VAL B 29 -13.36 6.73 -6.82
CA VAL B 29 -12.26 6.64 -5.85
C VAL B 29 -10.92 6.46 -6.56
N SER B 30 -10.85 5.54 -7.52
CA SER B 30 -9.58 5.25 -8.17
C SER B 30 -9.04 6.44 -8.96
N SER B 31 -9.77 7.54 -9.06
CA SER B 31 -9.32 8.68 -9.84
C SER B 31 -9.00 9.90 -8.98
N ASN B 32 -9.04 9.79 -7.67
CA ASN B 32 -8.92 10.93 -6.79
C ASN B 32 -7.79 10.69 -5.79
N TYR B 33 -7.29 11.77 -5.23
CA TYR B 33 -6.65 11.67 -3.93
C TYR B 33 -7.72 11.41 -2.88
N MET B 34 -7.51 10.41 -2.02
CA MET B 34 -8.47 10.08 -0.98
C MET B 34 -7.75 10.00 0.34
N SER B 35 -8.39 10.53 1.39
CA SER B 35 -7.77 10.63 2.70
C SER B 35 -8.67 10.00 3.75
N TRP B 36 -8.03 9.55 4.83
CA TRP B 36 -8.72 9.26 6.07
C TRP B 36 -8.25 10.26 7.11
N VAL B 37 -9.19 10.86 7.81
CA VAL B 37 -8.93 11.78 8.91
C VAL B 37 -9.75 11.30 10.09
N ARG B 38 -9.14 11.27 11.26
CA ARG B 38 -9.81 10.79 12.44
C ARG B 38 -9.91 11.90 13.48
N GLN B 39 -10.81 11.72 14.43
CA GLN B 39 -11.04 12.70 15.49
C GLN B 39 -11.35 11.93 16.76
N ALA B 40 -10.39 11.92 17.68
CA ALA B 40 -10.59 11.34 19.00
C ALA B 40 -11.73 12.09 19.68
N PRO B 41 -12.48 11.43 20.57
CA PRO B 41 -13.74 12.03 21.06
C PRO B 41 -13.49 13.36 21.76
N GLY B 42 -14.24 14.38 21.33
CA GLY B 42 -14.08 15.72 21.89
C GLY B 42 -12.71 16.34 21.74
N LYS B 43 -12.00 16.04 20.65
CA LYS B 43 -10.67 16.61 20.40
C LYS B 43 -10.61 17.08 18.96
N GLY B 44 -9.40 17.31 18.46
CA GLY B 44 -9.18 17.89 17.15
C GLY B 44 -9.13 16.88 16.02
N LEU B 45 -8.63 17.35 14.87
CA LEU B 45 -8.53 16.56 13.64
C LEU B 45 -7.08 16.10 13.43
N GLU B 46 -6.93 14.84 13.00
CA GLU B 46 -5.63 14.23 12.77
C GLU B 46 -5.68 13.44 11.47
N TRP B 47 -5.00 13.94 10.43
CA TRP B 47 -4.92 13.18 9.20
C TRP B 47 -4.29 11.82 9.47
N VAL B 48 -4.78 10.79 8.80
CA VAL B 48 -4.29 9.42 9.00
C VAL B 48 -3.52 8.91 7.79
N SER B 49 -4.09 9.08 6.59
CA SER B 49 -3.57 8.33 5.45
C SER B 49 -4.10 8.93 4.16
N LEU B 50 -3.32 8.77 3.09
CA LEU B 50 -3.66 9.33 1.79
C LEU B 50 -3.32 8.31 0.71
N LEU B 51 -4.23 8.13 -0.25
CA LEU B 51 -4.02 7.24 -1.41
C LEU B 51 -4.09 8.06 -2.69
N TYR B 52 -3.01 8.04 -3.47
CA TYR B 52 -3.00 8.67 -4.78
C TYR B 52 -3.78 7.80 -5.77
N SER B 53 -4.29 8.42 -6.83
CA SER B 53 -4.93 7.60 -7.86
C SER B 53 -3.92 6.62 -8.48
N GLY B 54 -2.67 7.01 -8.62
CA GLY B 54 -1.67 6.11 -9.12
C GLY B 54 -1.08 5.15 -8.11
N GLY B 55 -1.57 5.13 -6.87
CA GLY B 55 -1.21 4.10 -5.91
C GLY B 55 -0.24 4.52 -4.83
N THR B 56 0.42 5.66 -4.96
CA THR B 56 1.27 6.11 -3.87
C THR B 56 0.47 6.36 -2.59
N THR B 57 1.09 6.09 -1.45
CA THR B 57 0.44 6.24 -0.16
C THR B 57 1.34 6.98 0.81
N TYR B 58 0.70 7.69 1.74
CA TYR B 58 1.37 8.28 2.88
C TYR B 58 0.56 7.93 4.13
N TYR B 59 1.28 7.80 5.25
CA TYR B 59 0.69 7.48 6.53
C TYR B 59 1.22 8.41 7.62
N ALA B 60 0.34 8.87 8.49
CA ALA B 60 0.79 9.53 9.70
C ALA B 60 1.70 8.59 10.50
N ASP B 61 2.73 9.17 11.14
CA ASP B 61 3.67 8.38 11.92
C ASP B 61 2.98 7.56 13.00
N SER B 62 1.90 8.08 13.58
CA SER B 62 1.23 7.35 14.65
C SER B 62 0.51 6.08 14.17
N VAL B 63 0.40 5.84 12.86
CA VAL B 63 -0.25 4.62 12.39
C VAL B 63 0.62 3.95 11.33
N LYS B 64 1.85 4.42 11.17
CA LYS B 64 2.67 4.03 10.04
C LYS B 64 2.70 2.51 9.82
N GLY B 65 3.17 1.74 10.80
CA GLY B 65 3.27 0.33 10.43
C GLY B 65 2.04 -0.53 10.67
N ARG B 66 0.92 0.05 11.06
CA ARG B 66 -0.24 -0.71 11.49
C ARG B 66 -1.46 -0.52 10.61
N PHE B 67 -1.63 0.64 9.98
CA PHE B 67 -2.77 0.88 9.12
C PHE B 67 -2.34 0.79 7.66
N THR B 68 -3.28 0.41 6.79
CA THR B 68 -2.98 0.34 5.37
C THR B 68 -4.21 0.79 4.59
N ILE B 69 -4.01 1.64 3.58
CA ILE B 69 -5.10 2.20 2.80
C ILE B 69 -5.16 1.52 1.44
N SER B 70 -6.37 1.26 0.94
CA SER B 70 -6.49 0.70 -0.41
C SER B 70 -7.90 0.97 -0.93
N ARG B 71 -8.19 0.40 -2.11
CA ARG B 71 -9.46 0.62 -2.76
C ARG B 71 -9.82 -0.58 -3.64
N ASP B 72 -11.13 -0.79 -3.79
CA ASP B 72 -11.71 -1.69 -4.78
C ASP B 72 -12.39 -0.82 -5.85
N ASN B 73 -11.76 -0.74 -7.01
CA ASN B 73 -12.28 0.01 -8.14
C ASN B 73 -13.72 -0.39 -8.48
N SER B 74 -13.98 -1.70 -8.57
CA SER B 74 -15.31 -2.12 -9.01
C SER B 74 -16.40 -1.70 -8.03
N LYS B 75 -16.15 -1.86 -6.72
CA LYS B 75 -17.11 -1.41 -5.72
C LYS B 75 -16.97 0.06 -5.39
N ASN B 76 -16.13 0.81 -6.10
CA ASN B 76 -15.92 2.23 -5.85
C ASN B 76 -15.85 2.54 -4.35
N THR B 77 -14.95 1.85 -3.67
CA THR B 77 -14.87 1.89 -2.22
C THR B 77 -13.42 2.05 -1.77
N LEU B 78 -13.21 2.95 -0.82
CA LEU B 78 -11.92 3.10 -0.17
C LEU B 78 -11.93 2.24 1.08
N PHE B 79 -10.76 1.71 1.45
CA PHE B 79 -10.65 0.93 2.69
C PHE B 79 -9.52 1.47 3.56
N LEU B 80 -9.68 1.30 4.87
CA LEU B 80 -8.62 1.59 5.85
C LEU B 80 -8.42 0.35 6.71
N GLN B 81 -7.40 -0.45 6.41
CA GLN B 81 -7.11 -1.69 7.14
C GLN B 81 -6.29 -1.36 8.38
N MET B 82 -6.83 -1.68 9.55
CA MET B 82 -6.24 -1.31 10.82
C MET B 82 -5.83 -2.57 11.58
N ASN B 83 -4.56 -2.66 11.93
CA ASN B 83 -4.04 -3.75 12.72
C ASN B 83 -3.44 -3.22 14.01
N SER B 84 -3.27 -4.11 14.99
CA SER B 84 -2.61 -3.80 16.26
C SER B 84 -3.16 -2.50 16.87
N LEU B 85 -4.49 -2.41 16.89
CA LEU B 85 -5.16 -1.20 17.36
C LEU B 85 -4.85 -0.96 18.84
N ARG B 86 -4.80 0.31 19.22
CA ARG B 86 -4.53 0.72 20.58
C ARG B 86 -5.66 1.60 21.07
N ALA B 87 -5.74 1.77 22.40
CA ALA B 87 -6.80 2.62 22.96
C ALA B 87 -6.78 4.01 22.34
N GLU B 88 -5.59 4.58 22.11
CA GLU B 88 -5.47 5.93 21.56
C GLU B 88 -5.92 6.01 20.11
N ASP B 89 -6.29 4.90 19.49
CA ASP B 89 -6.87 4.91 18.16
C ASP B 89 -8.38 5.12 18.18
N THR B 90 -8.98 5.17 19.37
CA THR B 90 -10.40 5.51 19.49
C THR B 90 -10.67 6.88 18.89
N ALA B 91 -11.64 6.94 17.99
CA ALA B 91 -11.86 8.13 17.19
C ALA B 91 -13.02 7.88 16.25
N MET B 92 -13.55 8.97 15.70
CA MET B 92 -14.42 8.90 14.55
C MET B 92 -13.54 9.03 13.31
N TYR B 93 -13.75 8.15 12.35
CA TYR B 93 -12.91 8.10 11.16
C TYR B 93 -13.70 8.67 9.98
N TYR B 94 -13.16 9.70 9.35
CA TYR B 94 -13.77 10.29 8.16
C TYR B 94 -12.95 9.87 6.96
N CYS B 95 -13.62 9.58 5.84
CA CYS B 95 -12.91 9.60 4.57
C CYS B 95 -13.26 10.90 3.84
N ALA B 96 -12.31 11.39 3.05
CA ALA B 96 -12.47 12.63 2.32
C ALA B 96 -11.95 12.47 0.91
N ARG B 97 -12.59 13.17 -0.04
CA ARG B 97 -11.98 13.41 -1.33
C ARG B 97 -11.05 14.61 -1.22
N ASP B 98 -9.89 14.51 -1.85
CA ASP B 98 -8.82 15.50 -1.78
C ASP B 98 -8.61 16.06 -3.18
N ARG B 99 -9.01 17.32 -3.37
CA ARG B 99 -8.80 18.00 -4.65
C ARG B 99 -7.34 18.44 -4.62
N GLY B 100 -6.45 17.49 -4.94
CA GLY B 100 -5.04 17.65 -4.69
C GLY B 100 -4.73 17.21 -3.26
N PRO B 101 -3.53 16.65 -3.04
CA PRO B 101 -3.19 16.09 -1.72
C PRO B 101 -3.63 16.96 -0.55
N TRP B 102 -4.48 16.41 0.31
CA TRP B 102 -4.81 16.92 1.64
C TRP B 102 -5.76 18.12 1.60
N LEU B 103 -6.24 18.54 0.43
CA LEU B 103 -7.29 19.55 0.29
C LEU B 103 -8.64 18.83 0.36
N HIS B 104 -9.15 18.65 1.58
CA HIS B 104 -10.34 17.82 1.80
C HIS B 104 -11.62 18.59 1.46
N ASP B 105 -12.03 18.58 0.19
CA ASP B 105 -13.22 19.36 -0.17
C ASP B 105 -14.55 18.62 0.03
N TYR B 106 -14.53 17.32 0.32
CA TYR B 106 -15.75 16.58 0.58
C TYR B 106 -15.48 15.45 1.58
N TRP B 107 -16.11 15.54 2.75
CA TRP B 107 -16.05 14.51 3.78
C TRP B 107 -17.34 13.68 3.82
N GLY B 108 -17.19 12.40 4.19
CA GLY B 108 -18.33 11.59 4.59
C GLY B 108 -18.67 11.87 6.04
N GLN B 109 -19.76 11.25 6.52
CA GLN B 109 -20.22 11.58 7.88
C GLN B 109 -19.46 10.84 8.98
N GLY B 110 -18.65 9.84 8.68
CA GLY B 110 -17.80 9.29 9.72
C GLY B 110 -18.36 8.01 10.32
N THR B 111 -17.44 7.14 10.75
CA THR B 111 -17.78 5.93 11.48
C THR B 111 -16.89 5.87 12.70
N LEU B 112 -17.48 5.44 13.82
CA LEU B 112 -16.84 5.57 15.13
C LEU B 112 -16.15 4.26 15.48
N VAL B 113 -14.90 4.35 15.90
CA VAL B 113 -14.14 3.18 16.32
C VAL B 113 -13.84 3.32 17.79
N THR B 114 -14.23 2.33 18.58
CA THR B 114 -13.90 2.30 20.00
C THR B 114 -12.99 1.10 20.24
N VAL B 115 -11.77 1.38 20.67
CA VAL B 115 -10.81 0.35 21.05
C VAL B 115 -10.85 0.24 22.57
N SER B 116 -11.41 -0.85 23.09
CA SER B 116 -11.63 -0.94 24.52
C SER B 116 -11.69 -2.40 24.92
N SER B 117 -11.46 -2.65 26.20
CA SER B 117 -11.53 -4.01 26.71
C SER B 117 -12.93 -4.41 27.16
N ALA B 118 -13.86 -3.47 27.31
CA ALA B 118 -15.16 -3.69 27.89
C ALA B 118 -16.08 -4.42 26.92
N SER B 119 -17.11 -5.05 27.48
CA SER B 119 -18.01 -5.84 26.69
C SER B 119 -19.09 -4.96 26.08
N THR B 120 -19.53 -5.32 24.89
CA THR B 120 -20.77 -4.78 24.36
C THR B 120 -21.87 -4.92 25.40
N LYS B 121 -22.75 -3.92 25.47
CA LYS B 121 -24.04 -4.10 26.12
C LYS B 121 -25.13 -3.32 25.38
N GLY B 122 -26.22 -3.99 25.07
CA GLY B 122 -27.38 -3.33 24.50
C GLY B 122 -28.11 -2.48 25.53
N PRO B 123 -28.80 -1.45 25.05
CA PRO B 123 -29.53 -0.58 25.98
C PRO B 123 -30.96 -1.05 26.19
N SER B 124 -31.50 -0.68 27.34
CA SER B 124 -32.92 -0.81 27.60
C SER B 124 -33.58 0.56 27.54
N VAL B 125 -34.74 0.63 26.89
CA VAL B 125 -35.40 1.88 26.55
C VAL B 125 -36.66 2.00 27.39
N PHE B 126 -36.72 3.04 28.25
CA PHE B 126 -37.85 3.34 29.11
C PHE B 126 -38.57 4.60 28.68
N PRO B 127 -39.89 4.62 28.74
CA PRO B 127 -40.64 5.81 28.31
C PRO B 127 -40.60 6.92 29.36
N LEU B 128 -40.46 8.15 28.89
CA LEU B 128 -40.49 9.29 29.80
C LEU B 128 -41.91 9.88 29.92
N GLY B 138 -50.82 23.73 27.27
CA GLY B 138 -50.36 24.25 25.99
C GLY B 138 -49.42 23.32 25.25
N THR B 139 -48.16 23.28 25.67
CA THR B 139 -47.14 22.41 25.07
C THR B 139 -46.61 21.46 26.14
N ALA B 140 -46.52 20.17 25.79
CA ALA B 140 -46.14 19.11 26.73
C ALA B 140 -44.90 18.37 26.26
N ALA B 141 -44.04 18.01 27.21
CA ALA B 141 -42.76 17.38 26.92
C ALA B 141 -42.84 15.89 27.22
N LEU B 142 -42.34 15.09 26.29
CA LEU B 142 -42.27 13.64 26.45
C LEU B 142 -40.96 13.15 25.84
N GLY B 143 -40.56 11.93 26.18
CA GLY B 143 -39.34 11.41 25.60
C GLY B 143 -39.02 9.97 25.95
N CYS B 144 -37.75 9.61 25.75
CA CYS B 144 -37.22 8.26 25.92
C CYS B 144 -35.93 8.29 26.72
N LEU B 145 -35.84 7.41 27.71
CA LEU B 145 -34.59 7.19 28.43
C LEU B 145 -33.94 5.92 27.88
N VAL B 146 -32.74 6.06 27.32
CA VAL B 146 -31.99 4.96 26.75
C VAL B 146 -30.85 4.65 27.72
N LYS B 147 -30.92 3.52 28.44
CA LYS B 147 -30.06 3.30 29.59
C LYS B 147 -29.15 2.07 29.44
N ASP B 148 -27.93 2.18 29.97
CA ASP B 148 -27.01 1.07 30.22
C ASP B 148 -26.63 0.33 28.93
N TYR B 149 -25.92 1.04 28.07
CA TYR B 149 -25.33 0.45 26.89
C TYR B 149 -23.84 0.81 26.79
N PHE B 150 -23.13 0.04 25.95
CA PHE B 150 -21.72 0.21 25.65
C PHE B 150 -21.37 -0.54 24.38
N PRO B 151 -20.69 0.09 23.43
CA PRO B 151 -20.14 1.45 23.44
C PRO B 151 -21.07 2.45 22.77
N GLU B 152 -20.59 3.67 22.54
CA GLU B 152 -21.27 4.59 21.66
C GLU B 152 -21.17 4.07 20.22
N PRO B 153 -22.06 4.52 19.33
CA PRO B 153 -23.19 5.43 19.53
C PRO B 153 -24.54 4.74 19.57
N VAL B 154 -25.55 5.45 20.04
CA VAL B 154 -26.93 5.01 19.91
C VAL B 154 -27.69 6.12 19.19
N THR B 155 -28.43 5.76 18.15
CA THR B 155 -29.18 6.72 17.36
C THR B 155 -30.67 6.58 17.68
N VAL B 156 -31.33 7.70 17.95
CA VAL B 156 -32.75 7.69 18.26
C VAL B 156 -33.46 8.73 17.40
N SER B 157 -34.58 8.32 16.81
CA SER B 157 -35.45 9.22 16.08
C SER B 157 -36.87 9.04 16.61
N TRP B 158 -37.80 9.82 16.07
CA TRP B 158 -39.20 9.82 16.51
C TRP B 158 -40.10 9.61 15.31
N ASN B 159 -41.05 8.69 15.45
CA ASN B 159 -42.01 8.36 14.40
C ASN B 159 -41.30 8.06 13.09
N SER B 160 -40.33 7.14 13.16
CA SER B 160 -39.56 6.64 12.01
C SER B 160 -39.06 7.77 11.12
N GLY B 161 -38.63 8.87 11.75
CA GLY B 161 -38.00 9.98 11.07
C GLY B 161 -38.92 11.13 10.78
N ALA B 162 -40.23 10.95 10.96
CA ALA B 162 -41.19 12.01 10.67
C ALA B 162 -41.05 13.15 11.67
N LEU B 163 -41.25 12.85 12.94
CA LEU B 163 -41.21 13.88 13.97
C LEU B 163 -39.77 14.35 14.16
N THR B 164 -39.46 15.54 13.63
CA THR B 164 -38.18 16.17 13.85
C THR B 164 -38.26 17.51 14.58
N SER B 165 -39.43 18.13 14.63
CA SER B 165 -39.55 19.48 15.18
C SER B 165 -39.50 19.46 16.70
N GLY B 166 -38.66 20.31 17.28
CA GLY B 166 -38.55 20.36 18.72
C GLY B 166 -37.89 19.17 19.37
N VAL B 167 -37.23 18.31 18.60
CA VAL B 167 -36.61 17.12 19.17
C VAL B 167 -35.23 17.49 19.71
N HIS B 168 -34.99 17.14 20.97
CA HIS B 168 -33.70 17.28 21.63
C HIS B 168 -33.21 15.90 22.06
N THR B 169 -32.15 15.42 21.42
CA THR B 169 -31.48 14.19 21.84
C THR B 169 -30.19 14.60 22.55
N PHE B 170 -30.02 14.14 23.76
CA PHE B 170 -28.92 14.67 24.53
C PHE B 170 -27.62 13.91 24.27
N PRO B 171 -26.49 14.49 24.64
CA PRO B 171 -25.26 13.69 24.64
C PRO B 171 -25.35 12.58 25.67
N ALA B 172 -24.81 11.43 25.31
CA ALA B 172 -24.69 10.34 26.27
C ALA B 172 -23.85 10.78 27.46
N VAL B 173 -24.18 10.28 28.64
CA VAL B 173 -23.38 10.50 29.84
C VAL B 173 -22.81 9.16 30.29
N LEU B 174 -21.55 9.16 30.71
CA LEU B 174 -20.97 7.96 31.27
C LEU B 174 -21.39 7.85 32.73
N GLN B 175 -22.04 6.75 33.07
CA GLN B 175 -22.45 6.51 34.43
C GLN B 175 -21.30 5.93 35.25
N SER B 176 -21.42 6.03 36.58
CA SER B 176 -20.43 5.43 37.47
C SER B 176 -20.32 3.91 37.28
N SER B 177 -21.22 3.31 36.53
CA SER B 177 -21.16 1.90 36.22
C SER B 177 -20.28 1.59 35.01
N GLY B 178 -19.84 2.61 34.27
CA GLY B 178 -19.13 2.39 33.02
C GLY B 178 -20.01 2.27 31.79
N LEU B 179 -21.33 2.34 31.94
CA LEU B 179 -22.22 2.30 30.79
C LEU B 179 -22.74 3.70 30.48
N TYR B 180 -23.17 3.88 29.23
CA TYR B 180 -23.70 5.15 28.78
C TYR B 180 -25.19 5.21 29.03
N SER B 181 -25.70 6.43 29.16
CA SER B 181 -27.14 6.65 29.19
C SER B 181 -27.45 7.98 28.54
N LEU B 182 -28.53 8.03 27.75
CA LEU B 182 -29.01 9.31 27.24
C LEU B 182 -30.53 9.35 27.29
N SER B 183 -31.06 10.54 27.55
CA SER B 183 -32.46 10.82 27.35
C SER B 183 -32.64 11.56 26.03
N SER B 184 -33.73 11.24 25.32
CA SER B 184 -34.20 12.02 24.20
C SER B 184 -35.60 12.54 24.51
N VAL B 185 -35.84 13.82 24.22
CA VAL B 185 -37.12 14.44 24.55
C VAL B 185 -37.69 15.17 23.35
N VAL B 186 -38.99 15.40 23.39
CA VAL B 186 -39.69 16.11 22.33
C VAL B 186 -40.86 16.88 22.95
N THR B 187 -40.89 18.19 22.68
CA THR B 187 -41.97 19.05 23.13
C THR B 187 -43.09 19.01 22.08
N VAL B 188 -44.30 18.72 22.53
CA VAL B 188 -45.39 18.53 21.59
C VAL B 188 -46.65 19.23 22.10
N PRO B 189 -47.48 19.73 21.19
CA PRO B 189 -48.77 20.31 21.60
C PRO B 189 -49.62 19.30 22.35
N SER B 190 -50.12 19.69 23.53
CA SER B 190 -50.84 18.77 24.38
C SER B 190 -52.19 18.34 23.78
N SER B 191 -52.73 19.10 22.82
CA SER B 191 -53.97 18.70 22.18
C SER B 191 -53.83 17.41 21.38
N SER B 192 -52.60 17.00 21.06
CA SER B 192 -52.36 15.76 20.32
C SER B 192 -52.18 14.54 21.22
N LEU B 193 -52.12 14.74 22.54
CA LEU B 193 -51.93 13.62 23.47
C LEU B 193 -53.26 12.87 23.58
N GLY B 194 -53.27 11.63 23.12
CA GLY B 194 -54.48 10.86 22.92
C GLY B 194 -54.90 10.76 21.47
N THR B 195 -54.53 11.75 20.66
CA THR B 195 -54.82 11.75 19.21
C THR B 195 -53.65 11.26 18.37
N GLN B 196 -52.42 11.56 18.78
CA GLN B 196 -51.21 11.20 18.04
C GLN B 196 -50.36 10.26 18.90
N THR B 197 -49.89 9.18 18.27
CA THR B 197 -49.08 8.17 18.92
C THR B 197 -47.60 8.49 18.69
N TYR B 198 -46.83 8.48 19.77
CA TYR B 198 -45.44 8.95 19.74
C TYR B 198 -44.52 7.79 20.09
N ILE B 199 -43.72 7.37 19.12
CA ILE B 199 -42.76 6.29 19.27
C ILE B 199 -41.35 6.84 19.04
N CYS B 200 -40.39 6.37 19.83
CA CYS B 200 -38.98 6.65 19.58
C CYS B 200 -38.30 5.37 19.12
N ASN B 201 -37.48 5.49 18.08
CA ASN B 201 -36.76 4.36 17.49
C ASN B 201 -35.29 4.45 17.90
N VAL B 202 -34.95 3.72 18.94
CA VAL B 202 -33.58 3.62 19.40
C VAL B 202 -32.89 2.54 18.56
N ASN B 203 -31.68 2.84 18.09
CA ASN B 203 -30.86 1.85 17.41
C ASN B 203 -29.45 1.88 17.98
N HIS B 204 -28.94 0.69 18.34
CA HIS B 204 -27.60 0.48 18.90
C HIS B 204 -27.00 -0.67 18.12
N LYS B 205 -26.45 -0.36 16.95
CA LYS B 205 -25.85 -1.38 16.09
C LYS B 205 -24.83 -2.28 16.78
N PRO B 206 -23.89 -1.77 17.63
CA PRO B 206 -22.90 -2.68 18.25
C PRO B 206 -23.48 -3.92 18.92
N SER B 207 -24.74 -3.87 19.36
CA SER B 207 -25.37 -5.00 20.03
C SER B 207 -26.62 -5.48 19.29
N ASN B 208 -26.87 -4.95 18.09
CA ASN B 208 -28.03 -5.34 17.29
C ASN B 208 -29.35 -5.09 18.01
N THR B 209 -29.38 -4.08 18.86
CA THR B 209 -30.63 -3.64 19.47
C THR B 209 -31.33 -2.64 18.57
N LYS B 210 -32.57 -2.94 18.22
CA LYS B 210 -33.50 -2.02 17.59
C LYS B 210 -34.77 -2.08 18.41
N VAL B 211 -35.21 -0.94 18.91
CA VAL B 211 -36.39 -0.88 19.76
C VAL B 211 -37.23 0.30 19.30
N ASP B 212 -38.55 0.10 19.29
CA ASP B 212 -39.52 1.19 19.18
C ASP B 212 -40.37 1.17 20.45
N LYS B 213 -40.14 2.14 21.33
CA LYS B 213 -40.93 2.26 22.56
C LYS B 213 -41.99 3.35 22.38
N ARG B 214 -43.25 2.97 22.52
CA ARG B 214 -44.32 3.95 22.46
C ARG B 214 -44.46 4.67 23.79
N VAL B 215 -44.67 5.98 23.73
CA VAL B 215 -44.81 6.82 24.91
C VAL B 215 -46.26 7.30 24.96
N GLU B 216 -47.05 6.73 25.92
CA GLU B 216 -48.46 6.97 26.19
C GLU B 216 -48.62 7.82 27.44
N PRO B 217 -49.52 8.83 27.43
CA PRO B 217 -49.70 9.83 28.49
C PRO B 217 -50.04 9.29 29.90
N ASP C 1 16.52 -7.03 -15.89
CA ASP C 1 15.65 -8.14 -15.44
C ASP C 1 16.25 -9.50 -15.80
N ILE C 2 16.57 -10.29 -14.78
CA ILE C 2 17.32 -11.52 -14.98
C ILE C 2 16.47 -12.59 -15.64
N VAL C 3 17.06 -13.29 -16.61
CA VAL C 3 16.42 -14.39 -17.32
C VAL C 3 17.09 -15.68 -16.91
N MET C 4 16.28 -16.66 -16.52
CA MET C 4 16.70 -17.99 -16.12
C MET C 4 16.45 -18.94 -17.28
N THR C 5 17.49 -19.32 -18.01
CA THR C 5 17.36 -20.25 -19.12
C THR C 5 17.60 -21.68 -18.63
N GLN C 6 16.54 -22.47 -18.59
CA GLN C 6 16.58 -23.82 -18.06
C GLN C 6 16.62 -24.85 -19.19
N SER C 7 17.47 -25.88 -19.03
CA SER C 7 17.78 -26.89 -20.06
C SER C 7 17.81 -28.28 -19.44
N PRO C 8 17.19 -29.27 -20.05
CA PRO C 8 16.30 -29.22 -21.22
C PRO C 8 14.87 -28.92 -20.80
N SER C 9 13.93 -28.69 -21.73
CA SER C 9 12.55 -28.42 -21.32
C SER C 9 11.77 -29.69 -21.03
N SER C 10 12.19 -30.80 -21.62
CA SER C 10 11.56 -32.09 -21.36
C SER C 10 12.65 -33.15 -21.23
N LEU C 11 12.35 -34.18 -20.47
CA LEU C 11 13.31 -35.24 -20.26
C LEU C 11 12.57 -36.54 -19.98
N SER C 12 13.14 -37.64 -20.49
CA SER C 12 12.55 -38.98 -20.39
C SER C 12 13.64 -39.93 -19.94
N ALA C 13 13.50 -40.50 -18.75
CA ALA C 13 14.54 -41.39 -18.24
C ALA C 13 13.91 -42.56 -17.51
N SER C 14 14.76 -43.53 -17.17
CA SER C 14 14.30 -44.77 -16.54
C SER C 14 14.60 -44.72 -15.05
N VAL C 15 13.79 -45.46 -14.30
CA VAL C 15 14.00 -45.66 -12.87
C VAL C 15 15.47 -45.93 -12.59
N GLY C 16 16.06 -45.12 -11.73
CA GLY C 16 17.44 -45.29 -11.34
C GLY C 16 18.45 -44.52 -12.17
N ASP C 17 18.01 -43.85 -13.22
CA ASP C 17 18.95 -43.05 -14.02
C ASP C 17 19.35 -41.76 -13.30
N ARG C 18 20.45 -41.18 -13.74
CA ARG C 18 20.98 -39.94 -13.16
C ARG C 18 20.54 -38.78 -14.04
N VAL C 19 19.66 -37.95 -13.51
CA VAL C 19 19.00 -36.89 -14.27
C VAL C 19 19.65 -35.56 -13.92
N THR C 20 20.15 -34.85 -14.93
CA THR C 20 20.77 -33.56 -14.72
C THR C 20 19.96 -32.49 -15.44
N ILE C 21 19.66 -31.40 -14.73
CA ILE C 21 19.02 -30.22 -15.29
C ILE C 21 19.94 -29.05 -15.05
N THR C 22 20.09 -28.17 -16.03
CA THR C 22 20.91 -26.98 -15.84
C THR C 22 20.07 -25.72 -16.01
N CYS C 23 20.60 -24.64 -15.45
CA CYS C 23 19.97 -23.33 -15.45
C CYS C 23 21.10 -22.33 -15.59
N GLN C 24 20.95 -21.38 -16.51
CA GLN C 24 21.94 -20.33 -16.67
C GLN C 24 21.26 -19.00 -16.44
N ALA C 25 21.84 -18.19 -15.57
CA ALA C 25 21.33 -16.86 -15.31
C ALA C 25 21.99 -15.85 -16.25
N SER C 26 21.19 -14.89 -16.72
CA SER C 26 21.72 -13.87 -17.61
C SER C 26 22.63 -12.86 -16.90
N GLN C 27 22.68 -12.85 -15.56
CA GLN C 27 23.63 -12.05 -14.79
C GLN C 27 24.11 -12.86 -13.59
N ASP C 28 25.18 -12.39 -12.98
CA ASP C 28 25.67 -12.99 -11.76
C ASP C 28 24.61 -12.91 -10.66
N ILE C 29 24.22 -14.06 -10.14
CA ILE C 29 23.31 -14.12 -9.01
C ILE C 29 23.97 -14.83 -7.83
N ASN C 30 25.30 -14.92 -7.86
CA ASN C 30 26.05 -15.59 -6.79
C ASN C 30 25.49 -16.98 -6.59
N LYS C 31 24.95 -17.26 -5.40
CA LYS C 31 24.39 -18.57 -5.11
C LYS C 31 22.86 -18.57 -4.98
N TYR C 32 22.17 -17.49 -5.33
CA TYR C 32 20.76 -17.38 -4.99
C TYR C 32 19.88 -17.99 -6.07
N CYS C 33 20.08 -19.30 -6.24
CA CYS C 33 19.29 -20.13 -7.15
C CYS C 33 18.60 -21.21 -6.33
N ASN C 34 17.27 -21.30 -6.43
CA ASN C 34 16.49 -22.37 -5.83
C ASN C 34 15.88 -23.27 -6.90
N TRP C 35 15.44 -24.45 -6.46
CA TRP C 35 14.87 -25.45 -7.34
C TRP C 35 13.57 -25.97 -6.75
N TYR C 36 12.51 -25.98 -7.56
CA TYR C 36 11.19 -26.40 -7.12
C TYR C 36 10.74 -27.61 -7.91
N GLN C 37 9.90 -28.42 -7.28
CA GLN C 37 9.26 -29.57 -7.91
C GLN C 37 7.75 -29.37 -7.85
N GLN C 38 7.08 -29.44 -9.01
CA GLN C 38 5.63 -29.34 -9.08
C GLN C 38 5.04 -30.63 -9.66
N LYS C 39 4.17 -31.24 -8.91
CA LYS C 39 3.41 -32.35 -9.46
C LYS C 39 2.08 -31.85 -10.04
N PRO C 40 1.47 -32.60 -10.94
CA PRO C 40 0.25 -32.13 -11.61
C PRO C 40 -0.85 -31.77 -10.61
N GLY C 41 -1.46 -30.61 -10.82
CA GLY C 41 -2.50 -30.10 -9.95
C GLY C 41 -2.07 -29.74 -8.53
N LYS C 42 -0.78 -29.83 -8.21
CA LYS C 42 -0.30 -29.52 -6.87
C LYS C 42 0.40 -28.16 -6.89
N ALA C 43 0.76 -27.69 -5.73
CA ALA C 43 1.54 -26.47 -5.70
C ALA C 43 3.03 -26.79 -5.67
N PRO C 44 3.88 -25.90 -6.13
CA PRO C 44 5.32 -26.16 -6.06
C PRO C 44 5.81 -26.45 -4.65
N LYS C 45 6.86 -27.24 -4.59
CA LYS C 45 7.52 -27.58 -3.33
C LYS C 45 8.99 -27.27 -3.48
N LEU C 46 9.55 -26.53 -2.53
CA LEU C 46 10.95 -26.17 -2.56
C LEU C 46 11.80 -27.38 -2.19
N LEU C 47 12.77 -27.71 -3.03
CA LEU C 47 13.67 -28.82 -2.75
C LEU C 47 15.08 -28.38 -2.42
N ILE C 48 15.59 -27.36 -3.11
CA ILE C 48 16.97 -26.91 -2.95
C ILE C 48 16.92 -25.40 -2.89
N TYR C 49 17.45 -24.84 -1.80
CA TYR C 49 17.69 -23.41 -1.69
C TYR C 49 19.18 -23.16 -1.71
N ASP C 50 19.54 -21.94 -2.10
CA ASP C 50 20.93 -21.48 -2.15
C ASP C 50 21.81 -22.47 -2.91
N ALA C 51 21.41 -22.74 -4.15
CA ALA C 51 22.16 -23.54 -5.11
C ALA C 51 22.34 -25.01 -4.70
N SER C 52 22.58 -25.29 -3.40
CA SER C 52 23.05 -26.61 -2.99
C SER C 52 22.49 -27.15 -1.68
N ASN C 53 21.63 -26.44 -0.99
CA ASN C 53 21.17 -26.91 0.31
C ASN C 53 19.82 -27.60 0.19
N LEU C 54 19.69 -28.69 0.92
CA LEU C 54 18.55 -29.57 0.86
C LEU C 54 17.52 -29.17 1.92
N GLU C 55 16.30 -28.85 1.51
CA GLU C 55 15.24 -28.61 2.48
C GLU C 55 15.04 -29.86 3.32
N THR C 56 14.69 -29.66 4.58
CA THR C 56 14.48 -30.79 5.46
C THR C 56 13.33 -31.65 4.92
N GLY C 57 13.53 -32.97 4.97
CA GLY C 57 12.60 -33.92 4.40
C GLY C 57 12.96 -34.42 3.01
N VAL C 58 13.79 -33.69 2.29
CA VAL C 58 14.00 -33.98 0.87
C VAL C 58 15.03 -35.10 0.74
N PRO C 59 14.72 -36.17 0.01
CA PRO C 59 15.65 -37.30 -0.12
C PRO C 59 17.02 -36.88 -0.66
N SER C 60 18.07 -37.51 -0.14
CA SER C 60 19.45 -37.21 -0.49
C SER C 60 19.75 -37.42 -1.97
N ARG C 61 18.86 -38.12 -2.69
CA ARG C 61 19.02 -38.31 -4.14
C ARG C 61 19.06 -36.99 -4.89
N PHE C 62 18.41 -35.96 -4.34
CA PHE C 62 18.38 -34.65 -4.94
C PHE C 62 19.60 -33.85 -4.51
N SER C 63 20.17 -33.09 -5.43
CA SER C 63 21.30 -32.25 -5.09
C SER C 63 21.44 -31.17 -6.14
N GLY C 64 22.33 -30.21 -5.87
CA GLY C 64 22.54 -29.09 -6.77
C GLY C 64 23.86 -28.41 -6.49
N SER C 65 24.40 -27.76 -7.51
CA SER C 65 25.64 -27.01 -7.35
C SER C 65 25.61 -25.76 -8.22
N GLY C 66 26.55 -24.86 -7.96
CA GLY C 66 26.83 -23.76 -8.88
C GLY C 66 26.89 -22.43 -8.18
N SER C 67 27.60 -21.48 -8.77
CA SER C 67 27.64 -20.12 -8.26
C SER C 67 27.93 -19.21 -9.42
N GLY C 68 27.31 -18.03 -9.43
CA GLY C 68 27.52 -17.09 -10.52
C GLY C 68 26.41 -17.08 -11.56
N THR C 69 26.61 -17.81 -12.67
CA THR C 69 25.60 -17.88 -13.72
C THR C 69 25.19 -19.29 -14.13
N ASP C 70 25.94 -20.32 -13.77
CA ASP C 70 25.68 -21.66 -14.30
C ASP C 70 25.31 -22.61 -13.17
N PHE C 71 24.11 -23.18 -13.22
CA PHE C 71 23.62 -23.99 -12.11
C PHE C 71 23.23 -25.38 -12.58
N THR C 72 23.31 -26.34 -11.67
CA THR C 72 23.03 -27.74 -11.96
C THR C 72 22.09 -28.28 -10.89
N PHE C 73 21.08 -29.04 -11.33
CA PHE C 73 20.17 -29.76 -10.43
C PHE C 73 20.21 -31.22 -10.80
N THR C 74 20.41 -32.10 -9.81
CA THR C 74 20.60 -33.51 -10.12
C THR C 74 19.69 -34.39 -9.27
N ILE C 75 19.04 -35.35 -9.93
CA ILE C 75 18.37 -36.48 -9.28
C ILE C 75 19.24 -37.71 -9.51
N ASN C 76 19.71 -38.31 -8.41
CA ASN C 76 20.79 -39.30 -8.52
C ASN C 76 20.30 -40.63 -9.05
N SER C 77 19.20 -41.17 -8.52
CA SER C 77 18.57 -42.35 -9.12
C SER C 77 17.07 -42.08 -9.20
N LEU C 78 16.60 -41.82 -10.42
CA LEU C 78 15.23 -41.37 -10.63
C LEU C 78 14.23 -42.38 -10.11
N GLN C 79 13.14 -41.90 -9.54
CA GLN C 79 12.14 -42.72 -8.91
C GLN C 79 10.79 -42.43 -9.50
N PRO C 80 9.87 -43.41 -9.38
CA PRO C 80 8.50 -43.15 -9.82
C PRO C 80 7.89 -41.87 -9.26
N GLU C 81 8.02 -41.67 -7.95
CA GLU C 81 7.48 -40.49 -7.28
C GLU C 81 8.08 -39.16 -7.78
N ASP C 82 9.11 -39.19 -8.62
CA ASP C 82 9.75 -37.97 -9.10
C ASP C 82 9.21 -37.45 -10.43
N ILE C 83 8.16 -38.06 -10.98
CA ILE C 83 7.51 -37.46 -12.14
C ILE C 83 6.92 -36.12 -11.71
N ALA C 84 7.36 -35.06 -12.37
CA ALA C 84 6.98 -33.70 -11.98
C ALA C 84 7.58 -32.76 -13.02
N THR C 85 7.26 -31.48 -12.90
CA THR C 85 8.01 -30.42 -13.56
C THR C 85 8.87 -29.74 -12.52
N TYR C 86 10.13 -29.50 -12.85
CA TYR C 86 11.10 -28.90 -11.94
C TYR C 86 11.41 -27.51 -12.46
N TYR C 87 11.51 -26.53 -11.55
CA TYR C 87 11.86 -25.16 -11.93
C TYR C 87 13.01 -24.67 -11.08
N CYS C 88 14.00 -24.00 -11.71
CA CYS C 88 14.96 -23.17 -11.00
C CYS C 88 14.37 -21.77 -10.81
N GLN C 89 14.94 -21.03 -9.87
CA GLN C 89 14.53 -19.66 -9.61
C GLN C 89 15.70 -18.88 -9.03
N GLN C 90 15.95 -17.67 -9.55
CA GLN C 90 16.83 -16.76 -8.82
C GLN C 90 15.95 -15.88 -7.94
N TYR C 91 16.29 -15.79 -6.67
CA TYR C 91 15.44 -15.13 -5.71
C TYR C 91 16.12 -13.95 -5.02
N ASP C 92 17.20 -13.41 -5.58
CA ASP C 92 17.93 -12.33 -4.93
C ASP C 92 17.74 -10.95 -5.55
N ASN C 93 17.51 -10.89 -6.85
CA ASN C 93 17.48 -9.65 -7.62
C ASN C 93 16.05 -9.35 -8.06
N LEU C 94 15.58 -8.14 -7.78
CA LEU C 94 14.20 -7.81 -8.09
C LEU C 94 14.01 -7.58 -9.58
N PRO C 95 12.98 -8.17 -10.19
CA PRO C 95 12.07 -9.16 -9.61
C PRO C 95 12.68 -10.57 -9.63
N PRO C 96 12.31 -11.42 -8.69
CA PRO C 96 12.67 -12.84 -8.80
C PRO C 96 12.09 -13.43 -10.07
N THR C 97 12.85 -14.31 -10.73
CA THR C 97 12.35 -14.96 -11.94
C THR C 97 12.62 -16.48 -11.93
N PHE C 98 11.72 -17.21 -12.59
CA PHE C 98 11.81 -18.65 -12.68
C PHE C 98 12.29 -19.09 -14.06
N GLY C 99 12.94 -20.25 -14.12
CA GLY C 99 13.20 -20.86 -15.40
C GLY C 99 11.93 -21.42 -16.02
N GLY C 100 12.00 -21.70 -17.32
CA GLY C 100 10.85 -22.25 -18.03
C GLY C 100 10.38 -23.61 -17.54
N GLY C 101 11.20 -24.35 -16.79
CA GLY C 101 10.76 -25.62 -16.26
C GLY C 101 11.24 -26.81 -17.09
N THR C 102 11.30 -27.96 -16.43
CA THR C 102 11.74 -29.20 -17.08
C THR C 102 10.72 -30.29 -16.75
N LYS C 103 9.97 -30.75 -17.75
CA LYS C 103 9.01 -31.84 -17.49
C LYS C 103 9.72 -33.19 -17.54
N VAL C 104 9.59 -33.96 -16.47
CA VAL C 104 10.34 -35.20 -16.29
C VAL C 104 9.38 -36.38 -16.37
N GLU C 105 9.64 -37.31 -17.28
CA GLU C 105 8.80 -38.48 -17.49
C GLU C 105 9.60 -39.76 -17.27
N ILE C 106 8.95 -40.78 -16.70
CA ILE C 106 9.54 -42.09 -16.53
C ILE C 106 9.49 -42.85 -17.85
N LYS C 107 10.62 -43.45 -18.23
CA LYS C 107 10.68 -44.35 -19.38
C LYS C 107 10.27 -45.75 -18.95
N ARG C 108 9.57 -46.45 -19.83
CA ARG C 108 9.20 -47.85 -19.57
C ARG C 108 9.07 -48.58 -20.89
N THR C 109 8.65 -49.84 -20.81
CA THR C 109 8.51 -50.70 -21.99
C THR C 109 7.27 -50.33 -22.78
N VAL C 110 7.34 -50.59 -24.09
CA VAL C 110 6.23 -50.30 -24.99
C VAL C 110 4.99 -51.11 -24.63
N ALA C 111 3.83 -50.43 -24.65
CA ALA C 111 2.52 -51.00 -24.35
C ALA C 111 1.52 -50.49 -25.38
N ALA C 112 0.81 -51.40 -26.02
CA ALA C 112 -0.15 -50.94 -27.01
C ALA C 112 -1.41 -50.38 -26.35
N PRO C 113 -2.02 -49.37 -26.96
CA PRO C 113 -3.30 -48.89 -26.45
C PRO C 113 -4.42 -49.90 -26.72
N SER C 114 -5.30 -50.03 -25.74
CA SER C 114 -6.60 -50.63 -25.97
C SER C 114 -7.53 -49.54 -26.47
N VAL C 115 -8.14 -49.75 -27.63
CA VAL C 115 -8.88 -48.70 -28.30
C VAL C 115 -10.37 -49.01 -28.21
N PHE C 116 -11.16 -47.99 -27.92
CA PHE C 116 -12.61 -48.09 -27.85
C PHE C 116 -13.25 -46.91 -28.58
N ILE C 117 -14.47 -47.11 -29.05
CA ILE C 117 -15.21 -46.03 -29.70
C ILE C 117 -16.62 -45.98 -29.15
N PHE C 118 -17.12 -44.77 -28.90
CA PHE C 118 -18.45 -44.56 -28.33
C PHE C 118 -19.26 -43.68 -29.26
N PRO C 119 -20.41 -44.15 -29.73
CA PRO C 119 -21.31 -43.29 -30.50
C PRO C 119 -21.93 -42.23 -29.61
N PRO C 120 -22.40 -41.12 -30.18
CA PRO C 120 -23.13 -40.14 -29.37
C PRO C 120 -24.37 -40.76 -28.75
N SER C 121 -24.68 -40.33 -27.52
CA SER C 121 -25.93 -40.72 -26.86
C SER C 121 -27.13 -40.15 -27.61
N ASP C 122 -28.27 -40.86 -27.53
CA ASP C 122 -29.52 -40.29 -28.07
C ASP C 122 -29.93 -39.03 -27.31
N GLU C 123 -29.67 -38.96 -25.99
CA GLU C 123 -30.01 -37.75 -25.26
C GLU C 123 -29.36 -36.53 -25.87
N GLN C 124 -28.06 -36.64 -26.21
CA GLN C 124 -27.34 -35.50 -26.76
C GLN C 124 -27.83 -35.15 -28.15
N LEU C 125 -28.26 -36.15 -28.93
CA LEU C 125 -28.79 -35.86 -30.25
C LEU C 125 -30.05 -35.00 -30.19
N LYS C 126 -30.80 -35.09 -29.08
CA LYS C 126 -31.93 -34.20 -28.86
C LYS C 126 -31.53 -32.73 -28.92
N SER C 127 -30.28 -32.38 -28.61
CA SER C 127 -29.89 -30.99 -28.46
C SER C 127 -29.12 -30.42 -29.65
N GLY C 128 -29.01 -31.16 -30.75
CA GLY C 128 -28.43 -30.61 -31.96
C GLY C 128 -26.97 -30.87 -32.20
N THR C 129 -26.30 -31.65 -31.34
CA THR C 129 -24.89 -31.92 -31.55
C THR C 129 -24.61 -33.40 -31.29
N ALA C 130 -23.63 -33.93 -32.01
CA ALA C 130 -23.17 -35.31 -31.86
C ALA C 130 -21.69 -35.31 -31.50
N SER C 131 -21.34 -35.93 -30.38
CA SER C 131 -19.95 -36.15 -29.99
C SER C 131 -19.63 -37.62 -30.15
N VAL C 132 -18.58 -37.91 -30.89
CA VAL C 132 -18.05 -39.27 -31.05
C VAL C 132 -16.73 -39.35 -30.31
N VAL C 133 -16.61 -40.33 -29.42
CA VAL C 133 -15.43 -40.44 -28.55
C VAL C 133 -14.61 -41.66 -28.93
N CYS C 134 -13.29 -41.49 -28.97
CA CYS C 134 -12.34 -42.58 -29.18
C CYS C 134 -11.41 -42.60 -27.98
N LEU C 135 -11.19 -43.77 -27.40
CA LEU C 135 -10.40 -43.88 -26.18
C LEU C 135 -9.22 -44.81 -26.43
N LEU C 136 -8.02 -44.28 -26.22
CA LEU C 136 -6.79 -45.06 -26.19
C LEU C 136 -6.41 -45.24 -24.74
N ASN C 137 -6.43 -46.49 -24.25
CA ASN C 137 -6.25 -46.76 -22.83
C ASN C 137 -4.91 -47.45 -22.56
N ASN C 138 -4.08 -46.81 -21.72
CA ASN C 138 -2.91 -47.40 -21.05
C ASN C 138 -1.84 -47.84 -22.05
N PHE C 139 -1.22 -46.84 -22.69
CA PHE C 139 -0.20 -47.08 -23.70
C PHE C 139 1.12 -46.38 -23.37
N TYR C 140 2.21 -46.77 -24.06
CA TYR C 140 3.50 -46.10 -23.95
C TYR C 140 4.35 -46.38 -25.18
N PRO C 141 5.02 -45.38 -25.77
CA PRO C 141 5.14 -43.96 -25.38
C PRO C 141 3.93 -43.08 -25.76
N ARG C 142 4.03 -41.78 -25.49
CA ARG C 142 2.86 -40.91 -25.55
C ARG C 142 2.42 -40.66 -27.00
N GLU C 143 3.35 -40.66 -27.94
CA GLU C 143 3.07 -40.46 -29.36
C GLU C 143 2.06 -41.47 -29.89
N ALA C 144 0.91 -40.98 -30.31
CA ALA C 144 -0.14 -41.81 -30.84
C ALA C 144 -0.89 -40.98 -31.87
N LYS C 145 -1.16 -41.58 -33.03
CA LYS C 145 -1.91 -40.87 -34.05
C LYS C 145 -3.35 -41.40 -34.09
N VAL C 146 -4.31 -40.48 -34.01
CA VAL C 146 -5.73 -40.81 -34.12
C VAL C 146 -6.29 -40.14 -35.35
N GLN C 147 -6.96 -40.90 -36.20
CA GLN C 147 -7.49 -40.34 -37.44
C GLN C 147 -8.96 -40.74 -37.56
N TRP C 148 -9.82 -39.75 -37.72
CA TRP C 148 -11.26 -39.96 -37.77
C TRP C 148 -11.71 -40.11 -39.20
N LYS C 149 -12.61 -41.07 -39.44
CA LYS C 149 -13.15 -41.30 -40.77
C LYS C 149 -14.67 -41.35 -40.69
N VAL C 150 -15.33 -40.55 -41.51
CA VAL C 150 -16.78 -40.53 -41.58
C VAL C 150 -17.11 -40.93 -43.01
N ASP C 151 -17.75 -42.10 -43.15
CA ASP C 151 -17.96 -42.73 -44.45
C ASP C 151 -16.67 -42.68 -45.25
N ASN C 152 -15.58 -43.11 -44.62
CA ASN C 152 -14.26 -43.17 -45.25
C ASN C 152 -13.69 -41.80 -45.65
N ALA C 153 -14.26 -40.68 -45.17
CA ALA C 153 -13.71 -39.35 -45.43
C ALA C 153 -13.00 -38.85 -44.17
N LEU C 154 -11.72 -38.52 -44.32
CA LEU C 154 -10.93 -38.10 -43.17
C LEU C 154 -11.43 -36.76 -42.66
N GLN C 155 -11.56 -36.64 -41.35
CA GLN C 155 -12.02 -35.40 -40.73
C GLN C 155 -10.82 -34.60 -40.25
N SER C 156 -10.77 -33.33 -40.61
CA SER C 156 -9.77 -32.43 -40.07
C SER C 156 -10.46 -31.22 -39.48
N GLY C 157 -10.01 -30.83 -38.29
CA GLY C 157 -10.43 -29.58 -37.71
C GLY C 157 -11.67 -29.62 -36.85
N ASN C 158 -12.25 -30.79 -36.62
CA ASN C 158 -13.44 -30.87 -35.79
C ASN C 158 -13.28 -31.94 -34.72
N SER C 159 -12.06 -32.21 -34.33
CA SER C 159 -11.81 -33.11 -33.23
C SER C 159 -10.86 -32.44 -32.27
N GLN C 160 -10.94 -32.82 -31.00
CA GLN C 160 -9.98 -32.39 -30.01
C GLN C 160 -9.59 -33.62 -29.22
N GLU C 161 -8.31 -33.73 -28.86
CA GLU C 161 -7.89 -34.86 -28.05
C GLU C 161 -7.23 -34.33 -26.79
N SER C 162 -7.07 -35.22 -25.82
CA SER C 162 -6.63 -34.86 -24.47
C SER C 162 -5.94 -36.07 -23.85
N VAL C 163 -4.81 -35.83 -23.19
CA VAL C 163 -3.94 -36.91 -22.72
C VAL C 163 -3.78 -36.84 -21.22
N THR C 164 -3.93 -37.98 -20.55
CA THR C 164 -3.76 -38.02 -19.10
C THR C 164 -2.29 -37.90 -18.72
N GLU C 165 -2.05 -37.48 -17.48
CA GLU C 165 -0.70 -37.49 -16.96
C GLU C 165 -0.25 -38.93 -16.79
N GLN C 166 1.07 -39.13 -16.87
CA GLN C 166 1.61 -40.47 -16.80
C GLN C 166 1.18 -41.12 -15.49
N ASP C 167 0.86 -42.41 -15.57
CA ASP C 167 0.32 -43.12 -14.42
C ASP C 167 1.40 -43.39 -13.37
N SER C 168 0.99 -43.34 -12.10
CA SER C 168 1.93 -43.56 -11.00
C SER C 168 2.40 -45.01 -10.96
N LYS C 169 1.47 -45.96 -11.09
CA LYS C 169 1.79 -47.37 -11.08
C LYS C 169 2.16 -47.87 -12.49
N ASP C 170 1.22 -47.77 -13.43
CA ASP C 170 1.44 -48.25 -14.79
C ASP C 170 2.62 -47.57 -15.49
N SER C 171 2.81 -46.27 -15.23
CA SER C 171 3.67 -45.38 -16.03
C SER C 171 3.20 -45.25 -17.48
N THR C 172 1.93 -45.54 -17.75
CA THR C 172 1.38 -45.45 -19.09
C THR C 172 0.51 -44.20 -19.24
N TYR C 173 0.15 -43.90 -20.49
CA TYR C 173 -0.66 -42.76 -20.86
C TYR C 173 -2.02 -43.24 -21.34
N SER C 174 -3.01 -42.36 -21.26
CA SER C 174 -4.32 -42.59 -21.83
C SER C 174 -4.78 -41.36 -22.59
N LEU C 175 -5.48 -41.58 -23.72
CA LEU C 175 -5.90 -40.51 -24.59
C LEU C 175 -7.37 -40.65 -24.95
N SER C 176 -8.06 -39.52 -25.05
CA SER C 176 -9.39 -39.50 -25.64
C SER C 176 -9.42 -38.46 -26.73
N SER C 177 -10.01 -38.84 -27.88
CA SER C 177 -10.23 -37.95 -28.99
C SER C 177 -11.73 -37.82 -29.21
N THR C 178 -12.20 -36.59 -29.30
CA THR C 178 -13.62 -36.33 -29.38
C THR C 178 -13.89 -35.64 -30.71
N LEU C 179 -14.77 -36.23 -31.52
CA LEU C 179 -15.15 -35.67 -32.81
C LEU C 179 -16.54 -35.06 -32.68
N THR C 180 -16.70 -33.82 -33.13
CA THR C 180 -17.93 -33.06 -32.91
C THR C 180 -18.58 -32.71 -34.25
N LEU C 181 -19.85 -33.11 -34.42
CA LEU C 181 -20.65 -32.77 -35.60
C LEU C 181 -21.99 -32.21 -35.15
N SER C 182 -22.71 -31.62 -36.10
CA SER C 182 -24.11 -31.33 -35.86
C SER C 182 -24.94 -32.57 -36.13
N LYS C 183 -26.11 -32.64 -35.46
CA LYS C 183 -26.99 -33.77 -35.65
C LYS C 183 -27.29 -33.99 -37.14
N ALA C 184 -27.61 -32.90 -37.84
CA ALA C 184 -27.81 -32.94 -39.29
C ALA C 184 -26.70 -33.71 -39.98
N ASP C 185 -25.45 -33.21 -39.85
CA ASP C 185 -24.32 -33.87 -40.48
C ASP C 185 -24.17 -35.30 -40.01
N TYR C 186 -24.40 -35.55 -38.72
CA TYR C 186 -24.18 -36.90 -38.19
C TYR C 186 -25.15 -37.90 -38.82
N GLU C 187 -26.41 -37.51 -38.99
CA GLU C 187 -27.41 -38.41 -39.56
C GLU C 187 -27.26 -38.56 -41.07
N LYS C 188 -26.38 -37.80 -41.70
CA LYS C 188 -26.17 -37.93 -43.13
C LYS C 188 -25.16 -39.04 -43.48
N HIS C 189 -24.63 -39.76 -42.50
CA HIS C 189 -23.57 -40.73 -42.79
C HIS C 189 -23.74 -41.95 -41.92
N LYS C 190 -23.14 -43.05 -42.36
CA LYS C 190 -23.28 -44.34 -41.73
C LYS C 190 -22.03 -44.79 -40.97
N VAL C 191 -20.85 -44.81 -41.58
CA VAL C 191 -19.68 -45.46 -40.96
C VAL C 191 -18.82 -44.42 -40.26
N TYR C 192 -18.60 -44.65 -38.96
CA TYR C 192 -17.86 -43.74 -38.09
C TYR C 192 -16.68 -44.50 -37.52
N ALA C 193 -15.48 -44.10 -37.89
CA ALA C 193 -14.30 -44.92 -37.63
C ALA C 193 -13.19 -44.09 -37.03
N CYS C 194 -12.46 -44.72 -36.14
CA CYS C 194 -11.33 -44.15 -35.42
C CYS C 194 -10.12 -45.03 -35.72
N GLU C 195 -9.08 -44.44 -36.28
CA GLU C 195 -7.89 -45.19 -36.69
C GLU C 195 -6.67 -44.77 -35.87
N VAL C 196 -6.01 -45.75 -35.26
CA VAL C 196 -5.01 -45.51 -34.24
C VAL C 196 -3.67 -46.08 -34.68
N THR C 197 -2.66 -45.22 -34.81
CA THR C 197 -1.28 -45.62 -35.06
C THR C 197 -0.43 -45.42 -33.82
N HIS C 198 0.41 -46.42 -33.53
CA HIS C 198 1.24 -46.42 -32.33
C HIS C 198 2.37 -47.43 -32.49
N GLN C 199 3.51 -47.10 -31.89
CA GLN C 199 4.69 -47.98 -31.87
C GLN C 199 4.36 -49.44 -31.59
N GLY C 200 3.55 -49.68 -30.57
CA GLY C 200 3.21 -51.01 -30.12
C GLY C 200 2.21 -51.73 -31.00
N LEU C 201 1.72 -51.07 -32.05
CA LEU C 201 0.81 -51.69 -33.01
C LEU C 201 1.57 -52.01 -34.29
N SER C 202 1.49 -53.28 -34.73
CA SER C 202 2.16 -53.69 -35.97
C SER C 202 1.59 -52.94 -37.17
N SER C 203 0.28 -52.87 -37.26
CA SER C 203 -0.43 -52.04 -38.22
C SER C 203 -1.50 -51.25 -37.48
N PRO C 204 -1.97 -50.13 -38.06
CA PRO C 204 -3.00 -49.32 -37.39
C PRO C 204 -4.25 -50.12 -37.07
N VAL C 205 -4.89 -49.75 -35.96
CA VAL C 205 -6.09 -50.40 -35.48
C VAL C 205 -7.27 -49.48 -35.73
N THR C 206 -8.36 -50.05 -36.23
CA THR C 206 -9.58 -49.29 -36.47
C THR C 206 -10.67 -49.82 -35.56
N LYS C 207 -11.42 -48.91 -34.93
CA LYS C 207 -12.70 -49.23 -34.34
C LYS C 207 -13.75 -48.40 -35.05
N SER C 208 -14.77 -49.04 -35.57
CA SER C 208 -15.87 -48.28 -36.14
C SER C 208 -17.20 -48.79 -35.62
N PHE C 209 -18.23 -48.01 -35.94
CA PHE C 209 -19.60 -48.41 -35.75
C PHE C 209 -20.37 -47.91 -36.95
N ASN C 210 -21.51 -48.54 -37.18
CA ASN C 210 -22.47 -48.07 -38.17
C ASN C 210 -23.58 -47.35 -37.41
N ARG C 211 -23.89 -46.13 -37.84
CA ARG C 211 -24.93 -45.37 -37.17
C ARG C 211 -26.24 -46.17 -37.17
N GLY C 212 -26.84 -46.31 -36.01
CA GLY C 212 -28.07 -47.06 -35.91
C GLY C 212 -27.86 -48.44 -35.32
N GLU C 213 -26.98 -49.24 -35.92
CA GLU C 213 -26.76 -50.63 -35.52
C GLU C 213 -26.05 -50.76 -34.16
N ASP D 1 7.98 18.82 12.15
CA ASP D 1 6.51 18.77 11.99
C ASP D 1 5.82 20.13 12.24
N ILE D 2 5.01 20.59 11.30
CA ILE D 2 4.48 21.94 11.41
C ILE D 2 3.34 21.95 12.43
N VAL D 3 3.41 22.85 13.39
CA VAL D 3 2.37 23.10 14.37
C VAL D 3 1.58 24.34 13.96
N MET D 4 0.26 24.25 14.01
CA MET D 4 -0.61 25.39 13.71
C MET D 4 -1.31 25.84 14.97
N THR D 5 -0.89 27.00 15.48
CA THR D 5 -1.43 27.56 16.70
C THR D 5 -2.63 28.43 16.37
N GLN D 6 -3.80 28.03 16.87
CA GLN D 6 -5.05 28.71 16.62
C GLN D 6 -5.50 29.42 17.88
N SER D 7 -6.16 30.57 17.70
CA SER D 7 -6.57 31.45 18.79
C SER D 7 -7.76 32.27 18.35
N PRO D 8 -8.76 32.47 19.21
CA PRO D 8 -8.90 31.96 20.57
C PRO D 8 -9.43 30.53 20.60
N SER D 9 -9.26 29.81 21.70
CA SER D 9 -9.76 28.46 21.79
C SER D 9 -11.27 28.43 21.70
N SER D 10 -11.94 29.38 22.36
CA SER D 10 -13.39 29.55 22.24
C SER D 10 -13.73 31.02 22.05
N LEU D 11 -14.96 31.28 21.65
CA LEU D 11 -15.34 32.61 21.23
C LEU D 11 -16.84 32.76 21.38
N SER D 12 -17.27 33.95 21.77
CA SER D 12 -18.69 34.23 21.99
C SER D 12 -18.98 35.62 21.48
N ALA D 13 -19.77 35.73 20.42
CA ALA D 13 -20.16 37.03 19.89
C ALA D 13 -21.65 37.00 19.60
N SER D 14 -22.23 38.17 19.35
CA SER D 14 -23.66 38.31 19.13
C SER D 14 -23.95 38.33 17.64
N VAL D 15 -25.21 38.12 17.29
CA VAL D 15 -25.56 38.10 15.87
C VAL D 15 -25.13 39.42 15.24
N GLY D 16 -24.67 39.34 13.99
CA GLY D 16 -24.14 40.50 13.29
C GLY D 16 -22.74 40.92 13.71
N ASP D 17 -22.26 40.52 14.88
CA ASP D 17 -20.88 40.81 15.25
C ASP D 17 -19.92 40.27 14.19
N ARG D 18 -18.75 40.87 14.11
CA ARG D 18 -17.72 40.43 13.18
C ARG D 18 -16.66 39.67 13.98
N VAL D 19 -16.30 38.48 13.50
CA VAL D 19 -15.52 37.51 14.27
C VAL D 19 -14.21 37.26 13.54
N THR D 20 -13.12 37.18 14.31
CA THR D 20 -11.78 36.95 13.76
C THR D 20 -11.14 35.77 14.46
N ILE D 21 -10.72 34.76 13.69
CA ILE D 21 -9.85 33.70 14.19
C ILE D 21 -8.50 33.81 13.49
N THR D 22 -7.41 33.63 14.24
CA THR D 22 -6.08 33.67 13.65
C THR D 22 -5.36 32.35 13.86
N CYS D 23 -4.41 32.06 12.99
CA CYS D 23 -3.67 30.80 13.04
C CYS D 23 -2.23 31.07 12.64
N GLN D 24 -1.28 30.55 13.43
CA GLN D 24 0.12 30.84 13.21
C GLN D 24 0.91 29.54 12.96
N ALA D 25 1.39 29.39 11.73
CA ALA D 25 2.20 28.23 11.37
C ALA D 25 3.60 28.32 11.94
N SER D 26 4.09 27.22 12.51
CA SER D 26 5.47 27.20 13.02
C SER D 26 6.54 27.26 11.87
N GLN D 27 6.15 27.41 10.62
CA GLN D 27 7.05 27.42 9.48
C GLN D 27 6.32 28.06 8.31
N ASP D 28 7.08 28.68 7.41
CA ASP D 28 6.52 29.17 6.16
C ASP D 28 5.74 28.07 5.46
N ILE D 29 4.44 28.27 5.30
CA ILE D 29 3.62 27.38 4.49
C ILE D 29 3.08 28.09 3.24
N ASN D 30 3.58 29.29 2.96
CA ASN D 30 3.16 30.04 1.76
C ASN D 30 1.67 30.34 1.89
N LYS D 31 0.86 30.08 0.87
CA LYS D 31 -0.58 30.31 0.93
C LYS D 31 -1.37 29.04 1.29
N TYR D 32 -0.72 27.96 1.72
CA TYR D 32 -1.38 26.65 1.79
C TYR D 32 -2.02 26.44 3.17
N CYS D 33 -3.03 27.27 3.45
CA CYS D 33 -3.80 27.17 4.68
C CYS D 33 -5.27 27.02 4.33
N ASN D 34 -5.91 26.00 4.87
CA ASN D 34 -7.34 25.78 4.66
C ASN D 34 -8.10 26.02 5.96
N TRP D 35 -9.38 26.36 5.81
CA TRP D 35 -10.26 26.61 6.95
C TRP D 35 -11.50 25.74 6.82
N TYR D 36 -11.83 25.01 7.89
CA TYR D 36 -12.98 24.11 7.90
C TYR D 36 -13.91 24.48 9.03
N GLN D 37 -15.21 24.31 8.80
CA GLN D 37 -16.22 24.48 9.84
C GLN D 37 -16.83 23.11 10.15
N GLN D 38 -17.02 22.85 11.44
CA GLN D 38 -17.59 21.59 11.91
C GLN D 38 -18.76 21.86 12.84
N LYS D 39 -19.98 21.64 12.35
CA LYS D 39 -21.19 21.81 13.15
C LYS D 39 -21.38 20.61 14.06
N PRO D 40 -22.03 20.79 15.22
CA PRO D 40 -22.09 19.71 16.23
C PRO D 40 -22.50 18.36 15.64
N GLY D 41 -21.68 17.34 15.91
CA GLY D 41 -21.95 16.01 15.40
C GLY D 41 -22.06 15.92 13.89
N LYS D 42 -21.21 16.64 13.17
CA LYS D 42 -21.18 16.54 11.72
C LYS D 42 -19.73 16.48 11.25
N ALA D 43 -19.55 16.15 10.00
CA ALA D 43 -18.20 16.12 9.47
C ALA D 43 -17.76 17.53 9.11
N PRO D 44 -16.46 17.81 9.22
CA PRO D 44 -15.96 19.12 8.79
C PRO D 44 -16.42 19.49 7.39
N LYS D 45 -16.52 20.81 7.15
CA LYS D 45 -16.82 21.33 5.83
C LYS D 45 -15.74 22.34 5.44
N LEU D 46 -15.25 22.23 4.22
CA LEU D 46 -14.27 23.18 3.71
C LEU D 46 -14.98 24.48 3.33
N LEU D 47 -14.56 25.60 3.95
CA LEU D 47 -15.03 26.94 3.59
C LEU D 47 -14.02 27.70 2.74
N ILE D 48 -12.77 27.74 3.20
CA ILE D 48 -11.71 28.54 2.61
C ILE D 48 -10.55 27.60 2.26
N TYR D 49 -10.05 27.70 1.03
CA TYR D 49 -8.77 27.07 0.70
C TYR D 49 -7.77 28.11 0.18
N ASP D 50 -6.50 27.74 0.24
CA ASP D 50 -5.35 28.59 -0.14
C ASP D 50 -5.47 30.00 0.44
N ALA D 51 -5.62 30.02 1.76
CA ALA D 51 -5.66 31.26 2.53
C ALA D 51 -6.92 32.09 2.31
N SER D 52 -7.39 32.24 1.05
CA SER D 52 -8.40 33.27 0.79
C SER D 52 -9.47 32.91 -0.23
N ASN D 53 -9.53 31.69 -0.74
CA ASN D 53 -10.50 31.32 -1.77
C ASN D 53 -11.73 30.68 -1.14
N LEU D 54 -12.90 31.12 -1.59
CA LEU D 54 -14.16 30.57 -1.11
C LEU D 54 -14.51 29.31 -1.87
N GLU D 55 -15.01 28.30 -1.16
CA GLU D 55 -15.62 27.18 -1.85
C GLU D 55 -16.93 27.63 -2.49
N THR D 56 -17.27 27.00 -3.61
CA THR D 56 -18.56 27.23 -4.23
C THR D 56 -19.67 26.96 -3.22
N GLY D 57 -20.70 27.82 -3.23
CA GLY D 57 -21.81 27.67 -2.32
C GLY D 57 -21.60 28.26 -0.93
N VAL D 58 -20.38 28.66 -0.57
CA VAL D 58 -20.13 29.17 0.78
C VAL D 58 -20.49 30.65 0.83
N PRO D 59 -21.25 31.09 1.83
CA PRO D 59 -21.71 32.49 1.88
C PRO D 59 -20.56 33.49 1.81
N SER D 60 -20.90 34.68 1.33
CA SER D 60 -19.89 35.72 1.16
C SER D 60 -19.34 36.24 2.48
N ARG D 61 -20.08 36.10 3.58
CA ARG D 61 -19.64 36.68 4.85
C ARG D 61 -18.42 36.00 5.44
N PHE D 62 -17.93 34.92 4.84
CA PHE D 62 -16.74 34.22 5.31
C PHE D 62 -15.56 34.67 4.49
N SER D 63 -14.41 34.83 5.14
CA SER D 63 -13.26 35.30 4.39
C SER D 63 -11.99 34.90 5.12
N GLY D 64 -10.92 34.78 4.35
CA GLY D 64 -9.62 34.50 4.93
C GLY D 64 -8.56 35.24 4.16
N SER D 65 -7.47 35.54 4.84
CA SER D 65 -6.31 36.18 4.23
C SER D 65 -5.05 35.60 4.88
N GLY D 66 -3.92 35.82 4.23
CA GLY D 66 -2.63 35.46 4.80
C GLY D 66 -1.69 34.81 3.81
N SER D 67 -0.39 34.87 4.13
CA SER D 67 0.63 34.07 3.49
C SER D 67 1.88 34.08 4.36
N GLY D 68 2.69 33.04 4.19
CA GLY D 68 3.85 32.84 5.02
C GLY D 68 3.52 32.02 6.25
N THR D 69 3.27 32.69 7.37
CA THR D 69 2.97 31.99 8.61
C THR D 69 1.76 32.52 9.34
N ASP D 70 1.21 33.67 8.94
CA ASP D 70 0.16 34.33 9.72
C ASP D 70 -1.11 34.43 8.89
N PHE D 71 -2.17 33.80 9.37
CA PHE D 71 -3.43 33.67 8.66
C PHE D 71 -4.57 34.08 9.58
N THR D 72 -5.63 34.62 8.98
CA THR D 72 -6.80 35.04 9.72
C THR D 72 -8.03 34.63 8.92
N PHE D 73 -9.07 34.27 9.66
CA PHE D 73 -10.34 33.80 9.14
C PHE D 73 -11.40 34.69 9.75
N THR D 74 -12.29 35.20 8.92
CA THR D 74 -13.18 36.27 9.36
C THR D 74 -14.60 35.97 8.96
N ILE D 75 -15.52 36.14 9.91
CA ILE D 75 -16.96 36.11 9.65
C ILE D 75 -17.44 37.54 9.83
N ASN D 76 -17.96 38.12 8.74
CA ASN D 76 -18.45 39.49 8.75
C ASN D 76 -19.64 39.64 9.68
N SER D 77 -20.77 39.06 9.30
CA SER D 77 -21.98 39.07 10.11
C SER D 77 -22.20 37.67 10.69
N LEU D 78 -21.71 37.45 11.91
CA LEU D 78 -22.06 36.24 12.65
C LEU D 78 -23.54 35.91 12.53
N GLN D 79 -23.83 34.64 12.25
CA GLN D 79 -25.20 34.21 12.04
C GLN D 79 -25.56 33.11 13.04
N PRO D 80 -26.84 32.79 13.21
CA PRO D 80 -27.16 31.71 14.17
C PRO D 80 -26.63 30.38 13.70
N GLU D 81 -26.78 30.05 12.42
CA GLU D 81 -26.26 28.82 11.84
C GLU D 81 -24.76 28.65 12.04
N ASP D 82 -24.03 29.75 12.22
CA ASP D 82 -22.58 29.66 12.23
C ASP D 82 -22.02 29.07 13.51
N ILE D 83 -22.85 28.65 14.47
CA ILE D 83 -22.30 27.97 15.64
C ILE D 83 -21.61 26.70 15.16
N ALA D 84 -20.34 26.57 15.50
CA ALA D 84 -19.50 25.51 14.97
C ALA D 84 -18.17 25.58 15.68
N THR D 85 -17.32 24.60 15.39
CA THR D 85 -15.90 24.71 15.63
C THR D 85 -15.21 24.89 14.29
N TYR D 86 -14.21 25.76 14.26
CA TYR D 86 -13.54 26.12 13.03
C TYR D 86 -12.08 25.72 13.16
N TYR D 87 -11.55 25.14 12.10
CA TYR D 87 -10.19 24.63 12.11
C TYR D 87 -9.42 25.25 10.96
N CYS D 88 -8.19 25.67 11.25
CA CYS D 88 -7.21 25.88 10.20
C CYS D 88 -6.43 24.60 9.97
N GLN D 89 -5.75 24.53 8.82
CA GLN D 89 -5.02 23.34 8.40
C GLN D 89 -3.95 23.79 7.43
N GLN D 90 -2.73 23.32 7.62
CA GLN D 90 -1.70 23.43 6.59
C GLN D 90 -1.67 22.11 5.82
N TYR D 91 -1.83 22.18 4.52
CA TYR D 91 -2.03 20.97 3.74
C TYR D 91 -0.94 20.77 2.71
N ASP D 92 0.17 21.47 2.86
CA ASP D 92 1.21 21.36 1.85
C ASP D 92 2.40 20.52 2.30
N ASN D 93 2.54 20.28 3.58
CA ASN D 93 3.76 19.74 4.15
C ASN D 93 3.48 18.42 4.88
N LEU D 94 4.23 17.39 4.56
CA LEU D 94 4.08 16.06 5.17
C LEU D 94 4.52 16.03 6.63
N PRO D 95 3.62 15.83 7.61
CA PRO D 95 2.17 15.58 7.51
C PRO D 95 1.34 16.83 7.65
N PRO D 96 0.19 16.84 6.96
CA PRO D 96 -0.72 17.99 7.10
C PRO D 96 -1.23 18.07 8.53
N THR D 97 -1.39 19.29 9.02
CA THR D 97 -1.70 19.43 10.43
C THR D 97 -2.72 20.52 10.65
N PHE D 98 -3.60 20.27 11.61
CA PHE D 98 -4.70 21.14 11.97
C PHE D 98 -4.36 21.95 13.22
N GLY D 99 -5.02 23.10 13.36
CA GLY D 99 -5.01 23.79 14.63
C GLY D 99 -6.02 23.17 15.60
N GLY D 100 -5.83 23.46 16.88
CA GLY D 100 -6.73 23.02 17.95
C GLY D 100 -8.17 23.54 17.87
N GLY D 101 -8.48 24.49 16.99
CA GLY D 101 -9.86 24.84 16.70
C GLY D 101 -10.42 25.94 17.58
N THR D 102 -11.46 26.60 17.08
CA THR D 102 -12.18 27.64 17.82
C THR D 102 -13.67 27.31 17.88
N LYS D 103 -14.23 27.17 19.07
CA LYS D 103 -15.67 26.99 19.20
C LYS D 103 -16.33 28.37 19.22
N VAL D 104 -17.21 28.62 18.25
CA VAL D 104 -17.91 29.89 18.13
C VAL D 104 -19.34 29.72 18.61
N GLU D 105 -19.68 30.42 19.70
CA GLU D 105 -21.00 30.43 20.30
C GLU D 105 -21.71 31.76 20.03
N ILE D 106 -23.03 31.78 20.20
CA ILE D 106 -23.84 32.96 19.91
C ILE D 106 -24.30 33.58 21.23
N LYS D 107 -23.98 34.86 21.41
CA LYS D 107 -24.55 35.64 22.50
C LYS D 107 -25.95 36.09 22.12
N ARG D 108 -26.81 36.20 23.15
CA ARG D 108 -28.25 36.27 22.90
C ARG D 108 -28.93 36.97 24.08
N THR D 109 -30.19 37.33 23.87
CA THR D 109 -31.05 37.85 24.94
C THR D 109 -31.47 36.71 25.86
N VAL D 110 -31.56 37.02 27.16
CA VAL D 110 -31.97 36.03 28.15
C VAL D 110 -33.26 35.35 27.73
N ALA D 111 -33.33 34.05 27.94
CA ALA D 111 -34.57 33.28 27.85
C ALA D 111 -34.66 32.37 29.06
N ALA D 112 -35.88 31.93 29.36
CA ALA D 112 -36.10 31.18 30.58
C ALA D 112 -36.30 29.72 30.26
N PRO D 113 -35.82 28.81 31.13
CA PRO D 113 -36.09 27.39 30.93
C PRO D 113 -37.54 27.07 31.24
N SER D 114 -38.19 26.33 30.36
CA SER D 114 -39.49 25.74 30.65
C SER D 114 -39.27 24.31 31.19
N VAL D 115 -39.52 24.12 32.49
CA VAL D 115 -39.06 22.96 33.24
C VAL D 115 -40.12 21.85 33.23
N PHE D 116 -39.67 20.62 33.00
CA PHE D 116 -40.50 19.44 33.14
C PHE D 116 -39.85 18.46 34.10
N ILE D 117 -40.64 17.49 34.57
CA ILE D 117 -40.15 16.44 35.46
C ILE D 117 -40.81 15.14 35.05
N PHE D 118 -40.10 14.03 35.24
CA PHE D 118 -40.52 12.73 34.73
C PHE D 118 -40.40 11.64 35.79
N PRO D 119 -41.50 10.96 36.12
CA PRO D 119 -41.42 9.86 37.08
C PRO D 119 -40.76 8.65 36.45
N PRO D 120 -40.07 7.83 37.24
CA PRO D 120 -39.62 6.53 36.73
C PRO D 120 -40.79 5.66 36.34
N SER D 121 -40.65 4.95 35.22
CA SER D 121 -41.73 4.16 34.65
C SER D 121 -41.80 2.80 35.35
N ASP D 122 -42.91 2.08 35.10
CA ASP D 122 -43.09 0.77 35.68
C ASP D 122 -41.97 -0.19 35.27
N GLU D 123 -41.71 -0.30 33.96
CA GLU D 123 -40.64 -1.15 33.45
C GLU D 123 -39.35 -0.96 34.24
N GLN D 124 -38.88 0.28 34.35
CA GLN D 124 -37.61 0.49 35.04
C GLN D 124 -37.72 0.11 36.52
N LEU D 125 -38.91 0.24 37.10
CA LEU D 125 -39.05 -0.05 38.53
C LEU D 125 -39.00 -1.55 38.83
N LYS D 126 -39.56 -2.37 37.94
CA LYS D 126 -39.45 -3.82 38.10
C LYS D 126 -38.08 -4.36 37.72
N SER D 127 -37.12 -3.47 37.45
CA SER D 127 -35.75 -3.86 37.16
C SER D 127 -34.77 -3.56 38.29
N GLY D 128 -35.18 -2.79 39.30
CA GLY D 128 -34.34 -2.49 40.45
C GLY D 128 -33.87 -1.06 40.54
N THR D 129 -34.13 -0.23 39.53
CA THR D 129 -33.53 1.09 39.45
C THR D 129 -34.60 2.17 39.23
N ALA D 130 -34.38 3.32 39.87
CA ALA D 130 -35.24 4.49 39.74
C ALA D 130 -34.48 5.61 39.03
N SER D 131 -35.06 6.13 37.94
CA SER D 131 -34.49 7.25 37.20
C SER D 131 -35.50 8.40 37.14
N VAL D 132 -35.26 9.43 37.92
CA VAL D 132 -36.05 10.66 37.87
C VAL D 132 -35.30 11.65 36.98
N VAL D 133 -35.93 12.09 35.90
CA VAL D 133 -35.32 13.01 34.95
C VAL D 133 -35.99 14.38 35.06
N CYS D 134 -35.18 15.43 34.91
CA CYS D 134 -35.65 16.81 34.97
C CYS D 134 -35.21 17.52 33.70
N LEU D 135 -36.17 17.96 32.90
CA LEU D 135 -35.88 18.60 31.62
C LEU D 135 -35.94 20.13 31.75
N LEU D 136 -34.95 20.80 31.18
CA LEU D 136 -34.90 22.26 31.08
C LEU D 136 -34.81 22.62 29.61
N ASN D 137 -35.89 23.12 29.02
CA ASN D 137 -35.92 23.35 27.57
C ASN D 137 -35.69 24.83 27.21
N ASN D 138 -34.92 25.03 26.11
CA ASN D 138 -34.67 26.29 25.41
C ASN D 138 -34.44 27.51 26.30
N PHE D 139 -33.29 27.54 26.96
CA PHE D 139 -32.90 28.66 27.80
C PHE D 139 -31.59 29.26 27.30
N TYR D 140 -31.19 30.37 27.95
CA TYR D 140 -29.95 31.11 27.73
C TYR D 140 -29.83 32.14 28.85
N PRO D 141 -28.67 32.26 29.52
CA PRO D 141 -27.38 31.59 29.27
C PRO D 141 -27.35 30.09 29.62
N ARG D 142 -26.22 29.42 29.37
CA ARG D 142 -26.15 27.98 29.60
C ARG D 142 -26.12 27.65 31.08
N GLU D 143 -25.63 28.57 31.90
CA GLU D 143 -25.55 28.32 33.33
C GLU D 143 -26.94 28.09 33.87
N ALA D 144 -27.08 27.06 34.69
CA ALA D 144 -28.31 26.81 35.42
C ALA D 144 -27.91 26.01 36.65
N LYS D 145 -28.86 25.79 37.54
CA LYS D 145 -28.56 25.12 38.80
C LYS D 145 -29.78 24.29 39.19
N VAL D 146 -29.73 23.01 38.83
CA VAL D 146 -30.78 22.08 39.19
C VAL D 146 -30.41 21.39 40.49
N GLN D 147 -31.30 21.45 41.47
CA GLN D 147 -31.20 20.68 42.69
C GLN D 147 -32.32 19.65 42.74
N TRP D 148 -32.10 18.60 43.51
CA TRP D 148 -33.07 17.53 43.67
C TRP D 148 -33.45 17.47 45.14
N LYS D 149 -34.76 17.41 45.40
CA LYS D 149 -35.29 17.42 46.75
C LYS D 149 -36.17 16.17 46.92
N VAL D 150 -35.70 15.23 47.72
CA VAL D 150 -36.46 14.05 48.08
C VAL D 150 -36.96 14.24 49.50
N ASP D 151 -38.26 14.46 49.65
CA ASP D 151 -38.87 14.81 50.94
C ASP D 151 -38.20 16.05 51.53
N ASN D 152 -38.01 17.06 50.68
CA ASN D 152 -37.34 18.30 51.06
C ASN D 152 -35.96 18.06 51.67
N ALA D 153 -35.33 16.94 51.30
CA ALA D 153 -33.93 16.68 51.65
C ALA D 153 -33.07 16.95 50.42
N LEU D 154 -31.91 17.56 50.62
CA LEU D 154 -31.07 17.99 49.52
C LEU D 154 -30.20 16.84 49.03
N GLN D 155 -30.44 16.40 47.78
CA GLN D 155 -29.65 15.33 47.17
C GLN D 155 -28.24 15.82 46.87
N SER D 156 -27.27 14.93 47.04
CA SER D 156 -25.88 15.29 46.83
C SER D 156 -25.15 14.04 46.39
N GLY D 157 -24.70 14.01 45.14
CA GLY D 157 -24.02 12.86 44.56
C GLY D 157 -24.89 11.98 43.71
N ASN D 158 -26.20 12.18 43.74
CA ASN D 158 -27.19 11.24 43.21
C ASN D 158 -27.43 11.39 41.72
N SER D 159 -26.88 12.41 41.08
CA SER D 159 -27.39 12.86 39.79
C SER D 159 -26.24 13.28 38.89
N GLN D 160 -26.51 13.24 37.59
CA GLN D 160 -25.62 13.83 36.59
C GLN D 160 -26.47 14.48 35.51
N GLU D 161 -25.93 15.52 34.89
CA GLU D 161 -26.69 16.23 33.87
C GLU D 161 -25.98 16.19 32.53
N SER D 162 -26.73 16.58 31.50
CA SER D 162 -26.22 16.64 30.13
C SER D 162 -26.83 17.86 29.44
N VAL D 163 -25.98 18.71 28.90
CA VAL D 163 -26.40 19.90 28.17
C VAL D 163 -26.24 19.66 26.68
N THR D 164 -27.21 20.12 25.90
CA THR D 164 -27.11 20.01 24.45
C THR D 164 -26.19 21.12 23.91
N GLU D 165 -25.97 21.07 22.60
CA GLU D 165 -25.26 22.12 21.90
C GLU D 165 -26.24 23.25 21.56
N GLN D 166 -25.70 24.45 21.33
CA GLN D 166 -26.52 25.57 20.89
C GLN D 166 -27.39 25.17 19.69
N ASP D 167 -28.60 25.70 19.65
CA ASP D 167 -29.47 25.44 18.51
C ASP D 167 -29.09 26.34 17.34
N SER D 168 -29.10 25.76 16.14
CA SER D 168 -28.81 26.52 14.92
C SER D 168 -29.86 27.58 14.61
N LYS D 169 -30.97 27.60 15.35
CA LYS D 169 -32.03 28.58 15.14
C LYS D 169 -32.11 29.54 16.33
N ASP D 170 -32.63 29.08 17.47
CA ASP D 170 -32.92 29.98 18.60
C ASP D 170 -31.71 30.29 19.45
N SER D 171 -30.57 29.63 19.21
CA SER D 171 -29.34 29.83 19.97
C SER D 171 -29.56 29.55 21.45
N THR D 172 -30.49 28.64 21.74
CA THR D 172 -30.84 28.18 23.07
C THR D 172 -30.17 26.84 23.38
N TYR D 173 -29.99 26.56 24.66
CA TYR D 173 -29.51 25.26 25.10
C TYR D 173 -30.66 24.37 25.58
N SER D 174 -30.31 23.28 26.27
CA SER D 174 -31.25 22.42 26.96
C SER D 174 -30.43 21.56 27.90
N LEU D 175 -30.91 21.40 29.13
CA LEU D 175 -30.29 20.55 30.13
C LEU D 175 -31.18 19.36 30.39
N SER D 176 -30.63 18.38 31.10
CA SER D 176 -31.42 17.25 31.61
C SER D 176 -30.68 16.69 32.81
N SER D 177 -31.31 16.75 33.97
CA SER D 177 -30.70 16.23 35.20
C SER D 177 -31.39 14.91 35.55
N THR D 178 -30.64 13.80 35.54
CA THR D 178 -31.17 12.49 35.91
C THR D 178 -30.76 12.17 37.34
N LEU D 179 -31.74 11.77 38.15
CA LEU D 179 -31.52 11.31 39.52
C LEU D 179 -31.73 9.79 39.57
N THR D 180 -30.75 9.06 40.12
CA THR D 180 -30.79 7.61 40.15
C THR D 180 -30.78 7.11 41.59
N LEU D 181 -31.76 6.27 41.92
CA LEU D 181 -31.86 5.63 43.22
C LEU D 181 -32.17 4.16 42.99
N SER D 182 -31.92 3.34 44.00
CA SER D 182 -32.44 1.99 43.91
C SER D 182 -33.93 2.01 44.16
N LYS D 183 -34.63 0.99 43.63
CA LYS D 183 -36.07 0.92 43.86
C LYS D 183 -36.35 0.93 45.36
N ALA D 184 -35.56 0.18 46.13
CA ALA D 184 -35.68 0.18 47.58
C ALA D 184 -35.66 1.60 48.14
N ASP D 185 -34.72 2.44 47.69
CA ASP D 185 -34.61 3.81 48.19
C ASP D 185 -35.71 4.71 47.66
N TYR D 186 -36.05 4.56 46.38
CA TYR D 186 -37.15 5.32 45.82
C TYR D 186 -38.47 4.97 46.47
N GLU D 187 -38.58 3.79 47.10
CA GLU D 187 -39.84 3.35 47.68
C GLU D 187 -40.12 3.97 49.05
N LYS D 188 -39.11 4.48 49.74
CA LYS D 188 -39.26 4.95 51.12
C LYS D 188 -39.53 6.46 51.21
N HIS D 189 -39.78 7.13 50.10
CA HIS D 189 -39.97 8.57 50.14
C HIS D 189 -41.13 8.96 49.23
N LYS D 190 -41.63 10.19 49.42
CA LYS D 190 -42.86 10.66 48.79
C LYS D 190 -42.67 11.84 47.86
N VAL D 191 -41.86 12.83 48.24
CA VAL D 191 -41.76 14.10 47.52
C VAL D 191 -40.48 14.10 46.70
N TYR D 192 -40.63 14.21 45.37
CA TYR D 192 -39.51 14.33 44.44
C TYR D 192 -39.64 15.66 43.67
N ALA D 193 -38.76 16.60 43.97
CA ALA D 193 -38.84 17.94 43.38
C ALA D 193 -37.53 18.31 42.70
N CYS D 194 -37.66 19.22 41.73
CA CYS D 194 -36.54 19.74 40.94
C CYS D 194 -36.55 21.25 41.04
N GLU D 195 -35.46 21.84 41.56
CA GLU D 195 -35.40 23.28 41.85
C GLU D 195 -34.41 23.98 40.91
N VAL D 196 -34.96 24.66 39.92
CA VAL D 196 -34.22 25.24 38.81
C VAL D 196 -34.03 26.73 39.08
N THR D 197 -32.85 27.14 39.51
CA THR D 197 -32.50 28.55 39.61
C THR D 197 -31.79 28.95 38.32
N HIS D 198 -32.42 29.84 37.54
CA HIS D 198 -31.82 30.34 36.31
C HIS D 198 -32.13 31.83 36.14
N GLN D 199 -31.54 32.43 35.10
CA GLN D 199 -31.62 33.87 34.89
C GLN D 199 -32.98 34.31 34.36
N GLY D 200 -33.59 33.52 33.47
CA GLY D 200 -34.90 33.90 32.97
C GLY D 200 -36.02 33.76 33.97
N LEU D 201 -35.70 33.36 35.20
CA LEU D 201 -36.66 33.15 36.27
C LEU D 201 -36.31 34.08 37.41
N SER D 202 -37.31 34.81 37.92
CA SER D 202 -37.03 35.72 39.03
C SER D 202 -36.93 34.97 40.35
N SER D 203 -37.64 33.84 40.47
CA SER D 203 -37.64 32.97 41.63
C SER D 203 -37.56 31.51 41.18
N PRO D 204 -36.72 30.69 41.83
CA PRO D 204 -36.50 29.30 41.39
C PRO D 204 -37.79 28.50 41.14
N VAL D 205 -38.08 28.19 39.88
CA VAL D 205 -39.23 27.36 39.56
C VAL D 205 -38.99 25.93 40.03
N THR D 206 -40.00 25.33 40.67
CA THR D 206 -39.95 23.95 41.15
C THR D 206 -41.04 23.13 40.48
N LYS D 207 -40.65 22.05 39.82
CA LYS D 207 -41.59 21.05 39.35
C LYS D 207 -41.46 19.81 40.23
N SER D 208 -42.56 19.08 40.40
CA SER D 208 -42.51 17.93 41.28
C SER D 208 -43.68 17.00 40.98
N PHE D 209 -43.73 15.92 41.74
CA PHE D 209 -44.75 14.88 41.67
C PHE D 209 -44.61 14.04 42.94
N ASN D 210 -45.71 13.38 43.29
CA ASN D 210 -45.76 12.51 44.45
C ASN D 210 -45.75 11.06 43.99
N ARG D 211 -45.01 10.22 44.72
CA ARG D 211 -44.82 8.84 44.31
C ARG D 211 -46.16 8.14 44.15
N GLY D 212 -46.39 7.58 42.96
CA GLY D 212 -47.72 7.22 42.54
C GLY D 212 -48.44 8.45 42.01
N GLU D 213 -49.59 8.78 42.59
CA GLU D 213 -50.36 9.93 42.13
C GLU D 213 -50.41 11.03 43.19
N ILE E 8 35.64 38.63 2.53
CA ILE E 8 35.99 38.36 3.93
C ILE E 8 35.30 37.09 4.48
N VAL E 9 35.90 36.49 5.50
CA VAL E 9 35.59 35.14 5.96
C VAL E 9 35.74 35.08 7.47
N ARG E 10 34.67 34.74 8.18
CA ARG E 10 34.74 34.70 9.65
C ARG E 10 34.27 33.33 10.13
N PHE E 11 35.23 32.52 10.59
CA PHE E 11 34.98 31.21 11.17
C PHE E 11 35.39 31.22 12.63
N PRO E 12 34.99 30.22 13.43
CA PRO E 12 35.51 30.11 14.80
C PRO E 12 37.02 29.90 14.80
N ASN E 13 37.60 29.99 15.98
CA ASN E 13 39.04 29.79 16.10
C ASN E 13 39.37 28.35 16.45
N ILE E 14 38.49 27.41 16.12
CA ILE E 14 38.77 25.98 16.27
C ILE E 14 40.06 25.64 15.52
N THR E 15 40.84 24.71 16.08
CA THR E 15 42.08 24.35 15.42
C THR E 15 42.37 22.85 15.41
N ASN E 16 41.74 22.05 16.26
CA ASN E 16 41.90 20.59 16.23
C ASN E 16 41.56 20.02 14.87
N LEU E 17 42.30 18.99 14.44
CA LEU E 17 41.90 18.26 13.24
C LEU E 17 40.78 17.28 13.56
N CYS E 18 39.75 17.25 12.71
CA CYS E 18 38.66 16.29 12.89
C CYS E 18 39.17 14.88 12.59
N PRO E 19 38.83 13.90 13.44
CA PRO E 19 39.44 12.56 13.32
C PRO E 19 38.87 11.66 12.22
N PHE E 20 38.62 12.20 11.03
CA PHE E 20 38.07 11.39 9.95
C PHE E 20 38.99 10.27 9.52
N GLY E 21 40.30 10.41 9.76
CA GLY E 21 41.22 9.36 9.40
C GLY E 21 40.89 8.04 10.06
N GLU E 22 40.63 8.06 11.37
CA GLU E 22 40.36 6.78 12.00
C GLU E 22 38.98 6.24 11.67
N VAL E 23 38.14 7.00 10.98
CA VAL E 23 36.89 6.45 10.50
C VAL E 23 37.07 5.83 9.13
N PHE E 24 37.60 6.59 8.17
CA PHE E 24 37.66 6.08 6.80
C PHE E 24 38.73 5.01 6.65
N ASN E 25 39.78 5.08 7.47
CA ASN E 25 40.98 4.26 7.34
C ASN E 25 41.10 3.21 8.44
N ALA E 26 40.08 3.05 9.27
CA ALA E 26 40.08 2.00 10.30
C ALA E 26 40.28 0.63 9.67
N THR E 27 41.03 -0.23 10.35
CA THR E 27 41.37 -1.49 9.71
C THR E 27 40.20 -2.47 9.76
N ARG E 28 39.40 -2.42 10.81
CA ARG E 28 38.20 -3.23 10.92
C ARG E 28 36.94 -2.38 10.88
N PHE E 29 35.94 -2.82 10.15
CA PHE E 29 34.65 -2.13 10.11
C PHE E 29 33.58 -2.96 10.79
N ALA E 30 32.49 -2.27 11.17
CA ALA E 30 31.34 -2.92 11.78
C ALA E 30 30.45 -3.62 10.75
N SER E 31 29.72 -4.60 11.24
CA SER E 31 28.58 -5.12 10.48
C SER E 31 27.47 -4.07 10.44
N VAL E 32 26.71 -4.10 9.35
CA VAL E 32 25.70 -3.07 9.14
C VAL E 32 24.62 -3.14 10.21
N TYR E 33 24.24 -4.34 10.66
CA TYR E 33 23.25 -4.34 11.74
C TYR E 33 23.79 -3.66 12.99
N ALA E 34 25.11 -3.59 13.12
CA ALA E 34 25.78 -3.09 14.31
C ALA E 34 26.61 -1.85 13.98
N TRP E 35 26.13 -1.06 13.02
CA TRP E 35 26.90 0.04 12.43
C TRP E 35 27.47 0.95 13.51
N ASN E 36 28.67 1.48 13.24
CA ASN E 36 29.34 2.39 14.16
C ASN E 36 28.90 3.82 13.94
N ARG E 37 29.00 4.62 14.99
CA ARG E 37 28.77 6.05 14.90
C ARG E 37 29.90 6.75 15.63
N LYS E 38 30.59 7.64 14.93
CA LYS E 38 31.61 8.50 15.51
C LYS E 38 31.05 9.92 15.56
N ARG E 39 30.96 10.48 16.76
CA ARG E 39 30.51 11.86 16.94
C ARG E 39 31.68 12.82 16.72
N ILE E 40 31.52 13.77 15.79
CA ILE E 40 32.58 14.68 15.40
C ILE E 40 32.21 16.08 15.91
N SER E 41 33.08 16.65 16.73
CA SER E 41 32.80 17.98 17.27
C SER E 41 34.10 18.70 17.59
N ASN E 42 34.00 20.04 17.66
CA ASN E 42 35.07 20.92 18.12
C ASN E 42 36.35 20.68 17.33
N CYS E 43 36.22 20.75 16.01
CA CYS E 43 37.38 20.47 15.17
C CYS E 43 37.12 21.02 13.79
N VAL E 44 38.15 20.93 12.97
CA VAL E 44 38.18 21.49 11.64
C VAL E 44 38.53 20.33 10.71
N ALA E 45 37.72 20.12 9.70
CA ALA E 45 37.87 18.99 8.80
C ALA E 45 38.09 19.51 7.40
N ASP E 46 39.00 18.89 6.66
CA ASP E 46 39.26 19.26 5.28
C ASP E 46 38.53 18.29 4.36
N TYR E 47 37.25 18.57 4.11
CA TYR E 47 36.43 17.64 3.34
C TYR E 47 36.93 17.44 1.91
N SER E 48 37.76 18.34 1.41
CA SER E 48 38.28 18.22 0.04
C SER E 48 39.13 16.97 -0.13
N VAL E 49 39.78 16.52 0.94
CA VAL E 49 40.40 15.21 0.95
C VAL E 49 39.38 14.16 0.54
N LEU E 50 38.14 14.29 1.04
CA LEU E 50 37.15 13.27 0.75
C LEU E 50 36.55 13.45 -0.65
N TYR E 51 35.98 14.63 -0.95
CA TYR E 51 35.21 14.77 -2.18
C TYR E 51 36.08 14.89 -3.43
N ASN E 52 37.40 14.77 -3.30
CA ASN E 52 38.27 14.72 -4.46
C ASN E 52 39.01 13.39 -4.55
N SER E 53 38.83 12.50 -3.59
CA SER E 53 39.58 11.26 -3.58
C SER E 53 39.09 10.31 -4.67
N ALA E 54 40.00 9.50 -5.18
CA ALA E 54 39.67 8.50 -6.18
C ALA E 54 39.38 7.14 -5.56
N SER E 55 39.53 7.02 -4.23
CA SER E 55 39.20 5.76 -3.56
C SER E 55 37.70 5.47 -3.57
N PHE E 56 36.86 6.49 -3.56
CA PHE E 56 35.41 6.30 -3.39
C PHE E 56 34.69 6.10 -4.72
N SER E 57 33.73 5.17 -4.73
CA SER E 57 32.93 4.90 -5.91
C SER E 57 31.55 5.57 -5.85
N THR E 58 31.01 5.83 -4.66
CA THR E 58 29.84 6.70 -4.55
C THR E 58 30.12 7.82 -3.54
N PHE E 59 29.49 8.97 -3.79
CA PHE E 59 29.60 10.18 -2.97
C PHE E 59 28.28 10.95 -3.14
N LYS E 60 27.18 10.37 -2.66
CA LYS E 60 25.85 10.98 -2.78
C LYS E 60 25.64 11.91 -1.60
N CYS E 61 25.44 13.18 -1.88
CA CYS E 61 25.21 14.18 -0.83
C CYS E 61 23.80 14.72 -0.94
N TYR E 62 23.13 14.82 0.21
CA TYR E 62 21.78 15.31 0.29
C TYR E 62 21.78 16.59 1.11
N GLY E 63 21.06 17.61 0.64
CA GLY E 63 20.94 18.84 1.39
C GLY E 63 22.18 19.71 1.36
N VAL E 64 23.17 19.36 0.54
CA VAL E 64 24.41 20.10 0.46
C VAL E 64 25.11 19.65 -0.82
N SER E 65 26.02 20.47 -1.33
CA SER E 65 26.82 20.05 -2.47
C SER E 65 28.23 19.76 -1.99
N PRO E 66 28.80 18.61 -2.36
CA PRO E 66 30.04 18.17 -1.72
C PRO E 66 31.16 19.19 -1.80
N THR E 67 31.24 20.00 -2.86
CA THR E 67 32.38 20.90 -3.02
C THR E 67 32.25 22.19 -2.22
N LYS E 68 31.01 22.60 -1.91
CA LYS E 68 30.74 23.69 -0.97
C LYS E 68 31.11 23.33 0.47
N LEU E 69 31.61 22.12 0.73
CA LEU E 69 31.74 21.65 2.10
C LEU E 69 32.86 22.33 2.87
N ASN E 70 33.88 22.84 2.18
CA ASN E 70 34.95 23.53 2.89
C ASN E 70 34.58 24.95 3.30
N ASP E 71 33.36 25.43 2.98
CA ASP E 71 32.88 26.76 3.37
C ASP E 71 31.73 26.72 4.37
N LEU E 72 31.44 25.58 4.98
CA LEU E 72 30.31 25.49 5.90
C LEU E 72 30.77 25.16 7.30
N CYS E 73 29.91 25.42 8.25
CA CYS E 73 30.11 24.99 9.62
C CYS E 73 28.84 24.34 10.08
N PHE E 74 28.98 23.41 11.03
CA PHE E 74 27.85 22.71 11.60
C PHE E 74 28.06 22.59 13.09
N THR E 75 26.97 22.28 13.80
CA THR E 75 27.06 22.08 15.24
C THR E 75 27.82 20.80 15.57
N ASN E 76 27.44 19.69 14.94
CA ASN E 76 28.10 18.40 15.11
C ASN E 76 28.02 17.64 13.81
N VAL E 77 29.00 16.79 13.58
CA VAL E 77 28.96 15.86 12.46
C VAL E 77 28.95 14.45 13.04
N TYR E 78 28.12 13.59 12.46
CA TYR E 78 28.09 12.17 12.78
C TYR E 78 28.65 11.41 11.59
N ALA E 79 29.52 10.45 11.86
CA ALA E 79 30.10 9.59 10.83
C ALA E 79 29.69 8.17 11.19
N ASP E 80 28.77 7.60 10.42
CA ASP E 80 28.37 6.22 10.63
C ASP E 80 29.10 5.36 9.61
N SER E 81 29.52 4.16 10.02
CA SER E 81 30.28 3.31 9.12
C SER E 81 29.90 1.85 9.31
N PHE E 82 30.01 1.08 8.23
CA PHE E 82 29.62 -0.33 8.19
C PHE E 82 30.01 -0.90 6.83
N VAL E 83 29.75 -2.20 6.66
CA VAL E 83 30.01 -2.92 5.42
C VAL E 83 28.71 -3.56 4.95
N ILE E 84 28.50 -3.54 3.63
CA ILE E 84 27.34 -4.15 2.98
C ILE E 84 27.81 -4.72 1.64
N ARG E 85 26.92 -5.45 0.98
CA ARG E 85 27.20 -5.86 -0.39
C ARG E 85 27.27 -4.63 -1.29
N GLY E 86 27.91 -4.79 -2.45
CA GLY E 86 27.99 -3.67 -3.38
C GLY E 86 26.65 -3.24 -3.94
N ASP E 87 25.83 -4.19 -4.39
CA ASP E 87 24.58 -3.78 -5.00
C ASP E 87 23.53 -3.36 -3.96
N GLU E 88 23.89 -3.26 -2.68
CA GLU E 88 23.04 -2.70 -1.65
C GLU E 88 23.36 -1.24 -1.36
N VAL E 89 24.46 -0.73 -1.91
CA VAL E 89 24.85 0.66 -1.65
C VAL E 89 23.72 1.60 -1.97
N ARG E 90 23.02 1.34 -3.09
CA ARG E 90 21.87 2.17 -3.49
C ARG E 90 20.81 2.25 -2.40
N GLN E 91 20.74 1.28 -1.50
CA GLN E 91 19.75 1.34 -0.45
C GLN E 91 20.12 2.27 0.68
N ILE E 92 21.35 2.75 0.77
CA ILE E 92 21.69 3.72 1.82
C ILE E 92 21.32 5.09 1.25
N ALA E 93 20.02 5.40 1.35
CA ALA E 93 19.48 6.62 0.78
C ALA E 93 18.13 6.88 1.42
N PRO E 94 17.71 8.14 1.49
CA PRO E 94 16.36 8.44 2.02
C PRO E 94 15.29 7.87 1.13
N GLY E 95 14.29 7.25 1.75
CA GLY E 95 13.13 6.76 1.04
C GLY E 95 13.26 5.36 0.51
N GLN E 96 14.44 4.76 0.60
CA GLN E 96 14.66 3.42 0.12
C GLN E 96 13.94 2.40 1.01
N THR E 97 13.56 1.26 0.43
CA THR E 97 12.97 0.15 1.17
C THR E 97 13.89 -1.05 1.05
N GLY E 98 13.63 -2.09 1.84
CA GLY E 98 14.36 -3.34 1.72
C GLY E 98 14.91 -3.81 3.05
N LYS E 99 15.59 -4.96 2.99
CA LYS E 99 16.17 -5.59 4.18
C LYS E 99 17.10 -4.62 4.93
N ILE E 100 17.99 -3.96 4.19
CA ILE E 100 18.97 -3.09 4.82
C ILE E 100 18.31 -1.82 5.30
N ALA E 101 17.62 -1.12 4.40
CA ALA E 101 17.07 0.17 4.79
C ALA E 101 15.96 0.04 5.83
N ASP E 102 15.22 -1.08 5.85
CA ASP E 102 14.15 -1.22 6.84
C ASP E 102 14.63 -1.84 8.14
N TYR E 103 15.62 -2.74 8.09
CA TYR E 103 15.94 -3.57 9.25
C TYR E 103 17.37 -3.41 9.77
N ASN E 104 18.18 -2.54 9.18
CA ASN E 104 19.58 -2.43 9.57
C ASN E 104 20.02 -0.97 9.74
N TYR E 105 19.77 -0.14 8.73
CA TYR E 105 20.25 1.23 8.77
C TYR E 105 19.33 2.09 7.92
N LYS E 106 18.61 3.02 8.55
CA LYS E 106 17.60 3.80 7.86
C LYS E 106 17.90 5.30 7.95
N LEU E 107 17.74 6.00 6.85
CA LEU E 107 17.98 7.44 6.78
C LEU E 107 16.68 8.24 6.88
N PRO E 108 16.71 9.45 7.44
CA PRO E 108 15.46 10.20 7.59
C PRO E 108 14.99 10.82 6.28
N ASP E 109 13.69 11.15 6.26
CA ASP E 109 13.09 11.98 5.22
C ASP E 109 14.03 13.08 4.76
N ASP E 110 14.53 13.85 5.72
CA ASP E 110 15.19 15.12 5.50
C ASP E 110 16.69 15.02 5.75
N PHE E 111 17.27 13.89 5.41
CA PHE E 111 18.69 13.67 5.60
C PHE E 111 19.52 14.82 5.02
N THR E 112 20.46 15.31 5.81
CA THR E 112 21.49 16.21 5.30
C THR E 112 22.85 15.57 5.56
N GLY E 113 23.52 15.17 4.49
CA GLY E 113 24.82 14.54 4.61
C GLY E 113 25.23 13.84 3.33
N CYS E 114 26.29 13.04 3.45
CA CYS E 114 26.85 12.36 2.30
C CYS E 114 27.00 10.87 2.58
N VAL E 115 26.71 10.09 1.56
CA VAL E 115 26.93 8.66 1.61
C VAL E 115 28.17 8.38 0.77
N ILE E 116 29.15 7.77 1.40
CA ILE E 116 30.47 7.56 0.82
C ILE E 116 30.78 6.06 0.84
N ALA E 117 31.14 5.50 -0.31
CA ALA E 117 31.38 4.06 -0.32
C ALA E 117 32.52 3.71 -1.28
N TRP E 118 33.18 2.59 -1.00
CA TRP E 118 34.26 2.10 -1.86
C TRP E 118 34.36 0.59 -1.76
N ASN E 119 34.63 -0.04 -2.90
CA ASN E 119 34.88 -1.47 -2.92
C ASN E 119 35.99 -1.83 -1.94
N SER E 120 35.80 -2.93 -1.20
CA SER E 120 36.75 -3.35 -0.18
C SER E 120 36.99 -4.86 -0.21
N ASN E 121 36.88 -5.45 -1.40
CA ASN E 121 37.07 -6.89 -1.56
C ASN E 121 38.45 -7.34 -1.08
N ASN E 122 39.50 -6.56 -1.38
CA ASN E 122 40.84 -6.93 -0.94
C ASN E 122 40.90 -7.09 0.59
N LEU E 123 40.25 -6.20 1.33
CA LEU E 123 40.39 -6.23 2.78
C LEU E 123 39.38 -7.14 3.49
N ASP E 124 38.22 -7.43 2.90
CA ASP E 124 37.09 -7.92 3.68
C ASP E 124 36.56 -9.28 3.23
N SER E 125 37.11 -9.86 2.18
CA SER E 125 36.77 -11.20 1.77
C SER E 125 37.94 -12.14 2.07
N LYS E 126 37.62 -13.35 2.51
CA LYS E 126 38.60 -14.41 2.72
C LYS E 126 38.37 -15.51 1.68
N VAL E 127 39.33 -16.45 1.61
CA VAL E 127 39.30 -17.47 0.58
C VAL E 127 38.11 -18.41 0.77
N GLY E 128 37.91 -18.92 1.98
CA GLY E 128 36.76 -19.75 2.25
C GLY E 128 35.50 -18.99 2.61
N GLY E 129 35.45 -17.69 2.37
CA GLY E 129 34.31 -16.90 2.80
C GLY E 129 34.50 -16.22 4.14
N ASN E 130 34.33 -14.90 4.18
CA ASN E 130 34.42 -14.15 5.41
C ASN E 130 33.02 -14.13 6.04
N TYR E 131 32.85 -14.90 7.11
CA TYR E 131 31.56 -14.97 7.79
C TYR E 131 31.49 -14.02 8.99
N ASN E 132 32.40 -13.06 9.07
CA ASN E 132 32.37 -12.06 10.14
C ASN E 132 31.31 -10.98 9.90
N TYR E 133 30.93 -10.72 8.67
CA TYR E 133 30.09 -9.59 8.33
C TYR E 133 28.65 -10.06 8.17
N LEU E 134 27.75 -9.53 8.99
CA LEU E 134 26.37 -9.96 9.01
C LEU E 134 25.44 -8.79 8.73
N TYR E 135 24.17 -9.16 8.46
CA TYR E 135 23.04 -8.24 8.40
C TYR E 135 21.84 -8.92 9.04
N ARG E 136 20.93 -8.11 9.57
CA ARG E 136 19.71 -8.64 10.14
C ARG E 136 18.75 -9.01 9.01
N LEU E 137 18.24 -10.24 9.02
CA LEU E 137 17.29 -10.67 8.00
C LEU E 137 15.84 -10.69 8.49
N PHE E 138 15.60 -10.94 9.78
CA PHE E 138 14.26 -11.00 10.35
C PHE E 138 14.08 -9.95 11.43
N ARG E 139 12.93 -9.28 11.41
CA ARG E 139 12.50 -8.26 12.36
C ARG E 139 11.00 -8.02 12.20
N LYS E 140 10.29 -7.79 13.32
CA LYS E 140 8.86 -7.56 13.21
C LYS E 140 8.54 -6.18 12.60
N SER E 141 9.27 -5.15 12.98
CA SER E 141 8.95 -3.81 12.53
C SER E 141 10.19 -3.15 11.92
N ASN E 142 9.90 -2.07 11.21
CA ASN E 142 10.93 -1.23 10.64
C ASN E 142 11.73 -0.52 11.71
N LEU E 143 13.00 -0.33 11.42
CA LEU E 143 13.83 0.56 12.19
C LEU E 143 13.35 2.00 12.01
N LYS E 144 13.51 2.81 13.04
CA LYS E 144 13.36 4.24 12.86
C LYS E 144 14.65 4.79 12.25
N PRO E 145 14.62 5.99 11.69
CA PRO E 145 15.87 6.59 11.18
C PRO E 145 16.92 6.71 12.27
N PHE E 146 18.13 6.24 11.95
CA PHE E 146 19.31 6.29 12.82
C PHE E 146 19.11 5.49 14.09
N GLU E 147 18.38 4.38 14.00
CA GLU E 147 18.17 3.49 15.12
C GLU E 147 19.00 2.21 14.89
N ARG E 148 19.51 1.67 15.98
CA ARG E 148 20.46 0.57 15.98
C ARG E 148 19.92 -0.56 16.84
N ASP E 149 19.85 -1.76 16.27
CA ASP E 149 19.35 -2.94 16.97
C ASP E 149 20.40 -4.02 16.84
N ILE E 150 20.99 -4.45 17.96
CA ILE E 150 22.01 -5.50 17.87
C ILE E 150 21.59 -6.76 18.62
N SER E 151 20.31 -6.90 18.92
CA SER E 151 19.83 -8.05 19.66
C SER E 151 20.01 -9.32 18.85
N THR E 152 20.05 -10.46 19.53
CA THR E 152 20.20 -11.72 18.82
C THR E 152 19.15 -12.74 19.26
N GLU E 153 17.98 -12.27 19.68
CA GLU E 153 16.92 -13.15 20.13
C GLU E 153 16.42 -14.00 18.95
N ILE E 154 16.20 -15.29 19.19
CA ILE E 154 15.60 -16.14 18.14
C ILE E 154 14.28 -15.56 17.68
N TYR E 155 14.11 -15.49 16.36
CA TYR E 155 12.93 -14.92 15.74
C TYR E 155 11.82 -15.96 15.60
N GLN E 156 10.72 -15.73 16.29
CA GLN E 156 9.52 -16.56 16.24
C GLN E 156 8.71 -16.25 14.98
N ALA E 157 8.85 -17.09 13.93
CA ALA E 157 8.04 -16.91 12.74
C ALA E 157 6.68 -17.59 12.84
N GLY E 158 6.44 -18.34 13.91
CA GLY E 158 5.19 -19.05 14.11
C GLY E 158 4.58 -18.80 15.48
N SER E 159 3.55 -19.58 15.83
CA SER E 159 2.84 -19.44 17.10
C SER E 159 3.54 -20.15 18.25
N THR E 160 4.37 -21.13 17.95
CA THR E 160 5.07 -21.86 18.99
C THR E 160 6.25 -21.05 19.52
N PRO E 161 6.38 -20.89 20.85
CA PRO E 161 7.55 -20.21 21.40
C PRO E 161 8.82 -20.98 21.13
N CYS E 162 9.94 -20.26 21.06
CA CYS E 162 11.21 -20.86 20.65
C CYS E 162 12.11 -21.27 21.81
N ASN E 163 11.96 -20.65 22.98
CA ASN E 163 12.84 -20.81 24.15
C ASN E 163 14.31 -20.90 23.75
N GLY E 164 14.77 -19.86 23.05
CA GLY E 164 16.16 -19.77 22.65
C GLY E 164 16.75 -20.93 21.89
N VAL E 165 15.92 -21.87 21.45
CA VAL E 165 16.39 -22.97 20.61
C VAL E 165 15.95 -22.68 19.20
N GLU E 166 16.90 -22.58 18.30
CA GLU E 166 16.54 -22.30 16.92
C GLU E 166 16.24 -23.60 16.21
N GLY E 167 15.25 -23.56 15.32
CA GLY E 167 14.73 -24.71 14.61
C GLY E 167 13.67 -24.24 13.62
N PHE E 168 12.63 -25.02 13.39
CA PHE E 168 11.62 -24.65 12.41
C PHE E 168 10.75 -23.49 12.92
N ASN E 169 10.47 -22.52 12.03
CA ASN E 169 9.81 -21.24 12.39
C ASN E 169 10.53 -20.52 13.54
N CYS E 170 11.83 -20.81 13.75
CA CYS E 170 12.58 -20.27 14.89
C CYS E 170 13.98 -19.92 14.41
N TYR E 171 14.13 -18.73 13.81
CA TYR E 171 15.31 -18.41 13.02
C TYR E 171 16.26 -17.52 13.80
N PHE E 172 17.54 -17.76 13.63
CA PHE E 172 18.53 -16.79 14.06
C PHE E 172 18.34 -15.52 13.25
N PRO E 173 18.24 -14.35 13.89
CA PRO E 173 17.84 -13.15 13.14
C PRO E 173 18.91 -12.63 12.20
N LEU E 174 20.18 -12.92 12.44
CA LEU E 174 21.24 -12.42 11.58
C LEU E 174 21.62 -13.45 10.52
N GLN E 175 22.04 -12.93 9.38
CA GLN E 175 22.47 -13.71 8.23
C GLN E 175 23.84 -13.21 7.79
N SER E 176 24.73 -14.12 7.45
CA SER E 176 26.08 -13.77 7.07
C SER E 176 26.19 -13.51 5.57
N TYR E 177 27.00 -12.53 5.20
CA TYR E 177 27.28 -12.28 3.79
C TYR E 177 28.22 -13.32 3.19
N GLY E 178 29.13 -13.87 3.99
CA GLY E 178 30.14 -14.78 3.49
C GLY E 178 30.87 -14.26 2.27
N PHE E 179 31.54 -13.10 2.39
CA PHE E 179 32.23 -12.52 1.25
C PHE E 179 33.40 -13.40 0.80
N GLN E 180 33.46 -13.67 -0.50
CA GLN E 180 34.52 -14.47 -1.12
C GLN E 180 35.15 -13.71 -2.27
N PRO E 181 36.46 -13.92 -2.51
CA PRO E 181 37.19 -13.04 -3.44
C PRO E 181 36.72 -13.16 -4.88
N THR E 182 36.19 -14.33 -5.28
CA THR E 182 35.68 -14.57 -6.62
C THR E 182 34.24 -14.08 -6.83
N ASN E 183 33.62 -13.43 -5.84
CA ASN E 183 32.26 -12.94 -6.00
C ASN E 183 32.21 -11.89 -7.09
N GLY E 184 31.13 -11.93 -7.88
CA GLY E 184 30.84 -10.82 -8.76
C GLY E 184 30.73 -9.50 -8.00
N VAL E 185 30.94 -8.40 -8.74
CA VAL E 185 31.19 -7.13 -8.06
C VAL E 185 30.01 -6.73 -7.18
N GLY E 186 28.79 -7.10 -7.58
CA GLY E 186 27.63 -6.77 -6.78
C GLY E 186 27.47 -7.56 -5.50
N TYR E 187 28.26 -8.64 -5.35
CA TYR E 187 28.27 -9.47 -4.15
C TYR E 187 29.54 -9.28 -3.35
N GLN E 188 30.38 -8.35 -3.74
CA GLN E 188 31.60 -8.02 -3.01
C GLN E 188 31.32 -7.00 -1.91
N PRO E 189 32.10 -6.98 -0.84
CA PRO E 189 31.82 -6.05 0.25
C PRO E 189 32.28 -4.64 -0.09
N TYR E 190 31.48 -3.66 0.33
CA TYR E 190 31.81 -2.25 0.21
C TYR E 190 31.82 -1.62 1.59
N ARG E 191 32.82 -0.79 1.84
CA ARG E 191 32.84 -0.04 3.09
C ARG E 191 32.10 1.29 2.87
N VAL E 192 31.18 1.58 3.78
CA VAL E 192 30.31 2.74 3.66
C VAL E 192 30.60 3.67 4.83
N VAL E 193 30.63 4.97 4.53
CA VAL E 193 30.63 5.99 5.56
C VAL E 193 29.53 6.99 5.26
N VAL E 194 28.66 7.20 6.22
CA VAL E 194 27.58 8.17 6.11
C VAL E 194 27.95 9.34 7.01
N LEU E 195 28.12 10.52 6.40
CA LEU E 195 28.36 11.77 7.10
C LEU E 195 27.03 12.46 7.31
N SER E 196 26.79 12.90 8.53
CA SER E 196 25.52 13.48 8.94
C SER E 196 25.83 14.88 9.47
N PHE E 197 25.43 15.90 8.71
CA PHE E 197 25.75 17.30 9.07
C PHE E 197 24.58 17.90 9.84
N GLU E 198 24.80 18.13 11.13
CA GLU E 198 23.75 18.55 12.05
C GLU E 198 23.88 20.05 12.36
N LEU E 199 22.73 20.73 12.35
CA LEU E 199 22.68 22.19 12.48
C LEU E 199 21.65 22.56 13.55
N LEU E 200 22.06 22.52 14.80
CA LEU E 200 21.22 22.97 15.90
C LEU E 200 21.35 24.48 16.10
N HIS E 201 20.56 25.02 17.02
CA HIS E 201 20.66 26.44 17.38
C HIS E 201 21.66 26.55 18.52
N ALA E 202 22.93 26.71 18.14
CA ALA E 202 24.09 26.68 19.02
C ALA E 202 25.32 27.13 18.24
N PRO E 203 26.43 27.45 18.92
CA PRO E 203 27.69 27.67 18.19
C PRO E 203 28.13 26.42 17.42
N ALA E 204 28.48 26.62 16.16
CA ALA E 204 29.03 25.56 15.32
C ALA E 204 30.42 25.15 15.78
N THR E 205 30.65 23.84 15.89
CA THR E 205 31.93 23.34 16.36
C THR E 205 32.73 22.58 15.31
N VAL E 206 32.15 22.27 14.16
CA VAL E 206 32.82 21.57 13.08
C VAL E 206 32.76 22.45 11.86
N CYS E 207 33.93 22.87 11.38
CA CYS E 207 34.05 23.83 10.29
C CYS E 207 34.99 23.28 9.22
N GLY E 208 34.92 23.90 8.04
CA GLY E 208 35.91 23.67 7.04
C GLY E 208 37.23 24.31 7.44
N PRO E 209 38.23 24.14 6.59
CA PRO E 209 39.56 24.67 6.91
C PRO E 209 39.78 26.09 6.38
N LYS E 210 38.72 26.79 5.98
CA LYS E 210 38.88 28.13 5.45
C LYS E 210 39.39 29.07 6.54
N LYS E 211 40.32 29.94 6.15
CA LYS E 211 41.02 30.80 7.10
C LYS E 211 40.27 32.10 7.30
N SER E 212 40.12 32.50 8.57
CA SER E 212 39.47 33.76 8.90
C SER E 212 40.29 34.95 8.40
N THR E 213 39.60 35.97 7.94
CA THR E 213 40.25 37.20 7.54
C THR E 213 39.83 38.30 8.51
N ASN E 214 40.22 39.53 8.20
CA ASN E 214 39.86 40.66 9.04
C ASN E 214 38.38 41.01 8.91
N LEU E 215 37.76 41.37 10.02
CA LEU E 215 36.37 41.81 10.02
C LEU E 215 36.33 43.27 9.59
N VAL E 216 35.96 43.50 8.32
CA VAL E 216 35.87 44.83 7.74
C VAL E 216 34.42 45.26 7.77
N LYS E 217 34.15 46.41 8.42
CA LYS E 217 32.81 46.96 8.55
C LYS E 217 32.60 48.10 7.55
N ASN E 218 31.34 48.55 7.45
CA ASN E 218 31.00 49.80 6.80
C ASN E 218 31.31 49.83 5.31
N LYS E 219 31.35 48.68 4.66
CA LYS E 219 31.84 48.62 3.29
C LYS E 219 31.24 47.40 2.60
N CYS E 220 30.92 47.56 1.32
CA CYS E 220 30.41 46.43 0.55
C CYS E 220 31.49 45.37 0.42
N VAL E 221 31.20 44.17 0.93
CA VAL E 221 32.14 43.05 0.89
C VAL E 221 31.38 41.74 0.67
N ASN E 222 32.02 40.84 -0.08
CA ASN E 222 31.61 39.45 -0.06
C ASN E 222 32.05 38.82 1.25
N PHE E 223 31.11 38.21 1.97
CA PHE E 223 31.37 37.69 3.33
C PHE E 223 31.03 36.19 3.41
N ASN E 224 31.33 35.63 4.60
CA ASN E 224 31.11 34.21 4.89
C ASN E 224 31.17 34.07 6.41
N PHE E 225 30.02 33.95 7.05
CA PHE E 225 29.90 33.80 8.49
C PHE E 225 29.40 32.39 8.78
N ASN E 226 30.34 31.48 9.07
CA ASN E 226 30.06 30.09 9.40
C ASN E 226 29.25 29.39 8.32
N GLY E 227 29.24 29.95 7.11
CA GLY E 227 28.51 29.38 5.99
C GLY E 227 27.50 30.31 5.36
N LEU E 228 27.12 31.39 6.05
CA LEU E 228 26.23 32.42 5.49
C LEU E 228 27.03 33.31 4.55
N THR E 229 26.79 33.15 3.25
CA THR E 229 27.56 33.83 2.22
C THR E 229 26.66 34.83 1.50
N GLY E 230 27.04 36.10 1.51
CA GLY E 230 26.36 37.10 0.74
C GLY E 230 27.34 38.16 0.27
N THR E 231 26.78 39.16 -0.40
CA THR E 231 27.51 40.34 -0.83
C THR E 231 26.77 41.55 -0.27
N GLY E 232 27.44 42.32 0.56
CA GLY E 232 26.79 43.45 1.20
C GLY E 232 27.72 44.17 2.14
N VAL E 233 27.14 45.12 2.87
CA VAL E 233 27.87 45.96 3.83
C VAL E 233 27.47 45.57 5.24
N LEU E 234 28.45 45.10 6.00
CA LEU E 234 28.27 44.75 7.40
C LEU E 234 28.47 46.00 8.26
N THR E 235 27.49 46.30 9.09
CA THR E 235 27.61 47.43 10.00
C THR E 235 27.30 46.95 11.42
N GLU E 236 27.68 47.78 12.39
CA GLU E 236 27.31 47.51 13.77
C GLU E 236 25.78 47.53 13.93
N SER E 237 25.26 46.58 14.71
CA SER E 237 23.81 46.41 14.83
C SER E 237 23.38 46.47 16.29
N ASN E 238 22.28 47.19 16.53
CA ASN E 238 21.68 47.33 17.84
C ASN E 238 20.62 46.27 18.15
N LYS E 239 20.31 45.39 17.18
CA LYS E 239 19.48 44.23 17.44
C LYS E 239 20.13 43.32 18.48
N LYS E 240 19.33 42.41 19.03
CA LYS E 240 19.80 41.49 20.05
C LYS E 240 18.93 40.23 20.01
N PHE E 241 19.56 39.07 20.12
CA PHE E 241 18.86 37.79 20.17
C PHE E 241 19.73 36.68 20.78
N VAL E 258 23.49 38.93 11.38
CA VAL E 258 24.48 37.88 11.64
C VAL E 258 25.42 38.25 12.79
N ARG E 259 25.92 37.24 13.49
CA ARG E 259 26.82 37.44 14.62
C ARG E 259 28.21 36.94 14.26
N ASP E 260 29.23 37.69 14.67
CA ASP E 260 30.61 37.26 14.45
C ASP E 260 30.90 36.04 15.28
N PRO E 261 31.53 35.00 14.72
CA PRO E 261 31.89 33.83 15.54
C PRO E 261 32.92 34.18 16.60
N GLN E 262 34.00 34.86 16.21
CA GLN E 262 35.10 35.05 17.14
C GLN E 262 34.76 36.09 18.22
N THR E 263 34.03 37.15 17.87
CA THR E 263 33.77 38.23 18.82
C THR E 263 32.36 38.23 19.38
N LEU E 264 31.43 37.48 18.78
CA LEU E 264 30.04 37.41 19.25
C LEU E 264 29.39 38.79 19.29
N GLU E 265 29.51 39.51 18.18
CA GLU E 265 29.00 40.86 18.04
C GLU E 265 27.97 40.86 16.92
N ILE E 266 26.92 41.65 17.08
CA ILE E 266 25.84 41.59 16.12
C ILE E 266 26.13 42.56 14.99
N LEU E 267 25.86 42.11 13.77
CA LEU E 267 26.16 42.87 12.58
C LEU E 267 24.94 42.90 11.68
N ASP E 268 24.54 44.11 11.29
CA ASP E 268 23.49 44.27 10.28
C ASP E 268 24.09 44.07 8.90
N ILE E 269 23.28 43.51 7.99
CA ILE E 269 23.69 43.33 6.59
C ILE E 269 22.77 44.13 5.69
N THR E 270 23.36 44.97 4.85
CA THR E 270 22.68 45.76 3.84
C THR E 270 23.26 45.40 2.48
N PRO E 271 22.44 45.14 1.47
CA PRO E 271 22.97 44.62 0.20
C PRO E 271 23.51 45.73 -0.70
N CYS E 272 24.35 45.29 -1.65
CA CYS E 272 24.93 46.13 -2.71
C CYS E 272 25.74 45.24 -3.66
N SER E 273 26.40 45.85 -4.65
CA SER E 273 27.13 45.05 -5.63
C SER E 273 28.52 45.59 -5.91
N ILE F 8 49.97 3.64 -19.94
CA ILE F 8 49.43 4.40 -21.06
C ILE F 8 47.94 4.69 -20.88
N VAL F 9 47.52 5.88 -21.32
CA VAL F 9 46.13 6.28 -21.38
C VAL F 9 45.75 6.55 -22.83
N ARG F 10 44.57 6.10 -23.24
CA ARG F 10 44.15 6.14 -24.63
C ARG F 10 42.69 6.63 -24.71
N PHE F 11 42.53 7.94 -24.92
CA PHE F 11 41.25 8.61 -25.05
C PHE F 11 41.15 9.30 -26.41
N PRO F 12 39.93 9.35 -27.02
CA PRO F 12 39.79 9.80 -28.43
C PRO F 12 40.42 11.16 -28.76
N ASN F 13 40.65 11.39 -30.07
CA ASN F 13 41.40 12.57 -30.50
C ASN F 13 40.59 13.85 -30.36
N ILE F 14 39.27 13.77 -30.51
CA ILE F 14 38.37 14.91 -30.61
C ILE F 14 38.64 15.93 -29.52
N THR F 15 38.43 17.21 -29.84
CA THR F 15 38.67 18.31 -28.90
C THR F 15 37.50 19.29 -28.86
N ASN F 16 36.42 19.01 -29.60
CA ASN F 16 35.22 19.84 -29.55
C ASN F 16 34.51 19.70 -28.20
N LEU F 17 34.43 20.80 -27.45
CA LEU F 17 33.88 20.73 -26.10
C LEU F 17 32.37 20.45 -26.12
N CYS F 18 31.86 19.86 -25.00
CA CYS F 18 30.44 19.54 -24.93
C CYS F 18 29.63 20.79 -24.63
N PRO F 19 28.47 20.95 -25.27
CA PRO F 19 27.68 22.19 -25.14
C PRO F 19 26.93 22.27 -23.82
N PHE F 20 27.67 22.19 -22.71
CA PHE F 20 27.00 22.14 -21.41
C PHE F 20 26.40 23.49 -21.06
N GLY F 21 27.09 24.59 -21.40
CA GLY F 21 26.52 25.90 -21.17
C GLY F 21 25.19 26.11 -21.87
N GLU F 22 24.97 25.40 -22.98
CA GLU F 22 23.70 25.48 -23.69
C GLU F 22 22.53 25.02 -22.82
N VAL F 23 22.79 24.13 -21.87
CA VAL F 23 21.75 23.56 -21.01
C VAL F 23 21.73 24.23 -19.65
N PHE F 24 22.89 24.39 -19.02
CA PHE F 24 22.95 24.96 -17.68
C PHE F 24 22.72 26.47 -17.67
N ASN F 25 23.15 27.16 -18.72
CA ASN F 25 23.05 28.62 -18.76
C ASN F 25 21.97 29.08 -19.72
N ALA F 26 21.05 28.19 -20.10
CA ALA F 26 19.96 28.55 -21.01
C ALA F 26 19.16 29.75 -20.49
N THR F 27 18.68 30.58 -21.41
CA THR F 27 18.05 31.83 -20.97
C THR F 27 16.73 31.58 -20.27
N ARG F 28 15.97 30.58 -20.70
CA ARG F 28 14.75 30.23 -20.00
C ARG F 28 14.56 28.70 -20.05
N PHE F 29 14.03 28.16 -18.95
CA PHE F 29 13.91 26.72 -18.72
C PHE F 29 12.46 26.26 -18.93
N ALA F 30 12.29 24.95 -18.94
CA ALA F 30 10.97 24.36 -19.11
C ALA F 30 10.25 24.20 -17.77
N SER F 31 8.93 24.03 -17.85
CA SER F 31 8.14 23.49 -16.75
C SER F 31 8.44 22.00 -16.57
N VAL F 32 8.29 21.51 -15.34
CA VAL F 32 8.65 20.11 -15.06
C VAL F 32 7.76 19.15 -15.83
N TYR F 33 6.50 19.51 -16.05
CA TYR F 33 5.62 18.58 -16.75
C TYR F 33 6.02 18.42 -18.21
N ALA F 34 6.74 19.38 -18.75
CA ALA F 34 7.21 19.31 -20.12
C ALA F 34 8.72 19.51 -20.12
N TRP F 35 9.43 18.57 -19.51
CA TRP F 35 10.87 18.73 -19.33
C TRP F 35 11.60 18.53 -20.64
N ASN F 36 12.64 19.33 -20.84
CA ASN F 36 13.49 19.23 -22.02
C ASN F 36 14.55 18.17 -21.79
N ARG F 37 14.83 17.41 -22.83
CA ARG F 37 15.94 16.48 -22.88
C ARG F 37 16.83 16.89 -24.02
N LYS F 38 18.13 16.97 -23.77
CA LYS F 38 19.11 17.24 -24.81
C LYS F 38 20.05 16.04 -24.87
N ARG F 39 20.16 15.43 -26.04
CA ARG F 39 21.14 14.36 -26.22
C ARG F 39 22.52 14.97 -26.42
N ILE F 40 23.53 14.31 -25.86
CA ILE F 40 24.90 14.81 -25.82
C ILE F 40 25.81 13.68 -26.26
N SER F 41 26.49 13.87 -27.40
CA SER F 41 27.33 12.79 -27.93
C SER F 41 28.41 13.38 -28.82
N ASN F 42 29.47 12.58 -29.00
CA ASN F 42 30.67 12.95 -29.76
C ASN F 42 31.23 14.28 -29.29
N CYS F 43 31.65 14.31 -28.03
CA CYS F 43 32.33 15.49 -27.52
C CYS F 43 33.09 15.12 -26.26
N VAL F 44 34.07 15.94 -25.94
CA VAL F 44 34.82 15.83 -24.69
C VAL F 44 34.08 16.62 -23.62
N ALA F 45 33.70 15.93 -22.55
CA ALA F 45 32.99 16.55 -21.45
C ALA F 45 33.97 16.93 -20.35
N ASP F 46 33.89 18.17 -19.89
CA ASP F 46 34.66 18.60 -18.72
C ASP F 46 33.68 18.81 -17.56
N TYR F 47 33.34 17.71 -16.87
CA TYR F 47 32.42 17.78 -15.74
C TYR F 47 33.00 18.53 -14.56
N SER F 48 34.29 18.86 -14.59
CA SER F 48 34.91 19.51 -13.45
C SER F 48 34.60 20.99 -13.37
N VAL F 49 33.95 21.58 -14.37
CA VAL F 49 33.43 22.92 -14.16
C VAL F 49 32.09 22.86 -13.43
N LEU F 50 31.32 21.79 -13.63
CA LEU F 50 30.11 21.63 -12.84
C LEU F 50 30.45 21.21 -11.42
N TYR F 51 31.25 20.15 -11.27
CA TYR F 51 31.47 19.58 -9.94
C TYR F 51 32.10 20.59 -8.99
N ASN F 52 33.01 21.41 -9.46
CA ASN F 52 33.64 22.31 -8.50
C ASN F 52 32.98 23.67 -8.43
N SER F 53 31.87 23.85 -9.14
CA SER F 53 31.16 25.13 -9.12
C SER F 53 30.44 25.34 -7.80
N ALA F 54 30.64 26.51 -7.19
CA ALA F 54 29.94 26.85 -5.97
C ALA F 54 28.56 27.44 -6.23
N SER F 55 28.19 27.63 -7.50
CA SER F 55 26.85 28.09 -7.82
C SER F 55 25.77 27.04 -7.54
N PHE F 56 26.13 25.76 -7.44
CA PHE F 56 25.16 24.70 -7.25
C PHE F 56 24.95 24.37 -5.78
N SER F 57 23.70 24.11 -5.40
CA SER F 57 23.33 23.68 -4.05
C SER F 57 22.99 22.19 -3.95
N THR F 58 22.85 21.50 -5.07
CA THR F 58 22.62 20.06 -5.10
C THR F 58 23.42 19.50 -6.25
N PHE F 59 24.33 18.56 -5.92
CA PHE F 59 25.14 17.84 -6.90
C PHE F 59 25.12 16.38 -6.44
N LYS F 60 24.03 15.69 -6.75
CA LYS F 60 23.67 14.38 -6.18
C LYS F 60 23.85 13.31 -7.24
N CYS F 61 24.96 12.56 -7.16
CA CYS F 61 25.32 11.63 -8.22
C CYS F 61 25.01 10.18 -7.84
N TYR F 62 24.61 9.38 -8.83
CA TYR F 62 24.15 8.03 -8.59
C TYR F 62 24.91 7.08 -9.51
N GLY F 63 25.55 6.06 -8.93
CA GLY F 63 26.28 5.08 -9.71
C GLY F 63 27.66 5.50 -10.17
N VAL F 64 28.09 6.73 -9.86
CA VAL F 64 29.41 7.26 -10.23
C VAL F 64 29.85 8.21 -9.13
N SER F 65 31.14 8.41 -9.01
CA SER F 65 31.62 9.46 -8.11
C SER F 65 31.80 10.74 -8.90
N PRO F 66 31.27 11.87 -8.44
CA PRO F 66 31.36 13.07 -9.28
C PRO F 66 32.80 13.48 -9.54
N THR F 67 33.66 13.43 -8.53
CA THR F 67 35.07 13.78 -8.72
C THR F 67 35.74 12.95 -9.82
N LYS F 68 35.33 11.69 -9.99
CA LYS F 68 35.92 10.78 -10.96
C LYS F 68 35.23 10.83 -12.31
N LEU F 69 34.29 11.76 -12.49
CA LEU F 69 33.58 11.85 -13.77
C LEU F 69 34.54 12.09 -14.91
N ASN F 70 35.63 12.81 -14.63
CA ASN F 70 36.54 13.25 -15.67
C ASN F 70 37.41 12.12 -16.21
N ASP F 71 37.38 10.94 -15.59
CA ASP F 71 38.09 9.78 -16.09
C ASP F 71 37.17 8.75 -16.72
N LEU F 72 35.94 9.12 -17.06
CA LEU F 72 34.97 8.13 -17.49
C LEU F 72 34.52 8.37 -18.92
N CYS F 73 33.95 7.32 -19.53
CA CYS F 73 33.62 7.32 -20.94
C CYS F 73 32.26 6.67 -21.13
N PHE F 74 31.33 7.39 -21.77
CA PHE F 74 29.97 6.89 -21.95
C PHE F 74 29.56 6.93 -23.42
N THR F 75 28.58 6.09 -23.74
CA THR F 75 27.95 6.07 -25.06
C THR F 75 27.29 7.43 -25.31
N ASN F 76 26.19 7.69 -24.61
CA ASN F 76 25.51 8.97 -24.68
C ASN F 76 25.40 9.60 -23.29
N VAL F 77 25.27 10.91 -23.29
CA VAL F 77 24.86 11.67 -22.11
C VAL F 77 23.54 12.33 -22.47
N TYR F 78 22.59 12.30 -21.55
CA TYR F 78 21.36 13.08 -21.68
C TYR F 78 21.32 14.15 -20.60
N ALA F 79 20.81 15.32 -20.97
CA ALA F 79 20.63 16.42 -20.04
C ALA F 79 19.16 16.80 -20.03
N ASP F 80 18.49 16.53 -18.91
CA ASP F 80 17.10 16.94 -18.70
C ASP F 80 17.06 18.15 -17.80
N SER F 81 16.23 19.13 -18.16
CA SER F 81 16.15 20.37 -17.38
C SER F 81 14.70 20.80 -17.21
N PHE F 82 14.45 21.52 -16.11
CA PHE F 82 13.13 22.00 -15.71
C PHE F 82 13.26 22.79 -14.42
N VAL F 83 12.15 23.39 -14.00
CA VAL F 83 12.08 24.17 -12.78
C VAL F 83 11.06 23.52 -11.85
N ILE F 84 11.37 23.49 -10.55
CA ILE F 84 10.46 23.03 -9.51
C ILE F 84 10.63 23.93 -8.29
N ARG F 85 9.81 23.70 -7.27
CA ARG F 85 10.00 24.39 -5.99
C ARG F 85 11.22 23.87 -5.26
N GLY F 86 11.82 24.73 -4.43
CA GLY F 86 12.95 24.36 -3.60
C GLY F 86 12.78 23.08 -2.81
N ASP F 87 11.72 22.97 -2.01
CA ASP F 87 11.55 21.77 -1.20
C ASP F 87 11.03 20.56 -1.99
N GLU F 88 11.02 20.61 -3.32
CA GLU F 88 10.75 19.44 -4.17
C GLU F 88 12.02 18.81 -4.74
N VAL F 89 13.17 19.47 -4.59
CA VAL F 89 14.40 18.96 -5.21
C VAL F 89 14.69 17.55 -4.75
N ARG F 90 14.41 17.24 -3.47
CA ARG F 90 14.59 15.88 -2.98
C ARG F 90 13.79 14.86 -3.77
N GLN F 91 12.65 15.26 -4.33
CA GLN F 91 11.85 14.28 -5.06
C GLN F 91 12.45 13.92 -6.40
N ILE F 92 13.52 14.59 -6.81
CA ILE F 92 14.25 14.19 -8.01
C ILE F 92 15.34 13.23 -7.54
N ALA F 93 14.95 11.96 -7.41
CA ALA F 93 15.84 10.88 -6.98
C ALA F 93 15.09 9.55 -7.14
N PRO F 94 15.81 8.44 -7.30
CA PRO F 94 15.13 7.15 -7.46
C PRO F 94 14.38 6.74 -6.21
N GLY F 95 13.25 6.05 -6.42
CA GLY F 95 12.42 5.58 -5.32
C GLY F 95 11.58 6.64 -4.64
N GLN F 96 11.70 7.90 -5.03
CA GLN F 96 10.86 8.93 -4.47
C GLN F 96 9.41 8.77 -4.94
N THR F 97 8.47 9.27 -4.13
CA THR F 97 7.06 9.33 -4.49
C THR F 97 6.56 10.77 -4.36
N GLY F 98 5.33 11.00 -4.79
CA GLY F 98 4.73 12.32 -4.68
C GLY F 98 4.33 12.90 -6.03
N LYS F 99 3.83 14.12 -5.98
CA LYS F 99 3.29 14.77 -7.17
C LYS F 99 4.32 14.82 -8.29
N ILE F 100 5.54 15.24 -7.97
CA ILE F 100 6.52 15.42 -9.02
C ILE F 100 7.06 14.08 -9.50
N ALA F 101 7.48 13.23 -8.57
CA ALA F 101 8.15 11.99 -8.95
C ALA F 101 7.19 11.01 -9.62
N ASP F 102 5.89 11.08 -9.31
CA ASP F 102 4.91 10.15 -9.88
C ASP F 102 4.17 10.68 -11.10
N TYR F 103 3.96 12.00 -11.21
CA TYR F 103 3.17 12.56 -12.30
C TYR F 103 3.91 13.58 -13.15
N ASN F 104 5.22 13.75 -12.98
CA ASN F 104 5.91 14.77 -13.78
C ASN F 104 7.27 14.31 -14.27
N TYR F 105 8.07 13.72 -13.38
CA TYR F 105 9.43 13.31 -13.74
C TYR F 105 9.87 12.19 -12.81
N LYS F 106 9.96 10.97 -13.36
CA LYS F 106 10.41 9.79 -12.63
C LYS F 106 11.81 9.40 -13.07
N LEU F 107 12.69 9.18 -12.10
CA LEU F 107 14.00 8.57 -12.26
C LEU F 107 13.88 7.04 -12.16
N PRO F 108 14.74 6.31 -12.86
CA PRO F 108 14.72 4.84 -12.79
C PRO F 108 15.32 4.30 -11.48
N ASP F 109 14.98 3.04 -11.19
CA ASP F 109 15.49 2.40 -9.98
C ASP F 109 17.00 2.29 -10.00
N ASP F 110 17.60 2.18 -11.17
CA ASP F 110 19.03 1.96 -11.33
C ASP F 110 19.69 3.14 -12.01
N PHE F 111 19.16 4.33 -11.72
CA PHE F 111 19.60 5.59 -12.33
C PHE F 111 21.09 5.78 -12.15
N THR F 112 21.78 6.04 -13.26
CA THR F 112 23.21 6.40 -13.23
C THR F 112 23.35 7.81 -13.79
N GLY F 113 23.76 8.74 -12.96
CA GLY F 113 23.86 10.13 -13.40
C GLY F 113 23.88 11.05 -12.19
N CYS F 114 23.58 12.32 -12.44
CA CYS F 114 23.66 13.36 -11.43
C CYS F 114 22.47 14.29 -11.51
N VAL F 115 21.99 14.69 -10.33
CA VAL F 115 20.92 15.65 -10.18
C VAL F 115 21.54 16.94 -9.67
N ILE F 116 21.42 18.01 -10.47
CA ILE F 116 22.08 19.28 -10.20
C ILE F 116 21.01 20.36 -10.13
N ALA F 117 21.10 21.23 -9.13
CA ALA F 117 20.07 22.24 -8.92
C ALA F 117 20.64 23.45 -8.22
N TRP F 118 20.06 24.61 -8.52
CA TRP F 118 20.41 25.85 -7.85
C TRP F 118 19.18 26.75 -7.74
N ASN F 119 19.24 27.67 -6.79
CA ASN F 119 18.18 28.64 -6.63
C ASN F 119 18.17 29.63 -7.79
N SER F 120 16.99 29.84 -8.38
CA SER F 120 16.80 30.78 -9.49
C SER F 120 15.69 31.79 -9.19
N ASN F 121 15.53 32.15 -7.91
CA ASN F 121 14.56 33.18 -7.52
C ASN F 121 14.76 34.47 -8.30
N ASN F 122 16.00 34.91 -8.45
CA ASN F 122 16.29 36.15 -9.16
C ASN F 122 15.98 36.09 -10.65
N LEU F 123 15.83 34.89 -11.22
CA LEU F 123 15.44 34.75 -12.62
C LEU F 123 13.97 34.37 -12.84
N ASP F 124 13.36 33.57 -11.96
CA ASP F 124 12.07 32.98 -12.26
C ASP F 124 10.93 33.48 -11.37
N SER F 125 11.19 34.41 -10.46
CA SER F 125 10.13 35.11 -9.77
C SER F 125 9.84 36.45 -10.44
N LYS F 126 8.55 36.70 -10.67
CA LYS F 126 8.01 37.98 -11.11
C LYS F 126 7.34 38.66 -9.92
N VAL F 127 7.49 39.98 -9.80
CA VAL F 127 6.86 40.66 -8.68
C VAL F 127 5.35 40.40 -8.67
N GLY F 128 4.74 40.39 -9.86
CA GLY F 128 3.35 39.97 -9.93
C GLY F 128 3.11 38.53 -9.53
N GLY F 129 4.16 37.71 -9.49
CA GLY F 129 3.99 36.27 -9.40
C GLY F 129 4.11 35.62 -10.77
N ASN F 130 4.99 34.64 -10.93
CA ASN F 130 5.32 34.08 -12.24
C ASN F 130 4.55 32.78 -12.43
N TYR F 131 3.58 32.78 -13.34
CA TYR F 131 2.75 31.62 -13.60
C TYR F 131 3.12 30.92 -14.90
N ASN F 132 4.30 31.22 -15.44
CA ASN F 132 4.79 30.54 -16.64
C ASN F 132 5.16 29.09 -16.35
N TYR F 133 5.53 28.79 -15.10
CA TYR F 133 6.00 27.46 -14.73
C TYR F 133 4.86 26.66 -14.11
N LEU F 134 4.63 25.45 -14.64
CA LEU F 134 3.54 24.60 -14.20
C LEU F 134 4.05 23.19 -13.88
N TYR F 135 3.21 22.47 -13.14
CA TYR F 135 3.37 21.04 -12.93
C TYR F 135 2.02 20.37 -13.08
N ARG F 136 2.03 19.06 -13.30
CA ARG F 136 0.81 18.28 -13.43
C ARG F 136 0.34 17.84 -12.05
N LEU F 137 -0.94 18.05 -11.76
CA LEU F 137 -1.52 17.71 -10.48
C LEU F 137 -2.50 16.54 -10.52
N PHE F 138 -2.98 16.16 -11.70
CA PHE F 138 -3.98 15.10 -11.81
C PHE F 138 -3.60 14.19 -12.95
N ARG F 139 -3.57 12.88 -12.67
CA ARG F 139 -3.22 11.85 -13.65
C ARG F 139 -3.72 10.52 -13.12
N LYS F 140 -4.25 9.67 -14.01
CA LYS F 140 -4.84 8.43 -13.53
C LYS F 140 -3.78 7.55 -12.86
N SER F 141 -2.61 7.45 -13.48
CA SER F 141 -1.64 6.47 -13.03
C SER F 141 -0.24 7.09 -13.11
N ASN F 142 0.75 6.35 -12.60
CA ASN F 142 2.11 6.89 -12.48
C ASN F 142 2.82 6.90 -13.82
N LEU F 143 3.76 7.82 -13.95
CA LEU F 143 4.65 7.83 -15.10
C LEU F 143 5.60 6.65 -15.04
N LYS F 144 5.91 6.08 -16.20
CA LYS F 144 7.10 5.28 -16.32
C LYS F 144 8.34 6.17 -16.21
N PRO F 145 9.48 5.63 -15.82
CA PRO F 145 10.69 6.45 -15.73
C PRO F 145 11.05 7.06 -17.07
N PHE F 146 11.38 8.35 -17.03
CA PHE F 146 11.74 9.11 -18.22
C PHE F 146 10.57 9.25 -19.20
N GLU F 147 9.33 9.17 -18.71
CA GLU F 147 8.17 9.48 -19.53
C GLU F 147 7.84 10.97 -19.41
N ARG F 148 7.25 11.50 -20.47
CA ARG F 148 6.85 12.90 -20.54
C ARG F 148 5.39 12.94 -20.96
N ASP F 149 4.56 13.53 -20.12
CA ASP F 149 3.15 13.74 -20.43
C ASP F 149 2.93 15.24 -20.57
N ILE F 150 2.76 15.69 -21.82
CA ILE F 150 2.44 17.08 -22.09
C ILE F 150 0.95 17.26 -22.40
N SER F 151 0.16 16.20 -22.26
CA SER F 151 -1.28 16.23 -22.48
C SER F 151 -1.94 17.32 -21.64
N THR F 152 -3.09 17.82 -22.11
CA THR F 152 -3.77 18.88 -21.38
C THR F 152 -5.28 18.70 -21.32
N GLU F 153 -5.78 17.49 -21.56
CA GLU F 153 -7.21 17.23 -21.53
C GLU F 153 -7.77 17.46 -20.13
N ILE F 154 -9.04 17.85 -20.08
CA ILE F 154 -9.70 18.05 -18.78
C ILE F 154 -9.79 16.73 -18.04
N TYR F 155 -9.56 16.76 -16.72
CA TYR F 155 -9.40 15.57 -15.91
C TYR F 155 -10.71 15.20 -15.23
N GLN F 156 -11.23 14.03 -15.57
CA GLN F 156 -12.50 13.57 -15.03
C GLN F 156 -12.29 12.96 -13.66
N ALA F 157 -12.67 13.69 -12.60
CA ALA F 157 -12.62 13.14 -11.25
C ALA F 157 -13.91 12.42 -10.87
N GLY F 158 -14.99 12.60 -11.62
CA GLY F 158 -16.23 11.93 -11.37
C GLY F 158 -16.61 10.99 -12.50
N SER F 159 -17.87 10.57 -12.48
CA SER F 159 -18.38 9.72 -13.54
C SER F 159 -19.11 10.50 -14.61
N THR F 160 -19.32 11.72 -14.41
CA THR F 160 -19.93 12.47 -15.49
C THR F 160 -18.84 12.96 -16.44
N PRO F 161 -19.03 12.80 -17.76
CA PRO F 161 -18.00 13.22 -18.71
C PRO F 161 -17.93 14.74 -18.86
N CYS F 162 -16.73 15.21 -19.21
CA CYS F 162 -16.36 16.61 -19.04
C CYS F 162 -16.66 17.45 -20.27
N ASN F 163 -16.46 16.89 -21.47
CA ASN F 163 -16.63 17.63 -22.71
C ASN F 163 -15.82 18.92 -22.73
N GLY F 164 -14.56 18.82 -22.31
CA GLY F 164 -13.63 19.92 -22.46
C GLY F 164 -13.90 21.14 -21.60
N VAL F 165 -14.85 21.09 -20.68
CA VAL F 165 -15.22 22.25 -19.87
C VAL F 165 -14.86 22.01 -18.42
N GLU F 166 -14.09 22.94 -17.83
CA GLU F 166 -13.72 22.84 -16.43
C GLU F 166 -14.94 23.06 -15.54
N GLY F 167 -14.89 22.49 -14.34
CA GLY F 167 -16.00 22.59 -13.42
C GLY F 167 -15.90 21.48 -12.38
N PHE F 168 -16.97 21.36 -11.59
CA PHE F 168 -17.00 20.38 -10.53
C PHE F 168 -16.67 18.99 -11.06
N ASN F 169 -15.68 18.34 -10.44
CA ASN F 169 -15.18 17.01 -10.79
C ASN F 169 -14.53 16.97 -12.18
N CYS F 170 -14.13 18.12 -12.70
CA CYS F 170 -13.58 18.22 -14.07
C CYS F 170 -12.48 19.29 -14.01
N TYR F 171 -11.23 18.87 -13.80
CA TYR F 171 -10.17 19.81 -13.46
C TYR F 171 -9.14 19.93 -14.57
N PHE F 172 -8.72 21.17 -14.86
CA PHE F 172 -7.53 21.37 -15.66
C PHE F 172 -6.38 20.70 -14.95
N PRO F 173 -5.61 19.83 -15.61
CA PRO F 173 -4.69 18.95 -14.90
C PRO F 173 -3.35 19.55 -14.52
N LEU F 174 -3.05 20.76 -14.97
CA LEU F 174 -1.81 21.44 -14.61
C LEU F 174 -2.12 22.58 -13.67
N GLN F 175 -1.35 22.68 -12.62
CA GLN F 175 -1.41 23.82 -11.72
C GLN F 175 -0.15 24.66 -11.89
N SER F 176 -0.29 25.95 -11.69
CA SER F 176 0.82 26.88 -11.76
C SER F 176 1.53 27.01 -10.41
N TYR F 177 2.83 27.28 -10.46
CA TYR F 177 3.60 27.47 -9.23
C TYR F 177 3.41 28.87 -8.64
N GLY F 178 3.17 29.87 -9.48
CA GLY F 178 3.13 31.23 -9.00
C GLY F 178 4.34 31.58 -8.15
N PHE F 179 5.48 31.77 -8.78
CA PHE F 179 6.70 32.09 -8.04
C PHE F 179 6.75 33.59 -7.77
N GLN F 180 6.76 33.95 -6.50
CA GLN F 180 6.85 35.34 -6.06
C GLN F 180 8.14 35.57 -5.29
N PRO F 181 8.85 36.66 -5.56
CA PRO F 181 10.18 36.86 -4.95
C PRO F 181 10.17 36.81 -3.43
N THR F 182 9.05 37.08 -2.80
CA THR F 182 8.99 37.07 -1.34
C THR F 182 8.77 35.68 -0.75
N ASN F 183 8.61 34.66 -1.59
CA ASN F 183 8.42 33.31 -1.09
C ASN F 183 9.56 32.89 -0.19
N GLY F 184 9.23 32.07 0.82
CA GLY F 184 10.23 31.32 1.52
C GLY F 184 11.03 30.44 0.57
N VAL F 185 12.24 30.11 1.02
CA VAL F 185 13.18 29.41 0.16
C VAL F 185 12.62 28.09 -0.33
N GLY F 186 11.83 27.42 0.52
CA GLY F 186 11.20 26.18 0.11
C GLY F 186 10.26 26.33 -1.07
N TYR F 187 9.68 27.53 -1.23
CA TYR F 187 8.70 27.80 -2.29
C TYR F 187 9.28 28.58 -3.46
N GLN F 188 10.58 28.83 -3.47
CA GLN F 188 11.21 29.55 -4.55
C GLN F 188 11.56 28.60 -5.68
N PRO F 189 11.70 29.10 -6.91
CA PRO F 189 12.06 28.20 -8.01
C PRO F 189 13.53 27.79 -7.98
N TYR F 190 13.77 26.51 -8.24
CA TYR F 190 15.12 26.01 -8.49
C TYR F 190 15.20 25.50 -9.92
N ARG F 191 16.32 25.78 -10.59
CA ARG F 191 16.58 25.14 -11.87
C ARG F 191 17.27 23.81 -11.61
N VAL F 192 16.77 22.76 -12.25
CA VAL F 192 17.32 21.42 -12.11
C VAL F 192 17.90 20.98 -13.45
N VAL F 193 19.06 20.34 -13.39
CA VAL F 193 19.62 19.68 -14.56
C VAL F 193 19.96 18.27 -14.15
N VAL F 194 19.33 17.28 -14.78
CA VAL F 194 19.62 15.88 -14.52
C VAL F 194 20.41 15.35 -15.70
N LEU F 195 21.65 14.91 -15.45
CA LEU F 195 22.45 14.20 -16.44
C LEU F 195 22.31 12.69 -16.24
N SER F 196 21.99 11.96 -17.31
CA SER F 196 22.07 10.51 -17.30
C SER F 196 23.24 10.07 -18.15
N PHE F 197 23.95 9.02 -17.69
CA PHE F 197 25.15 8.50 -18.33
C PHE F 197 24.85 7.13 -18.88
N GLU F 198 24.55 7.08 -20.18
CA GLU F 198 24.16 5.82 -20.80
C GLU F 198 25.37 4.98 -21.18
N LEU F 199 25.23 3.67 -21.04
CA LEU F 199 26.26 2.70 -21.44
C LEU F 199 25.61 1.66 -22.34
N LEU F 200 25.73 1.84 -23.64
CA LEU F 200 25.21 0.90 -24.62
C LEU F 200 26.34 0.06 -25.19
N HIS F 201 25.97 -1.00 -25.92
CA HIS F 201 26.93 -1.89 -26.56
C HIS F 201 27.32 -1.29 -27.91
N ALA F 202 28.24 -0.32 -27.86
CA ALA F 202 28.62 0.52 -28.98
C ALA F 202 29.83 1.36 -28.57
N PRO F 203 30.50 2.03 -29.51
CA PRO F 203 31.66 2.85 -29.12
C PRO F 203 31.27 4.03 -28.24
N ALA F 204 32.13 4.34 -27.28
CA ALA F 204 31.92 5.44 -26.35
C ALA F 204 32.32 6.77 -27.00
N THR F 205 31.42 7.75 -26.92
CA THR F 205 31.61 9.02 -27.62
C THR F 205 31.57 10.26 -26.74
N VAL F 206 31.43 10.11 -25.41
CA VAL F 206 31.40 11.26 -24.51
C VAL F 206 32.39 10.98 -23.38
N CYS F 207 33.58 11.55 -23.47
CA CYS F 207 34.64 11.28 -22.51
C CYS F 207 35.16 12.58 -21.92
N GLY F 208 36.02 12.42 -20.91
CA GLY F 208 36.59 13.54 -20.19
C GLY F 208 37.71 14.17 -20.98
N PRO F 209 38.39 15.13 -20.37
CA PRO F 209 39.49 15.81 -21.08
C PRO F 209 40.87 15.23 -20.77
N LYS F 210 40.95 13.92 -20.51
CA LYS F 210 42.25 13.32 -20.18
C LYS F 210 43.04 13.12 -21.47
N LYS F 211 44.21 13.76 -21.54
CA LYS F 211 45.07 13.64 -22.71
C LYS F 211 45.65 12.23 -22.81
N SER F 212 45.75 11.72 -24.03
CA SER F 212 46.26 10.37 -24.26
C SER F 212 47.77 10.38 -24.48
N THR F 213 48.37 9.18 -24.45
CA THR F 213 49.76 8.94 -24.79
C THR F 213 49.83 7.96 -25.96
N ASN F 214 51.03 7.74 -26.48
CA ASN F 214 51.21 6.77 -27.56
C ASN F 214 51.01 5.35 -27.02
N LEU F 215 50.41 4.50 -27.84
CA LEU F 215 50.18 3.12 -27.42
C LEU F 215 51.46 2.31 -27.59
N VAL F 216 51.59 1.26 -26.77
CA VAL F 216 52.75 0.38 -26.81
C VAL F 216 52.25 -1.05 -26.76
N LYS F 217 53.05 -1.97 -27.31
CA LYS F 217 52.61 -3.36 -27.43
C LYS F 217 53.63 -4.33 -26.84
N ASN F 222 50.33 -1.25 -17.44
CA ASN F 222 49.32 -0.22 -17.21
C ASN F 222 48.70 0.23 -18.53
N PHE F 223 47.37 0.21 -18.61
CA PHE F 223 46.68 0.66 -19.81
C PHE F 223 45.31 1.20 -19.43
N ASN F 224 44.84 2.18 -20.21
CA ASN F 224 43.56 2.86 -19.96
C ASN F 224 42.92 3.14 -21.32
N PHE F 225 42.04 2.25 -21.75
CA PHE F 225 41.39 2.40 -23.04
C PHE F 225 39.95 2.82 -22.77
N ASN F 226 39.71 4.14 -22.77
CA ASN F 226 38.39 4.72 -22.46
C ASN F 226 37.92 4.28 -21.08
N GLY F 227 38.81 4.42 -20.09
CA GLY F 227 38.55 3.98 -18.73
C GLY F 227 38.55 2.47 -18.57
N LEU F 228 39.73 1.87 -18.49
CA LEU F 228 39.84 0.42 -18.27
C LEU F 228 41.05 0.05 -17.40
#